data_3CYI
# 
_entry.id   3CYI 
# 
_audit_conform.dict_name       mmcif_pdbx.dic 
_audit_conform.dict_version    5.387 
_audit_conform.dict_location   http://mmcif.pdb.org/dictionaries/ascii/mmcif_pdbx.dic 
# 
loop_
_database_2.database_id 
_database_2.database_code 
_database_2.pdbx_database_accession 
_database_2.pdbx_DOI 
PDB   3CYI         pdb_00003cyi 10.2210/pdb3cyi/pdb 
RCSB  RCSB047368   ?            ?                   
WWPDB D_1000047368 ?            ?                   
# 
loop_
_pdbx_audit_revision_history.ordinal 
_pdbx_audit_revision_history.data_content_type 
_pdbx_audit_revision_history.major_revision 
_pdbx_audit_revision_history.minor_revision 
_pdbx_audit_revision_history.revision_date 
1 'Structure model' 1 0 2008-07-01 
2 'Structure model' 1 1 2011-07-13 
3 'Structure model' 1 2 2018-01-24 
4 'Structure model' 1 3 2021-10-20 
5 'Structure model' 1 4 2024-02-21 
# 
_pdbx_audit_revision_details.ordinal             1 
_pdbx_audit_revision_details.revision_ordinal    1 
_pdbx_audit_revision_details.data_content_type   'Structure model' 
_pdbx_audit_revision_details.provider            repository 
_pdbx_audit_revision_details.type                'Initial release' 
_pdbx_audit_revision_details.description         ? 
_pdbx_audit_revision_details.details             ? 
# 
loop_
_pdbx_audit_revision_group.ordinal 
_pdbx_audit_revision_group.revision_ordinal 
_pdbx_audit_revision_group.data_content_type 
_pdbx_audit_revision_group.group 
1 2 'Structure model' 'Version format compliance' 
2 3 'Structure model' 'Structure summary'         
3 4 'Structure model' 'Database references'       
4 4 'Structure model' 'Derived calculations'      
5 5 'Structure model' 'Data collection'           
# 
loop_
_pdbx_audit_revision_category.ordinal 
_pdbx_audit_revision_category.revision_ordinal 
_pdbx_audit_revision_category.data_content_type 
_pdbx_audit_revision_category.category 
1 3 'Structure model' audit_author           
2 4 'Structure model' database_2             
3 4 'Structure model' pdbx_struct_conn_angle 
4 4 'Structure model' struct_conn            
5 4 'Structure model' struct_ref_seq_dif     
6 4 'Structure model' struct_site            
7 5 'Structure model' chem_comp_atom         
8 5 'Structure model' chem_comp_bond         
# 
loop_
_pdbx_audit_revision_item.ordinal 
_pdbx_audit_revision_item.revision_ordinal 
_pdbx_audit_revision_item.data_content_type 
_pdbx_audit_revision_item.item 
1  3 'Structure model' '_audit_author.name'                          
2  4 'Structure model' '_database_2.pdbx_DOI'                        
3  4 'Structure model' '_database_2.pdbx_database_accession'         
4  4 'Structure model' '_pdbx_struct_conn_angle.ptnr1_auth_comp_id'  
5  4 'Structure model' '_pdbx_struct_conn_angle.ptnr1_auth_seq_id'   
6  4 'Structure model' '_pdbx_struct_conn_angle.ptnr1_label_asym_id' 
7  4 'Structure model' '_pdbx_struct_conn_angle.ptnr1_label_atom_id' 
8  4 'Structure model' '_pdbx_struct_conn_angle.ptnr1_label_comp_id' 
9  4 'Structure model' '_pdbx_struct_conn_angle.ptnr3_auth_comp_id'  
10 4 'Structure model' '_pdbx_struct_conn_angle.ptnr3_auth_seq_id'   
11 4 'Structure model' '_pdbx_struct_conn_angle.ptnr3_label_asym_id' 
12 4 'Structure model' '_pdbx_struct_conn_angle.ptnr3_label_atom_id' 
13 4 'Structure model' '_pdbx_struct_conn_angle.ptnr3_label_comp_id' 
14 4 'Structure model' '_pdbx_struct_conn_angle.value'               
15 4 'Structure model' '_struct_conn.pdbx_dist_value'                
16 4 'Structure model' '_struct_conn.ptnr1_auth_comp_id'             
17 4 'Structure model' '_struct_conn.ptnr1_auth_seq_id'              
18 4 'Structure model' '_struct_conn.ptnr1_label_asym_id'            
19 4 'Structure model' '_struct_conn.ptnr1_label_atom_id'            
20 4 'Structure model' '_struct_conn.ptnr1_label_comp_id'            
21 4 'Structure model' '_struct_conn.ptnr2_auth_comp_id'             
22 4 'Structure model' '_struct_conn.ptnr2_auth_seq_id'              
23 4 'Structure model' '_struct_conn.ptnr2_label_asym_id'            
24 4 'Structure model' '_struct_conn.ptnr2_label_atom_id'            
25 4 'Structure model' '_struct_conn.ptnr2_label_comp_id'            
26 4 'Structure model' '_struct_ref_seq_dif.details'                 
27 4 'Structure model' '_struct_site.pdbx_auth_asym_id'              
28 4 'Structure model' '_struct_site.pdbx_auth_comp_id'              
29 4 'Structure model' '_struct_site.pdbx_auth_seq_id'               
# 
_pdbx_database_status.status_code                     REL 
_pdbx_database_status.entry_id                        3CYI 
_pdbx_database_status.recvd_initial_deposition_date   2008-04-25 
_pdbx_database_status.deposit_site                    RCSB 
_pdbx_database_status.process_site                    RCSB 
_pdbx_database_status.status_code_sf                  REL 
_pdbx_database_status.status_code_mr                  ? 
_pdbx_database_status.SG_entry                        ? 
_pdbx_database_status.pdb_format_compatible           Y 
_pdbx_database_status.status_code_cs                  ? 
_pdbx_database_status.methods_development_category    ? 
_pdbx_database_status.status_code_nmr_data            ? 
# 
loop_
_pdbx_database_related.db_name 
_pdbx_database_related.db_id 
_pdbx_database_related.details 
_pdbx_database_related.content_type 
PDB 2RII 'Human Prx I: human Srx complex'      unspecified 
PDB 1XW4 'Human Srx in complex with ADP'       unspecified 
PDB 1XW3 'Human Srx in complex with phosphate' unspecified 
# 
loop_
_audit_author.name 
_audit_author.pdbx_ordinal 
'Jonsson, T.J.' 1 
'Murray, M.S.'  2 
'Johnson, L.C.' 3 
'Lowther, W.T.' 4 
# 
_citation.id                        primary 
_citation.title                     
;Reduction of Cysteine Sulfinic Acid in Peroxiredoxin by Sulfiredoxin Proceeds Directly through a Sulfinic Phosphoryl Ester Intermediate.
;
_citation.journal_abbrev            J.Biol.Chem. 
_citation.journal_volume            283 
_citation.page_first                23846 
_citation.page_last                 23851 
_citation.year                      2008 
_citation.journal_id_ASTM           JBCHA3 
_citation.country                   US 
_citation.journal_id_ISSN           0021-9258 
_citation.journal_id_CSD            0071 
_citation.book_publisher            ? 
_citation.pdbx_database_id_PubMed   18579529 
_citation.pdbx_database_id_DOI      10.1074/jbc.M803244200 
# 
loop_
_citation_author.citation_id 
_citation_author.name 
_citation_author.ordinal 
_citation_author.identifier_ORCID 
primary 'Jonsson, T.J.' 1 ? 
primary 'Murray, M.S.'  2 ? 
primary 'Johnson, L.C.' 3 ? 
primary 'Lowther, W.T.' 4 ? 
# 
loop_
_entity.id 
_entity.type 
_entity.src_method 
_entity.pdbx_description 
_entity.formula_weight 
_entity.pdbx_number_of_molecules 
_entity.pdbx_ec 
_entity.pdbx_mutation 
_entity.pdbx_fragment 
_entity.details 
1 polymer     man Sulfiredoxin-1              12018.620 1  1.8.98.2 C99S ? ? 
2 non-polymer syn 'MAGNESIUM ION'             24.305    1  ?        ?    ? ? 
3 non-polymer syn "ADENOSINE-5'-TRIPHOSPHATE" 507.181   1  ?        ?    ? ? 
4 water       nat water                       18.015    69 ?        ?    ? ? 
# 
_entity_poly.entity_id                      1 
_entity_poly.type                           'polypeptide(L)' 
_entity_poly.nstd_linkage                   no 
_entity_poly.nstd_monomer                   no 
_entity_poly.pdbx_seq_one_letter_code       
;GPHMSIHSGRIAAVHNVPLSVLIRPLPSVLDPAKVQSLVDTIREDPDSVPPIDVLWIKGAQGGDYFYSFGGSHRYAAYQQ
LQRETIPAKLVQSTLSDLRVYLGASTPDLQ
;
_entity_poly.pdbx_seq_one_letter_code_can   
;GPHMSIHSGRIAAVHNVPLSVLIRPLPSVLDPAKVQSLVDTIREDPDSVPPIDVLWIKGAQGGDYFYSFGGSHRYAAYQQ
LQRETIPAKLVQSTLSDLRVYLGASTPDLQ
;
_entity_poly.pdbx_strand_id                 A 
_entity_poly.pdbx_target_identifier         ? 
# 
loop_
_pdbx_entity_nonpoly.entity_id 
_pdbx_entity_nonpoly.name 
_pdbx_entity_nonpoly.comp_id 
2 'MAGNESIUM ION'             MG  
3 "ADENOSINE-5'-TRIPHOSPHATE" ATP 
4 water                       HOH 
# 
loop_
_entity_poly_seq.entity_id 
_entity_poly_seq.num 
_entity_poly_seq.mon_id 
_entity_poly_seq.hetero 
1 1   GLY n 
1 2   PRO n 
1 3   HIS n 
1 4   MET n 
1 5   SER n 
1 6   ILE n 
1 7   HIS n 
1 8   SER n 
1 9   GLY n 
1 10  ARG n 
1 11  ILE n 
1 12  ALA n 
1 13  ALA n 
1 14  VAL n 
1 15  HIS n 
1 16  ASN n 
1 17  VAL n 
1 18  PRO n 
1 19  LEU n 
1 20  SER n 
1 21  VAL n 
1 22  LEU n 
1 23  ILE n 
1 24  ARG n 
1 25  PRO n 
1 26  LEU n 
1 27  PRO n 
1 28  SER n 
1 29  VAL n 
1 30  LEU n 
1 31  ASP n 
1 32  PRO n 
1 33  ALA n 
1 34  LYS n 
1 35  VAL n 
1 36  GLN n 
1 37  SER n 
1 38  LEU n 
1 39  VAL n 
1 40  ASP n 
1 41  THR n 
1 42  ILE n 
1 43  ARG n 
1 44  GLU n 
1 45  ASP n 
1 46  PRO n 
1 47  ASP n 
1 48  SER n 
1 49  VAL n 
1 50  PRO n 
1 51  PRO n 
1 52  ILE n 
1 53  ASP n 
1 54  VAL n 
1 55  LEU n 
1 56  TRP n 
1 57  ILE n 
1 58  LYS n 
1 59  GLY n 
1 60  ALA n 
1 61  GLN n 
1 62  GLY n 
1 63  GLY n 
1 64  ASP n 
1 65  TYR n 
1 66  PHE n 
1 67  TYR n 
1 68  SER n 
1 69  PHE n 
1 70  GLY n 
1 71  GLY n 
1 72  SER n 
1 73  HIS n 
1 74  ARG n 
1 75  TYR n 
1 76  ALA n 
1 77  ALA n 
1 78  TYR n 
1 79  GLN n 
1 80  GLN n 
1 81  LEU n 
1 82  GLN n 
1 83  ARG n 
1 84  GLU n 
1 85  THR n 
1 86  ILE n 
1 87  PRO n 
1 88  ALA n 
1 89  LYS n 
1 90  LEU n 
1 91  VAL n 
1 92  GLN n 
1 93  SER n 
1 94  THR n 
1 95  LEU n 
1 96  SER n 
1 97  ASP n 
1 98  LEU n 
1 99  ARG n 
1 100 VAL n 
1 101 TYR n 
1 102 LEU n 
1 103 GLY n 
1 104 ALA n 
1 105 SER n 
1 106 THR n 
1 107 PRO n 
1 108 ASP n 
1 109 LEU n 
1 110 GLN n 
# 
_entity_src_gen.entity_id                          1 
_entity_src_gen.pdbx_src_id                        1 
_entity_src_gen.pdbx_alt_source_flag               sample 
_entity_src_gen.pdbx_seq_type                      ? 
_entity_src_gen.pdbx_beg_seq_num                   ? 
_entity_src_gen.pdbx_end_seq_num                   ? 
_entity_src_gen.gene_src_common_name               human 
_entity_src_gen.gene_src_genus                     ? 
_entity_src_gen.pdbx_gene_src_gene                 'SRXN1, C20orf139, SRX' 
_entity_src_gen.gene_src_species                   ? 
_entity_src_gen.gene_src_strain                    Human 
_entity_src_gen.gene_src_tissue                    ? 
_entity_src_gen.gene_src_tissue_fraction           ? 
_entity_src_gen.gene_src_details                   ? 
_entity_src_gen.pdbx_gene_src_fragment             ? 
_entity_src_gen.pdbx_gene_src_scientific_name      'Homo sapiens' 
_entity_src_gen.pdbx_gene_src_ncbi_taxonomy_id     9606 
_entity_src_gen.pdbx_gene_src_variant              ? 
_entity_src_gen.pdbx_gene_src_cell_line            ? 
_entity_src_gen.pdbx_gene_src_atcc                 ? 
_entity_src_gen.pdbx_gene_src_organ                ? 
_entity_src_gen.pdbx_gene_src_organelle            ? 
_entity_src_gen.pdbx_gene_src_cell                 ? 
_entity_src_gen.pdbx_gene_src_cellular_location    ? 
_entity_src_gen.host_org_common_name               ? 
_entity_src_gen.pdbx_host_org_scientific_name      'Escherichia coli' 
_entity_src_gen.pdbx_host_org_ncbi_taxonomy_id     ? 
_entity_src_gen.host_org_genus                     ? 
_entity_src_gen.pdbx_host_org_gene                 ? 
_entity_src_gen.pdbx_host_org_organ                ? 
_entity_src_gen.host_org_species                   ? 
_entity_src_gen.pdbx_host_org_tissue               ? 
_entity_src_gen.pdbx_host_org_tissue_fraction      ? 
_entity_src_gen.pdbx_host_org_strain               'C41(DE3)' 
_entity_src_gen.pdbx_host_org_variant              ? 
_entity_src_gen.pdbx_host_org_cell_line            ? 
_entity_src_gen.pdbx_host_org_atcc                 ? 
_entity_src_gen.pdbx_host_org_culture_collection   ? 
_entity_src_gen.pdbx_host_org_cell                 ? 
_entity_src_gen.pdbx_host_org_organelle            ? 
_entity_src_gen.pdbx_host_org_cellular_location    ? 
_entity_src_gen.pdbx_host_org_vector_type          plasmid 
_entity_src_gen.pdbx_host_org_vector               ? 
_entity_src_gen.host_org_details                   ? 
_entity_src_gen.expression_system_id               ? 
_entity_src_gen.plasmid_name                       pET19b 
_entity_src_gen.plasmid_details                    ? 
_entity_src_gen.pdbx_description                   ? 
# 
loop_
_chem_comp.id 
_chem_comp.type 
_chem_comp.mon_nstd_flag 
_chem_comp.name 
_chem_comp.pdbx_synonyms 
_chem_comp.formula 
_chem_comp.formula_weight 
ALA 'L-peptide linking' y ALANINE                     ? 'C3 H7 N O2'        89.093  
ARG 'L-peptide linking' y ARGININE                    ? 'C6 H15 N4 O2 1'    175.209 
ASN 'L-peptide linking' y ASPARAGINE                  ? 'C4 H8 N2 O3'       132.118 
ASP 'L-peptide linking' y 'ASPARTIC ACID'             ? 'C4 H7 N O4'        133.103 
ATP non-polymer         . "ADENOSINE-5'-TRIPHOSPHATE" ? 'C10 H16 N5 O13 P3' 507.181 
CYS 'L-peptide linking' y CYSTEINE                    ? 'C3 H7 N O2 S'      121.158 
GLN 'L-peptide linking' y GLUTAMINE                   ? 'C5 H10 N2 O3'      146.144 
GLU 'L-peptide linking' y 'GLUTAMIC ACID'             ? 'C5 H9 N O4'        147.129 
GLY 'peptide linking'   y GLYCINE                     ? 'C2 H5 N O2'        75.067  
HIS 'L-peptide linking' y HISTIDINE                   ? 'C6 H10 N3 O2 1'    156.162 
HOH non-polymer         . WATER                       ? 'H2 O'              18.015  
ILE 'L-peptide linking' y ISOLEUCINE                  ? 'C6 H13 N O2'       131.173 
LEU 'L-peptide linking' y LEUCINE                     ? 'C6 H13 N O2'       131.173 
LYS 'L-peptide linking' y LYSINE                      ? 'C6 H15 N2 O2 1'    147.195 
MET 'L-peptide linking' y METHIONINE                  ? 'C5 H11 N O2 S'     149.211 
MG  non-polymer         . 'MAGNESIUM ION'             ? 'Mg 2'              24.305  
PHE 'L-peptide linking' y PHENYLALANINE               ? 'C9 H11 N O2'       165.189 
PRO 'L-peptide linking' y PROLINE                     ? 'C5 H9 N O2'        115.130 
SER 'L-peptide linking' y SERINE                      ? 'C3 H7 N O3'        105.093 
THR 'L-peptide linking' y THREONINE                   ? 'C4 H9 N O3'        119.119 
TRP 'L-peptide linking' y TRYPTOPHAN                  ? 'C11 H12 N2 O2'     204.225 
TYR 'L-peptide linking' y TYROSINE                    ? 'C9 H11 N O3'       181.189 
VAL 'L-peptide linking' y VALINE                      ? 'C5 H11 N O2'       117.146 
# 
loop_
_pdbx_poly_seq_scheme.asym_id 
_pdbx_poly_seq_scheme.entity_id 
_pdbx_poly_seq_scheme.seq_id 
_pdbx_poly_seq_scheme.mon_id 
_pdbx_poly_seq_scheme.ndb_seq_num 
_pdbx_poly_seq_scheme.pdb_seq_num 
_pdbx_poly_seq_scheme.auth_seq_num 
_pdbx_poly_seq_scheme.pdb_mon_id 
_pdbx_poly_seq_scheme.auth_mon_id 
_pdbx_poly_seq_scheme.pdb_strand_id 
_pdbx_poly_seq_scheme.pdb_ins_code 
_pdbx_poly_seq_scheme.hetero 
A 1 1   GLY 1   28  ?   ?   ?   A . n 
A 1 2   PRO 2   29  ?   ?   ?   A . n 
A 1 3   HIS 3   30  ?   ?   ?   A . n 
A 1 4   MET 4   31  31  MET MET A . n 
A 1 5   SER 5   32  32  SER SER A . n 
A 1 6   ILE 6   33  33  ILE ILE A . n 
A 1 7   HIS 7   34  34  HIS HIS A . n 
A 1 8   SER 8   35  35  SER SER A . n 
A 1 9   GLY 9   36  36  GLY GLY A . n 
A 1 10  ARG 10  37  37  ARG ARG A . n 
A 1 11  ILE 11  38  38  ILE ILE A . n 
A 1 12  ALA 12  39  39  ALA ALA A . n 
A 1 13  ALA 13  40  40  ALA ALA A . n 
A 1 14  VAL 14  41  41  VAL VAL A . n 
A 1 15  HIS 15  42  42  HIS HIS A . n 
A 1 16  ASN 16  43  43  ASN ASN A . n 
A 1 17  VAL 17  44  44  VAL VAL A . n 
A 1 18  PRO 18  45  45  PRO PRO A . n 
A 1 19  LEU 19  46  46  LEU LEU A . n 
A 1 20  SER 20  47  47  SER SER A . n 
A 1 21  VAL 21  48  48  VAL VAL A . n 
A 1 22  LEU 22  49  49  LEU LEU A . n 
A 1 23  ILE 23  50  50  ILE ILE A . n 
A 1 24  ARG 24  51  51  ARG ARG A . n 
A 1 25  PRO 25  52  52  PRO PRO A . n 
A 1 26  LEU 26  53  53  LEU LEU A . n 
A 1 27  PRO 27  54  54  PRO PRO A . n 
A 1 28  SER 28  55  55  SER SER A . n 
A 1 29  VAL 29  56  56  VAL VAL A . n 
A 1 30  LEU 30  57  57  LEU LEU A . n 
A 1 31  ASP 31  58  58  ASP ASP A . n 
A 1 32  PRO 32  59  59  PRO PRO A . n 
A 1 33  ALA 33  60  60  ALA ALA A . n 
A 1 34  LYS 34  61  61  LYS LYS A . n 
A 1 35  VAL 35  62  62  VAL VAL A . n 
A 1 36  GLN 36  63  63  GLN GLN A . n 
A 1 37  SER 37  64  64  SER SER A . n 
A 1 38  LEU 38  65  65  LEU LEU A . n 
A 1 39  VAL 39  66  66  VAL VAL A . n 
A 1 40  ASP 40  67  67  ASP ASP A . n 
A 1 41  THR 41  68  68  THR THR A . n 
A 1 42  ILE 42  69  69  ILE ILE A . n 
A 1 43  ARG 43  70  70  ARG ARG A . n 
A 1 44  GLU 44  71  71  GLU GLU A . n 
A 1 45  ASP 45  72  72  ASP ASP A . n 
A 1 46  PRO 46  73  73  PRO PRO A . n 
A 1 47  ASP 47  74  74  ASP ASP A . n 
A 1 48  SER 48  75  75  SER SER A . n 
A 1 49  VAL 49  76  76  VAL VAL A . n 
A 1 50  PRO 50  77  77  PRO PRO A . n 
A 1 51  PRO 51  78  78  PRO PRO A . n 
A 1 52  ILE 52  79  79  ILE ILE A . n 
A 1 53  ASP 53  80  80  ASP ASP A . n 
A 1 54  VAL 54  81  81  VAL VAL A . n 
A 1 55  LEU 55  82  82  LEU LEU A . n 
A 1 56  TRP 56  83  83  TRP TRP A . n 
A 1 57  ILE 57  84  84  ILE ILE A . n 
A 1 58  LYS 58  85  85  LYS LYS A . n 
A 1 59  GLY 59  86  86  GLY GLY A . n 
A 1 60  ALA 60  87  87  ALA ALA A . n 
A 1 61  GLN 61  88  88  GLN GLN A . n 
A 1 62  GLY 62  89  89  GLY GLY A . n 
A 1 63  GLY 63  90  90  GLY GLY A . n 
A 1 64  ASP 64  91  91  ASP ASP A . n 
A 1 65  TYR 65  92  92  TYR TYR A . n 
A 1 66  PHE 66  93  93  PHE PHE A . n 
A 1 67  TYR 67  94  94  TYR TYR A . n 
A 1 68  SER 68  95  95  SER SER A . n 
A 1 69  PHE 69  96  96  PHE PHE A . n 
A 1 70  GLY 70  97  97  GLY GLY A . n 
A 1 71  GLY 71  98  98  GLY GLY A . n 
A 1 72  SER 72  99  99  SER SER A . n 
A 1 73  HIS 73  100 100 HIS HIS A . n 
A 1 74  ARG 74  101 101 ARG ARG A . n 
A 1 75  TYR 75  102 102 TYR TYR A . n 
A 1 76  ALA 76  103 103 ALA ALA A . n 
A 1 77  ALA 77  104 104 ALA ALA A . n 
A 1 78  TYR 78  105 105 TYR TYR A . n 
A 1 79  GLN 79  106 106 GLN GLN A . n 
A 1 80  GLN 80  107 107 GLN GLN A . n 
A 1 81  LEU 81  108 108 LEU LEU A . n 
A 1 82  GLN 82  109 109 GLN GLN A . n 
A 1 83  ARG 83  110 110 ARG ARG A . n 
A 1 84  GLU 84  111 111 GLU GLU A . n 
A 1 85  THR 85  112 112 THR THR A . n 
A 1 86  ILE 86  113 113 ILE ILE A . n 
A 1 87  PRO 87  114 114 PRO PRO A . n 
A 1 88  ALA 88  115 115 ALA ALA A . n 
A 1 89  LYS 89  116 116 LYS LYS A . n 
A 1 90  LEU 90  117 117 LEU LEU A . n 
A 1 91  VAL 91  118 118 VAL VAL A . n 
A 1 92  GLN 92  119 119 GLN GLN A . n 
A 1 93  SER 93  120 120 SER SER A . n 
A 1 94  THR 94  121 121 THR THR A . n 
A 1 95  LEU 95  122 122 LEU LEU A . n 
A 1 96  SER 96  123 123 SER SER A . n 
A 1 97  ASP 97  124 124 ASP ASP A . n 
A 1 98  LEU 98  125 125 LEU LEU A . n 
A 1 99  ARG 99  126 126 ARG ARG A . n 
A 1 100 VAL 100 127 127 VAL VAL A . n 
A 1 101 TYR 101 128 128 TYR TYR A . n 
A 1 102 LEU 102 129 129 LEU LEU A . n 
A 1 103 GLY 103 130 130 GLY GLY A . n 
A 1 104 ALA 104 131 131 ALA ALA A . n 
A 1 105 SER 105 132 132 SER SER A . n 
A 1 106 THR 106 133 133 THR THR A . n 
A 1 107 PRO 107 134 134 PRO PRO A . n 
A 1 108 ASP 108 135 135 ASP ASP A . n 
A 1 109 LEU 109 136 136 LEU LEU A . n 
A 1 110 GLN 110 137 137 GLN GLN A . n 
# 
loop_
_pdbx_nonpoly_scheme.asym_id 
_pdbx_nonpoly_scheme.entity_id 
_pdbx_nonpoly_scheme.mon_id 
_pdbx_nonpoly_scheme.ndb_seq_num 
_pdbx_nonpoly_scheme.pdb_seq_num 
_pdbx_nonpoly_scheme.auth_seq_num 
_pdbx_nonpoly_scheme.pdb_mon_id 
_pdbx_nonpoly_scheme.auth_mon_id 
_pdbx_nonpoly_scheme.pdb_strand_id 
_pdbx_nonpoly_scheme.pdb_ins_code 
B 2 MG  1  2   2  MG  MG  A . 
C 3 ATP 1  1   1  ATP ATP A . 
D 4 HOH 1  138 1  HOH HOH A . 
D 4 HOH 2  139 2  HOH HOH A . 
D 4 HOH 3  140 3  HOH HOH A . 
D 4 HOH 4  141 4  HOH HOH A . 
D 4 HOH 5  142 5  HOH HOH A . 
D 4 HOH 6  143 6  HOH HOH A . 
D 4 HOH 7  144 7  HOH HOH A . 
D 4 HOH 8  145 8  HOH HOH A . 
D 4 HOH 9  146 9  HOH HOH A . 
D 4 HOH 10 147 10 HOH HOH A . 
D 4 HOH 11 148 11 HOH HOH A . 
D 4 HOH 12 149 12 HOH HOH A . 
D 4 HOH 13 150 13 HOH HOH A . 
D 4 HOH 14 151 14 HOH HOH A . 
D 4 HOH 15 152 15 HOH HOH A . 
D 4 HOH 16 153 16 HOH HOH A . 
D 4 HOH 17 154 17 HOH HOH A . 
D 4 HOH 18 155 18 HOH HOH A . 
D 4 HOH 19 156 19 HOH HOH A . 
D 4 HOH 20 157 20 HOH HOH A . 
D 4 HOH 21 158 21 HOH HOH A . 
D 4 HOH 22 159 22 HOH HOH A . 
D 4 HOH 23 160 23 HOH HOH A . 
D 4 HOH 24 161 24 HOH HOH A . 
D 4 HOH 25 162 25 HOH HOH A . 
D 4 HOH 26 163 26 HOH HOH A . 
D 4 HOH 27 164 27 HOH HOH A . 
D 4 HOH 28 165 28 HOH HOH A . 
D 4 HOH 29 166 29 HOH HOH A . 
D 4 HOH 30 167 30 HOH HOH A . 
D 4 HOH 31 168 31 HOH HOH A . 
D 4 HOH 32 169 32 HOH HOH A . 
D 4 HOH 33 170 33 HOH HOH A . 
D 4 HOH 34 171 34 HOH HOH A . 
D 4 HOH 35 172 35 HOH HOH A . 
D 4 HOH 36 173 36 HOH HOH A . 
D 4 HOH 37 174 37 HOH HOH A . 
D 4 HOH 38 175 38 HOH HOH A . 
D 4 HOH 39 176 39 HOH HOH A . 
D 4 HOH 40 177 40 HOH HOH A . 
D 4 HOH 41 178 41 HOH HOH A . 
D 4 HOH 42 179 42 HOH HOH A . 
D 4 HOH 43 180 43 HOH HOH A . 
D 4 HOH 44 181 44 HOH HOH A . 
D 4 HOH 45 182 45 HOH HOH A . 
D 4 HOH 46 183 46 HOH HOH A . 
D 4 HOH 47 184 47 HOH HOH A . 
D 4 HOH 48 185 48 HOH HOH A . 
D 4 HOH 49 186 49 HOH HOH A . 
D 4 HOH 50 187 50 HOH HOH A . 
D 4 HOH 51 188 51 HOH HOH A . 
D 4 HOH 52 189 52 HOH HOH A . 
D 4 HOH 53 190 53 HOH HOH A . 
D 4 HOH 54 191 54 HOH HOH A . 
D 4 HOH 55 192 55 HOH HOH A . 
D 4 HOH 56 193 56 HOH HOH A . 
D 4 HOH 57 194 57 HOH HOH A . 
D 4 HOH 58 195 58 HOH HOH A . 
D 4 HOH 59 196 59 HOH HOH A . 
D 4 HOH 60 197 60 HOH HOH A . 
D 4 HOH 61 198 61 HOH HOH A . 
D 4 HOH 62 199 62 HOH HOH A . 
D 4 HOH 63 200 63 HOH HOH A . 
D 4 HOH 64 201 64 HOH HOH A . 
D 4 HOH 65 202 65 HOH HOH A . 
D 4 HOH 66 203 66 HOH HOH A . 
D 4 HOH 67 204 67 HOH HOH A . 
D 4 HOH 68 205 68 HOH HOH A . 
D 4 HOH 69 206 69 HOH HOH A . 
# 
loop_
_software.name 
_software.classification 
_software.version 
_software.citation_id 
_software.pdbx_ordinal 
REFMAC   refinement        5.2.0019 ? 1 
ADSC     'data collection' Quantum  ? 2 
HKL-2000 'data reduction'  .        ? 3 
HKL-2000 'data scaling'    .        ? 4 
PHASES   phasing           .        ? 5 
# 
_cell.entry_id           3CYI 
_cell.length_a           68.530 
_cell.length_b           68.530 
_cell.length_c           51.090 
_cell.angle_alpha        90.00 
_cell.angle_beta         90.00 
_cell.angle_gamma        120.00 
_cell.Z_PDB              6 
_cell.pdbx_unique_axis   ? 
_cell.length_a_esd       ? 
_cell.length_b_esd       ? 
_cell.length_c_esd       ? 
_cell.angle_alpha_esd    ? 
_cell.angle_beta_esd     ? 
_cell.angle_gamma_esd    ? 
# 
_symmetry.entry_id                         3CYI 
_symmetry.space_group_name_H-M             'P 32 2 1' 
_symmetry.pdbx_full_space_group_name_H-M   ? 
_symmetry.cell_setting                     ? 
_symmetry.Int_Tables_number                154 
_symmetry.space_group_name_Hall            ? 
# 
_exptl.entry_id          3CYI 
_exptl.method            'X-RAY DIFFRACTION' 
_exptl.crystals_number   1 
# 
_exptl_crystal.id                    1 
_exptl_crystal.density_meas          ? 
_exptl_crystal.density_Matthews      2.88 
_exptl_crystal.density_percent_sol   57.31 
_exptl_crystal.description           ? 
_exptl_crystal.F_000                 ? 
_exptl_crystal.preparation           ? 
# 
_exptl_crystal_grow.crystal_id      1 
_exptl_crystal_grow.method          'VAPOR DIFFUSION, SITTING DROP' 
_exptl_crystal_grow.temp            293 
_exptl_crystal_grow.temp_details    ? 
_exptl_crystal_grow.pH              8.8 
_exptl_crystal_grow.pdbx_details    'MPD, sodium/potassium phosphate, pH 8.8, VAPOR DIFFUSION, SITTING DROP, temperature 293K' 
_exptl_crystal_grow.pdbx_pH_range   . 
# 
_diffrn.id                     1 
_diffrn.ambient_temp           100 
_diffrn.ambient_temp_details   ? 
_diffrn.crystal_id             1 
# 
_diffrn_detector.diffrn_id              1 
_diffrn_detector.detector               CCD 
_diffrn_detector.type                   'ADSC QUANTUM 4' 
_diffrn_detector.pdbx_collection_date   2006-04-27 
_diffrn_detector.details                ? 
# 
_diffrn_radiation.diffrn_id                        1 
_diffrn_radiation.wavelength_id                    1 
_diffrn_radiation.pdbx_monochromatic_or_laue_m_l   M 
_diffrn_radiation.monochromator                    ? 
_diffrn_radiation.pdbx_diffrn_protocol             'SINGLE WAVELENGTH' 
_diffrn_radiation.pdbx_scattering_type             x-ray 
# 
_diffrn_radiation_wavelength.id           1 
_diffrn_radiation_wavelength.wavelength   0.979 
_diffrn_radiation_wavelength.wt           1.0 
# 
_diffrn_source.diffrn_id                   1 
_diffrn_source.source                      SYNCHROTRON 
_diffrn_source.type                        'NSLS BEAMLINE X4A' 
_diffrn_source.pdbx_synchrotron_site       NSLS 
_diffrn_source.pdbx_synchrotron_beamline   X4A 
_diffrn_source.pdbx_wavelength             ? 
_diffrn_source.pdbx_wavelength_list        0.979 
# 
_reflns.entry_id                     3CYI 
_reflns.observed_criterion_sigma_F   ? 
_reflns.observed_criterion_sigma_I   2.1 
_reflns.d_resolution_high            1.8 
_reflns.d_resolution_low             38.7 
_reflns.number_all                   ? 
_reflns.number_obs                   12500 
_reflns.percent_possible_obs         99.8 
_reflns.pdbx_Rmerge_I_obs            ? 
_reflns.pdbx_Rsym_value              ? 
_reflns.pdbx_netI_over_sigmaI        65.6 
_reflns.B_iso_Wilson_estimate        ? 
_reflns.pdbx_redundancy              ? 
_reflns.R_free_details               ? 
_reflns.limit_h_max                  ? 
_reflns.limit_h_min                  ? 
_reflns.limit_k_max                  ? 
_reflns.limit_k_min                  ? 
_reflns.limit_l_max                  ? 
_reflns.limit_l_min                  ? 
_reflns.observed_criterion_F_max     ? 
_reflns.observed_criterion_F_min     ? 
_reflns.pdbx_chi_squared             ? 
_reflns.pdbx_scaling_rejects         ? 
_reflns.pdbx_diffrn_id               1 
_reflns.pdbx_ordinal                 1 
# 
_reflns_shell.d_res_high             1.8 
_reflns_shell.d_res_low              1.86 
_reflns_shell.percent_possible_all   100 
_reflns_shell.Rmerge_I_obs           ? 
_reflns_shell.pdbx_Rsym_value        ? 
_reflns_shell.meanI_over_sigI_obs    7.5 
_reflns_shell.pdbx_redundancy        ? 
_reflns_shell.percent_possible_obs   ? 
_reflns_shell.number_unique_all      ? 
_reflns_shell.number_measured_all    ? 
_reflns_shell.number_measured_obs    ? 
_reflns_shell.number_unique_obs      ? 
_reflns_shell.pdbx_chi_squared       ? 
_reflns_shell.pdbx_diffrn_id         ? 
_reflns_shell.pdbx_ordinal           1 
# 
_refine.entry_id                                 3CYI 
_refine.ls_number_reflns_obs                     12500 
_refine.ls_number_reflns_all                     13164 
_refine.pdbx_ls_sigma_I                          ? 
_refine.pdbx_ls_sigma_F                          ? 
_refine.pdbx_data_cutoff_high_absF               ? 
_refine.pdbx_data_cutoff_low_absF                ? 
_refine.pdbx_data_cutoff_high_rms_absF           ? 
_refine.ls_d_res_low                             38.7 
_refine.ls_d_res_high                            1.80 
_refine.ls_percent_reflns_obs                    99.75 
_refine.ls_R_factor_obs                          0.20247 
_refine.ls_R_factor_all                          ? 
_refine.ls_R_factor_R_work                       0.20107 
_refine.ls_R_factor_R_free                       0.23111 
_refine.ls_R_factor_R_free_error                 ? 
_refine.ls_R_factor_R_free_error_details         ? 
_refine.ls_percent_reflns_R_free                 4.9 
_refine.ls_number_reflns_R_free                  644 
_refine.ls_number_parameters                     ? 
_refine.ls_number_restraints                     ? 
_refine.occupancy_min                            ? 
_refine.occupancy_max                            ? 
_refine.correlation_coeff_Fo_to_Fc               0.955 
_refine.correlation_coeff_Fo_to_Fc_free          0.949 
_refine.B_iso_mean                               30.156 
_refine.aniso_B[1][1]                            0.00 
_refine.aniso_B[2][2]                            0.00 
_refine.aniso_B[3][3]                            0.00 
_refine.aniso_B[1][2]                            0.00 
_refine.aniso_B[1][3]                            0.00 
_refine.aniso_B[2][3]                            0.00 
_refine.solvent_model_details                    MASK 
_refine.solvent_model_param_ksol                 ? 
_refine.solvent_model_param_bsol                 ? 
_refine.pdbx_solvent_vdw_probe_radii             1.40 
_refine.pdbx_solvent_ion_probe_radii             0.80 
_refine.pdbx_solvent_shrinkage_radii             0.80 
_refine.pdbx_ls_cross_valid_method               THROUGHOUT 
_refine.details                                  ? 
_refine.pdbx_starting_model                      ? 
_refine.pdbx_method_to_determine_struct          'MOLECULAR REPLACEMENT' 
_refine.pdbx_isotropic_thermal_model             ? 
_refine.pdbx_stereochemistry_target_values       'MAXIMUM LIKELIHOOD' 
_refine.pdbx_stereochem_target_val_spec_case     ? 
_refine.pdbx_R_Free_selection_details            RANDOM 
_refine.pdbx_overall_ESU_R                       0.120 
_refine.pdbx_overall_ESU_R_Free                  0.115 
_refine.overall_SU_ML                            0.073 
_refine.overall_SU_B                             2.234 
_refine.ls_redundancy_reflns_obs                 ? 
_refine.B_iso_min                                ? 
_refine.B_iso_max                                ? 
_refine.overall_SU_R_Cruickshank_DPI             ? 
_refine.overall_SU_R_free                        ? 
_refine.ls_wR_factor_R_free                      ? 
_refine.ls_wR_factor_R_work                      ? 
_refine.overall_FOM_free_R_set                   ? 
_refine.overall_FOM_work_R_set                   ? 
_refine.pdbx_overall_phase_error                 ? 
_refine.pdbx_refine_id                           'X-RAY DIFFRACTION' 
_refine.pdbx_diffrn_id                           1 
_refine.pdbx_TLS_residual_ADP_flag               ? 
_refine.pdbx_overall_SU_R_free_Cruickshank_DPI   ? 
_refine.pdbx_overall_SU_R_Blow_DPI               ? 
_refine.pdbx_overall_SU_R_free_Blow_DPI          ? 
# 
_refine_hist.pdbx_refine_id                   'X-RAY DIFFRACTION' 
_refine_hist.cycle_id                         LAST 
_refine_hist.pdbx_number_atoms_protein        828 
_refine_hist.pdbx_number_atoms_nucleic_acid   0 
_refine_hist.pdbx_number_atoms_ligand         32 
_refine_hist.number_atoms_solvent             69 
_refine_hist.number_atoms_total               929 
_refine_hist.d_res_high                       1.80 
_refine_hist.d_res_low                        38.7 
# 
loop_
_refine_ls_restr.type 
_refine_ls_restr.dev_ideal 
_refine_ls_restr.dev_ideal_target 
_refine_ls_restr.weight 
_refine_ls_restr.number 
_refine_ls_restr.pdbx_refine_id 
_refine_ls_restr.pdbx_restraint_function 
r_bond_refined_d             0.018  0.022  ? 881  'X-RAY DIFFRACTION' ? 
r_bond_other_d               ?      ?      ? ?    'X-RAY DIFFRACTION' ? 
r_angle_refined_deg          1.766  2.026  ? 1211 'X-RAY DIFFRACTION' ? 
r_angle_other_deg            ?      ?      ? ?    'X-RAY DIFFRACTION' ? 
r_dihedral_angle_1_deg       5.629  5.000  ? 106  'X-RAY DIFFRACTION' ? 
r_dihedral_angle_2_deg       35.510 23.429 ? 35   'X-RAY DIFFRACTION' ? 
r_dihedral_angle_3_deg       13.774 15.000 ? 134  'X-RAY DIFFRACTION' ? 
r_dihedral_angle_4_deg       15.973 15.000 ? 6    'X-RAY DIFFRACTION' ? 
r_chiral_restr               0.119  0.200  ? 137  'X-RAY DIFFRACTION' ? 
r_gen_planes_refined         0.008  0.020  ? 659  'X-RAY DIFFRACTION' ? 
r_gen_planes_other           ?      ?      ? ?    'X-RAY DIFFRACTION' ? 
r_nbd_refined                0.202  0.200  ? 331  'X-RAY DIFFRACTION' ? 
r_nbd_other                  ?      ?      ? ?    'X-RAY DIFFRACTION' ? 
r_nbtor_refined              0.308  0.200  ? 585  'X-RAY DIFFRACTION' ? 
r_nbtor_other                ?      ?      ? ?    'X-RAY DIFFRACTION' ? 
r_xyhbond_nbd_refined        0.121  0.200  ? 52   'X-RAY DIFFRACTION' ? 
r_xyhbond_nbd_other          ?      ?      ? ?    'X-RAY DIFFRACTION' ? 
r_metal_ion_refined          ?      ?      ? ?    'X-RAY DIFFRACTION' ? 
r_metal_ion_other            ?      ?      ? ?    'X-RAY DIFFRACTION' ? 
r_symmetry_vdw_refined       0.174  0.200  ? 24   'X-RAY DIFFRACTION' ? 
r_symmetry_vdw_other         ?      ?      ? ?    'X-RAY DIFFRACTION' ? 
r_symmetry_hbond_refined     0.059  0.200  ? 6    'X-RAY DIFFRACTION' ? 
r_symmetry_hbond_other       ?      ?      ? ?    'X-RAY DIFFRACTION' ? 
r_symmetry_metal_ion_refined ?      ?      ? ?    'X-RAY DIFFRACTION' ? 
r_symmetry_metal_ion_other   ?      ?      ? ?    'X-RAY DIFFRACTION' ? 
r_mcbond_it                  1.242  1.500  ? 546  'X-RAY DIFFRACTION' ? 
r_mcbond_other               ?      ?      ? ?    'X-RAY DIFFRACTION' ? 
r_mcangle_it                 1.967  2.000  ? 874  'X-RAY DIFFRACTION' ? 
r_scbond_it                  2.928  3.000  ? 380  'X-RAY DIFFRACTION' ? 
r_scangle_it                 4.134  4.500  ? 337  'X-RAY DIFFRACTION' ? 
r_rigid_bond_restr           ?      ?      ? ?    'X-RAY DIFFRACTION' ? 
r_sphericity_free            ?      ?      ? ?    'X-RAY DIFFRACTION' ? 
r_sphericity_bonded          ?      ?      ? ?    'X-RAY DIFFRACTION' ? 
# 
_refine_ls_shell.pdbx_total_number_of_bins_used   20 
_refine_ls_shell.d_res_high                       1.800 
_refine_ls_shell.d_res_low                        1.847 
_refine_ls_shell.number_reflns_R_work             926 
_refine_ls_shell.R_factor_R_work                  0.230 
_refine_ls_shell.percent_reflns_obs               100.00 
_refine_ls_shell.R_factor_R_free                  0.339 
_refine_ls_shell.R_factor_R_free_error            ? 
_refine_ls_shell.percent_reflns_R_free            ? 
_refine_ls_shell.number_reflns_R_free             41 
_refine_ls_shell.number_reflns_all                ? 
_refine_ls_shell.R_factor_all                     ? 
_refine_ls_shell.number_reflns_obs                ? 
_refine_ls_shell.redundancy_reflns_obs            ? 
_refine_ls_shell.pdbx_refine_id                   'X-RAY DIFFRACTION' 
# 
_struct.entry_id                  3CYI 
_struct.title                     'Crystal Structure of Human Sulfiredoxin (Srx) in Complex with ATP:Mg2+' 
_struct.pdbx_model_details        ? 
_struct.pdbx_CASP_flag            ? 
_struct.pdbx_model_type_details   ? 
# 
_struct_keywords.entry_id        3CYI 
_struct_keywords.pdbx_keywords   OXIDOREDUCTASE 
_struct_keywords.text            
'Cys sulfinic acid reduction, Antioxidant, ATP-binding, Cytoplasm, Magnesium, Nucleotide-binding, Oxidoreductase' 
# 
loop_
_struct_asym.id 
_struct_asym.pdbx_blank_PDB_chainid_flag 
_struct_asym.pdbx_modified 
_struct_asym.entity_id 
_struct_asym.details 
A N N 1 ? 
B N N 2 ? 
C N N 3 ? 
D N N 4 ? 
# 
_struct_ref.id                         1 
_struct_ref.db_name                    UNP 
_struct_ref.db_code                    SRXN1_HUMAN 
_struct_ref.pdbx_db_accession          Q9BYN0 
_struct_ref.entity_id                  1 
_struct_ref.pdbx_seq_one_letter_code   
;SIHSGRIAAVHNVPLSVLIRPLPSVLDPAKVQSLVDTIREDPDSVPPIDVLWIKGAQGGDYFYSFGGCHRYAAYQQLQRE
TIPAKLVQSTLSDLRVYLGASTPDLQ
;
_struct_ref.pdbx_align_begin           32 
_struct_ref.pdbx_db_isoform            ? 
# 
_struct_ref_seq.align_id                      1 
_struct_ref_seq.ref_id                        1 
_struct_ref_seq.pdbx_PDB_id_code              3CYI 
_struct_ref_seq.pdbx_strand_id                A 
_struct_ref_seq.seq_align_beg                 5 
_struct_ref_seq.pdbx_seq_align_beg_ins_code   ? 
_struct_ref_seq.seq_align_end                 110 
_struct_ref_seq.pdbx_seq_align_end_ins_code   ? 
_struct_ref_seq.pdbx_db_accession             Q9BYN0 
_struct_ref_seq.db_align_beg                  32 
_struct_ref_seq.pdbx_db_align_beg_ins_code    ? 
_struct_ref_seq.db_align_end                  137 
_struct_ref_seq.pdbx_db_align_end_ins_code    ? 
_struct_ref_seq.pdbx_auth_seq_align_beg       32 
_struct_ref_seq.pdbx_auth_seq_align_end       137 
# 
loop_
_struct_ref_seq_dif.align_id 
_struct_ref_seq_dif.pdbx_pdb_id_code 
_struct_ref_seq_dif.mon_id 
_struct_ref_seq_dif.pdbx_pdb_strand_id 
_struct_ref_seq_dif.seq_num 
_struct_ref_seq_dif.pdbx_pdb_ins_code 
_struct_ref_seq_dif.pdbx_seq_db_name 
_struct_ref_seq_dif.pdbx_seq_db_accession_code 
_struct_ref_seq_dif.db_mon_id 
_struct_ref_seq_dif.pdbx_seq_db_seq_num 
_struct_ref_seq_dif.details 
_struct_ref_seq_dif.pdbx_auth_seq_num 
_struct_ref_seq_dif.pdbx_ordinal 
1 3CYI GLY A 1  ? UNP Q9BYN0 ?   ?  'expression tag'      28 1 
1 3CYI PRO A 2  ? UNP Q9BYN0 ?   ?  'expression tag'      29 2 
1 3CYI HIS A 3  ? UNP Q9BYN0 ?   ?  'expression tag'      30 3 
1 3CYI MET A 4  ? UNP Q9BYN0 ?   ?  'expression tag'      31 4 
1 3CYI SER A 72 ? UNP Q9BYN0 CYS 99 'engineered mutation' 99 5 
# 
_pdbx_struct_assembly.id                   1 
_pdbx_struct_assembly.details              author_and_software_defined_assembly 
_pdbx_struct_assembly.method_details       PISA 
_pdbx_struct_assembly.oligomeric_details   monomeric 
_pdbx_struct_assembly.oligomeric_count     1 
# 
_pdbx_struct_assembly_gen.assembly_id       1 
_pdbx_struct_assembly_gen.oper_expression   1 
_pdbx_struct_assembly_gen.asym_id_list      A,B,C,D 
# 
_pdbx_struct_oper_list.id                   1 
_pdbx_struct_oper_list.type                 'identity operation' 
_pdbx_struct_oper_list.name                 1_555 
_pdbx_struct_oper_list.symmetry_operation   x,y,z 
_pdbx_struct_oper_list.matrix[1][1]         1.0000000000 
_pdbx_struct_oper_list.matrix[1][2]         0.0000000000 
_pdbx_struct_oper_list.matrix[1][3]         0.0000000000 
_pdbx_struct_oper_list.vector[1]            0.0000000000 
_pdbx_struct_oper_list.matrix[2][1]         0.0000000000 
_pdbx_struct_oper_list.matrix[2][2]         1.0000000000 
_pdbx_struct_oper_list.matrix[2][3]         0.0000000000 
_pdbx_struct_oper_list.vector[2]            0.0000000000 
_pdbx_struct_oper_list.matrix[3][1]         0.0000000000 
_pdbx_struct_oper_list.matrix[3][2]         0.0000000000 
_pdbx_struct_oper_list.matrix[3][3]         1.0000000000 
_pdbx_struct_oper_list.vector[3]            0.0000000000 
# 
_struct_biol.id        1 
_struct_biol.details   ? 
# 
loop_
_struct_conf.conf_type_id 
_struct_conf.id 
_struct_conf.pdbx_PDB_helix_id 
_struct_conf.beg_label_comp_id 
_struct_conf.beg_label_asym_id 
_struct_conf.beg_label_seq_id 
_struct_conf.pdbx_beg_PDB_ins_code 
_struct_conf.end_label_comp_id 
_struct_conf.end_label_asym_id 
_struct_conf.end_label_seq_id 
_struct_conf.pdbx_end_PDB_ins_code 
_struct_conf.beg_auth_comp_id 
_struct_conf.beg_auth_asym_id 
_struct_conf.beg_auth_seq_id 
_struct_conf.end_auth_comp_id 
_struct_conf.end_auth_asym_id 
_struct_conf.end_auth_seq_id 
_struct_conf.pdbx_PDB_helix_class 
_struct_conf.details 
_struct_conf.pdbx_PDB_helix_length 
HELX_P HELX_P1 1 ASP A 31  ? ASP A 45  ? ASP A 58  ASP A 72  1 ? 15 
HELX_P HELX_P2 2 PRO A 46  ? VAL A 49  ? PRO A 73  VAL A 76  5 ? 4  
HELX_P HELX_P3 3 GLY A 71  ? LEU A 81  ? GLY A 98  LEU A 108 1 ? 11 
HELX_P HELX_P4 4 THR A 94  ? GLY A 103 ? THR A 121 GLY A 130 1 ? 10 
HELX_P HELX_P5 5 ALA A 104 ? THR A 106 ? ALA A 131 THR A 133 5 ? 3  
# 
_struct_conf_type.id          HELX_P 
_struct_conf_type.criteria    ? 
_struct_conf_type.reference   ? 
# 
loop_
_struct_conn.id 
_struct_conn.conn_type_id 
_struct_conn.pdbx_leaving_atom_flag 
_struct_conn.pdbx_PDB_id 
_struct_conn.ptnr1_label_asym_id 
_struct_conn.ptnr1_label_comp_id 
_struct_conn.ptnr1_label_seq_id 
_struct_conn.ptnr1_label_atom_id 
_struct_conn.pdbx_ptnr1_label_alt_id 
_struct_conn.pdbx_ptnr1_PDB_ins_code 
_struct_conn.pdbx_ptnr1_standard_comp_id 
_struct_conn.ptnr1_symmetry 
_struct_conn.ptnr2_label_asym_id 
_struct_conn.ptnr2_label_comp_id 
_struct_conn.ptnr2_label_seq_id 
_struct_conn.ptnr2_label_atom_id 
_struct_conn.pdbx_ptnr2_label_alt_id 
_struct_conn.pdbx_ptnr2_PDB_ins_code 
_struct_conn.ptnr1_auth_asym_id 
_struct_conn.ptnr1_auth_comp_id 
_struct_conn.ptnr1_auth_seq_id 
_struct_conn.ptnr2_auth_asym_id 
_struct_conn.ptnr2_auth_comp_id 
_struct_conn.ptnr2_auth_seq_id 
_struct_conn.ptnr2_symmetry 
_struct_conn.pdbx_ptnr3_label_atom_id 
_struct_conn.pdbx_ptnr3_label_seq_id 
_struct_conn.pdbx_ptnr3_label_comp_id 
_struct_conn.pdbx_ptnr3_label_asym_id 
_struct_conn.pdbx_ptnr3_label_alt_id 
_struct_conn.pdbx_ptnr3_PDB_ins_code 
_struct_conn.details 
_struct_conn.pdbx_dist_value 
_struct_conn.pdbx_value_order 
_struct_conn.pdbx_role 
metalc1 metalc ? ? C ATP . O1A ? ? ? 1_555 B MG  . MG ? ? A ATP 1 A MG  2   1_555 ? ? ? ? ? ? ? 2.142 ? ? 
metalc2 metalc ? ? C ATP . O1G ? ? ? 1_555 B MG  . MG ? ? A ATP 1 A MG  2   1_555 ? ? ? ? ? ? ? 2.180 ? ? 
metalc3 metalc ? ? C ATP . O2B ? ? ? 1_555 B MG  . MG ? ? A ATP 1 A MG  2   1_555 ? ? ? ? ? ? ? 2.076 ? ? 
metalc4 metalc ? ? B MG  . MG  ? ? ? 1_555 D HOH . O  ? ? A MG  2 A HOH 181 1_555 ? ? ? ? ? ? ? 2.216 ? ? 
metalc5 metalc ? ? B MG  . MG  ? ? ? 1_555 D HOH . O  ? ? A MG  2 A HOH 190 1_555 ? ? ? ? ? ? ? 2.256 ? ? 
metalc6 metalc ? ? B MG  . MG  ? ? ? 1_555 D HOH . O  ? ? A MG  2 A HOH 191 1_555 ? ? ? ? ? ? ? 2.275 ? ? 
# 
_struct_conn_type.id          metalc 
_struct_conn_type.criteria    ? 
_struct_conn_type.reference   ? 
# 
loop_
_pdbx_struct_conn_angle.id 
_pdbx_struct_conn_angle.ptnr1_label_atom_id 
_pdbx_struct_conn_angle.ptnr1_label_alt_id 
_pdbx_struct_conn_angle.ptnr1_label_asym_id 
_pdbx_struct_conn_angle.ptnr1_label_comp_id 
_pdbx_struct_conn_angle.ptnr1_label_seq_id 
_pdbx_struct_conn_angle.ptnr1_auth_atom_id 
_pdbx_struct_conn_angle.ptnr1_auth_asym_id 
_pdbx_struct_conn_angle.ptnr1_auth_comp_id 
_pdbx_struct_conn_angle.ptnr1_auth_seq_id 
_pdbx_struct_conn_angle.ptnr1_PDB_ins_code 
_pdbx_struct_conn_angle.ptnr1_symmetry 
_pdbx_struct_conn_angle.ptnr2_label_atom_id 
_pdbx_struct_conn_angle.ptnr2_label_alt_id 
_pdbx_struct_conn_angle.ptnr2_label_asym_id 
_pdbx_struct_conn_angle.ptnr2_label_comp_id 
_pdbx_struct_conn_angle.ptnr2_label_seq_id 
_pdbx_struct_conn_angle.ptnr2_auth_atom_id 
_pdbx_struct_conn_angle.ptnr2_auth_asym_id 
_pdbx_struct_conn_angle.ptnr2_auth_comp_id 
_pdbx_struct_conn_angle.ptnr2_auth_seq_id 
_pdbx_struct_conn_angle.ptnr2_PDB_ins_code 
_pdbx_struct_conn_angle.ptnr2_symmetry 
_pdbx_struct_conn_angle.ptnr3_label_atom_id 
_pdbx_struct_conn_angle.ptnr3_label_alt_id 
_pdbx_struct_conn_angle.ptnr3_label_asym_id 
_pdbx_struct_conn_angle.ptnr3_label_comp_id 
_pdbx_struct_conn_angle.ptnr3_label_seq_id 
_pdbx_struct_conn_angle.ptnr3_auth_atom_id 
_pdbx_struct_conn_angle.ptnr3_auth_asym_id 
_pdbx_struct_conn_angle.ptnr3_auth_comp_id 
_pdbx_struct_conn_angle.ptnr3_auth_seq_id 
_pdbx_struct_conn_angle.ptnr3_PDB_ins_code 
_pdbx_struct_conn_angle.ptnr3_symmetry 
_pdbx_struct_conn_angle.value 
_pdbx_struct_conn_angle.value_esd 
1  O1A ? C ATP . ? A ATP 1   ? 1_555 MG ? B MG . ? A MG 2 ? 1_555 O1G ? C ATP . ? A ATP 1   ? 1_555 88.0  ? 
2  O1A ? C ATP . ? A ATP 1   ? 1_555 MG ? B MG . ? A MG 2 ? 1_555 O2B ? C ATP . ? A ATP 1   ? 1_555 81.1  ? 
3  O1G ? C ATP . ? A ATP 1   ? 1_555 MG ? B MG . ? A MG 2 ? 1_555 O2B ? C ATP . ? A ATP 1   ? 1_555 83.2  ? 
4  O1A ? C ATP . ? A ATP 1   ? 1_555 MG ? B MG . ? A MG 2 ? 1_555 O   ? D HOH . ? A HOH 181 ? 1_555 93.1  ? 
5  O1G ? C ATP . ? A ATP 1   ? 1_555 MG ? B MG . ? A MG 2 ? 1_555 O   ? D HOH . ? A HOH 181 ? 1_555 91.0  ? 
6  O2B ? C ATP . ? A ATP 1   ? 1_555 MG ? B MG . ? A MG 2 ? 1_555 O   ? D HOH . ? A HOH 181 ? 1_555 171.9 ? 
7  O1A ? C ATP . ? A ATP 1   ? 1_555 MG ? B MG . ? A MG 2 ? 1_555 O   ? D HOH . ? A HOH 190 ? 1_555 86.6  ? 
8  O1G ? C ATP . ? A ATP 1   ? 1_555 MG ? B MG . ? A MG 2 ? 1_555 O   ? D HOH . ? A HOH 190 ? 1_555 174.6 ? 
9  O2B ? C ATP . ? A ATP 1   ? 1_555 MG ? B MG . ? A MG 2 ? 1_555 O   ? D HOH . ? A HOH 190 ? 1_555 96.4  ? 
10 O   ? D HOH . ? A HOH 181 ? 1_555 MG ? B MG . ? A MG 2 ? 1_555 O   ? D HOH . ? A HOH 190 ? 1_555 88.8  ? 
11 O1A ? C ATP . ? A ATP 1   ? 1_555 MG ? B MG . ? A MG 2 ? 1_555 O   ? D HOH . ? A HOH 191 ? 1_555 167.9 ? 
12 O1G ? C ATP . ? A ATP 1   ? 1_555 MG ? B MG . ? A MG 2 ? 1_555 O   ? D HOH . ? A HOH 191 ? 1_555 103.3 ? 
13 O2B ? C ATP . ? A ATP 1   ? 1_555 MG ? B MG . ? A MG 2 ? 1_555 O   ? D HOH . ? A HOH 191 ? 1_555 95.7  ? 
14 O   ? D HOH . ? A HOH 181 ? 1_555 MG ? B MG . ? A MG 2 ? 1_555 O   ? D HOH . ? A HOH 191 ? 1_555 91.0  ? 
15 O   ? D HOH . ? A HOH 190 ? 1_555 MG ? B MG . ? A MG 2 ? 1_555 O   ? D HOH . ? A HOH 191 ? 1_555 82.1  ? 
# 
_struct_sheet.id               A 
_struct_sheet.type             ? 
_struct_sheet.number_strands   5 
_struct_sheet.details          ? 
# 
loop_
_struct_sheet_order.sheet_id 
_struct_sheet_order.range_id_1 
_struct_sheet_order.range_id_2 
_struct_sheet_order.offset 
_struct_sheet_order.sense 
A 1 2 ? anti-parallel 
A 2 3 ? parallel      
A 3 4 ? anti-parallel 
A 4 5 ? parallel      
# 
loop_
_struct_sheet_range.sheet_id 
_struct_sheet_range.id 
_struct_sheet_range.beg_label_comp_id 
_struct_sheet_range.beg_label_asym_id 
_struct_sheet_range.beg_label_seq_id 
_struct_sheet_range.pdbx_beg_PDB_ins_code 
_struct_sheet_range.end_label_comp_id 
_struct_sheet_range.end_label_asym_id 
_struct_sheet_range.end_label_seq_id 
_struct_sheet_range.pdbx_end_PDB_ins_code 
_struct_sheet_range.beg_auth_comp_id 
_struct_sheet_range.beg_auth_asym_id 
_struct_sheet_range.beg_auth_seq_id 
_struct_sheet_range.end_auth_comp_id 
_struct_sheet_range.end_auth_asym_id 
_struct_sheet_range.end_auth_seq_id 
A 1 ALA A 12 ? PRO A 18 ? ALA A 39  PRO A 45  
A 2 THR A 85 ? SER A 93 ? THR A 112 SER A 120 
A 3 ILE A 52 ? LYS A 58 ? ILE A 79  LYS A 85  
A 4 ASP A 64 ? TYR A 67 ? ASP A 91  TYR A 94  
A 5 LEU A 22 ? ILE A 23 ? LEU A 49  ILE A 50  
# 
loop_
_pdbx_struct_sheet_hbond.sheet_id 
_pdbx_struct_sheet_hbond.range_id_1 
_pdbx_struct_sheet_hbond.range_id_2 
_pdbx_struct_sheet_hbond.range_1_label_atom_id 
_pdbx_struct_sheet_hbond.range_1_label_comp_id 
_pdbx_struct_sheet_hbond.range_1_label_asym_id 
_pdbx_struct_sheet_hbond.range_1_label_seq_id 
_pdbx_struct_sheet_hbond.range_1_PDB_ins_code 
_pdbx_struct_sheet_hbond.range_1_auth_atom_id 
_pdbx_struct_sheet_hbond.range_1_auth_comp_id 
_pdbx_struct_sheet_hbond.range_1_auth_asym_id 
_pdbx_struct_sheet_hbond.range_1_auth_seq_id 
_pdbx_struct_sheet_hbond.range_2_label_atom_id 
_pdbx_struct_sheet_hbond.range_2_label_comp_id 
_pdbx_struct_sheet_hbond.range_2_label_asym_id 
_pdbx_struct_sheet_hbond.range_2_label_seq_id 
_pdbx_struct_sheet_hbond.range_2_PDB_ins_code 
_pdbx_struct_sheet_hbond.range_2_auth_atom_id 
_pdbx_struct_sheet_hbond.range_2_auth_comp_id 
_pdbx_struct_sheet_hbond.range_2_auth_asym_id 
_pdbx_struct_sheet_hbond.range_2_auth_seq_id 
A 1 2 N HIS A 15 ? N HIS A 42  O ALA A 88 ? O ALA A 115 
A 2 3 O VAL A 91 ? O VAL A 118 N VAL A 54 ? N VAL A 81  
A 3 4 N ILE A 57 ? N ILE A 84  O TYR A 65 ? O TYR A 92  
A 4 5 O PHE A 66 ? O PHE A 93  N ILE A 23 ? N ILE A 50  
# 
loop_
_struct_site.id 
_struct_site.pdbx_evidence_code 
_struct_site.pdbx_auth_asym_id 
_struct_site.pdbx_auth_comp_id 
_struct_site.pdbx_auth_seq_id 
_struct_site.pdbx_auth_ins_code 
_struct_site.pdbx_num_residues 
_struct_site.details 
AC1 Software A MG  2 ? 3  'BINDING SITE FOR RESIDUE MG A 2'  
AC2 Software A ATP 1 ? 15 'BINDING SITE FOR RESIDUE ATP A 1' 
# 
loop_
_struct_site_gen.id 
_struct_site_gen.site_id 
_struct_site_gen.pdbx_num_res 
_struct_site_gen.label_comp_id 
_struct_site_gen.label_asym_id 
_struct_site_gen.label_seq_id 
_struct_site_gen.pdbx_auth_ins_code 
_struct_site_gen.auth_comp_id 
_struct_site_gen.auth_asym_id 
_struct_site_gen.auth_seq_id 
_struct_site_gen.label_atom_id 
_struct_site_gen.label_alt_id 
_struct_site_gen.symmetry 
_struct_site_gen.details 
1  AC1 3  HOH D .  ? HOH A 181 . ? 1_555 ? 
2  AC1 3  HOH D .  ? HOH A 190 . ? 1_555 ? 
3  AC1 3  HOH D .  ? HOH A 191 . ? 1_555 ? 
4  AC2 15 LYS A 34 ? LYS A 61  . ? 1_555 ? 
5  AC2 15 SER A 37 ? SER A 64  . ? 1_555 ? 
6  AC2 15 LEU A 38 ? LEU A 65  . ? 1_555 ? 
7  AC2 15 THR A 41 ? THR A 68  . ? 1_555 ? 
8  AC2 15 SER A 48 ? SER A 75  . ? 1_555 ? 
9  AC2 15 PRO A 50 ? PRO A 77  . ? 1_555 ? 
10 AC2 15 GLY A 71 ? GLY A 98  . ? 1_555 ? 
11 AC2 15 SER A 72 ? SER A 99  . ? 1_555 ? 
12 AC2 15 HIS A 73 ? HIS A 100 . ? 1_555 ? 
13 AC2 15 ARG A 74 ? ARG A 101 . ? 1_555 ? 
14 AC2 15 HOH D .  ? HOH A 172 . ? 1_555 ? 
15 AC2 15 HOH D .  ? HOH A 179 . ? 1_555 ? 
16 AC2 15 HOH D .  ? HOH A 180 . ? 1_555 ? 
17 AC2 15 HOH D .  ? HOH A 190 . ? 1_555 ? 
18 AC2 15 HOH D .  ? HOH A 192 . ? 1_555 ? 
# 
_pdbx_validate_rmsd_angle.id                         1 
_pdbx_validate_rmsd_angle.PDB_model_num              1 
_pdbx_validate_rmsd_angle.auth_atom_id_1             NE 
_pdbx_validate_rmsd_angle.auth_asym_id_1             A 
_pdbx_validate_rmsd_angle.auth_comp_id_1             ARG 
_pdbx_validate_rmsd_angle.auth_seq_id_1              51 
_pdbx_validate_rmsd_angle.PDB_ins_code_1             ? 
_pdbx_validate_rmsd_angle.label_alt_id_1             ? 
_pdbx_validate_rmsd_angle.auth_atom_id_2             CZ 
_pdbx_validate_rmsd_angle.auth_asym_id_2             A 
_pdbx_validate_rmsd_angle.auth_comp_id_2             ARG 
_pdbx_validate_rmsd_angle.auth_seq_id_2              51 
_pdbx_validate_rmsd_angle.PDB_ins_code_2             ? 
_pdbx_validate_rmsd_angle.label_alt_id_2             ? 
_pdbx_validate_rmsd_angle.auth_atom_id_3             NH2 
_pdbx_validate_rmsd_angle.auth_asym_id_3             A 
_pdbx_validate_rmsd_angle.auth_comp_id_3             ARG 
_pdbx_validate_rmsd_angle.auth_seq_id_3              51 
_pdbx_validate_rmsd_angle.PDB_ins_code_3             ? 
_pdbx_validate_rmsd_angle.label_alt_id_3             ? 
_pdbx_validate_rmsd_angle.angle_value                123.75 
_pdbx_validate_rmsd_angle.angle_target_value         120.30 
_pdbx_validate_rmsd_angle.angle_deviation            3.45 
_pdbx_validate_rmsd_angle.angle_standard_deviation   0.50 
_pdbx_validate_rmsd_angle.linker_flag                N 
# 
_pdbx_validate_torsion.id              1 
_pdbx_validate_torsion.PDB_model_num   1 
_pdbx_validate_torsion.auth_comp_id    ASP 
_pdbx_validate_torsion.auth_asym_id    A 
_pdbx_validate_torsion.auth_seq_id     72 
_pdbx_validate_torsion.PDB_ins_code    ? 
_pdbx_validate_torsion.label_alt_id    ? 
_pdbx_validate_torsion.phi             -155.85 
_pdbx_validate_torsion.psi             64.91 
# 
loop_
_pdbx_unobs_or_zero_occ_residues.id 
_pdbx_unobs_or_zero_occ_residues.PDB_model_num 
_pdbx_unobs_or_zero_occ_residues.polymer_flag 
_pdbx_unobs_or_zero_occ_residues.occupancy_flag 
_pdbx_unobs_or_zero_occ_residues.auth_asym_id 
_pdbx_unobs_or_zero_occ_residues.auth_comp_id 
_pdbx_unobs_or_zero_occ_residues.auth_seq_id 
_pdbx_unobs_or_zero_occ_residues.PDB_ins_code 
_pdbx_unobs_or_zero_occ_residues.label_asym_id 
_pdbx_unobs_or_zero_occ_residues.label_comp_id 
_pdbx_unobs_or_zero_occ_residues.label_seq_id 
1 1 Y 1 A GLY 28 ? A GLY 1 
2 1 Y 1 A PRO 29 ? A PRO 2 
3 1 Y 1 A HIS 30 ? A HIS 3 
# 
loop_
_chem_comp_atom.comp_id 
_chem_comp_atom.atom_id 
_chem_comp_atom.type_symbol 
_chem_comp_atom.pdbx_aromatic_flag 
_chem_comp_atom.pdbx_stereo_config 
_chem_comp_atom.pdbx_ordinal 
ALA N      N  N N 1   
ALA CA     C  N S 2   
ALA C      C  N N 3   
ALA O      O  N N 4   
ALA CB     C  N N 5   
ALA OXT    O  N N 6   
ALA H      H  N N 7   
ALA H2     H  N N 8   
ALA HA     H  N N 9   
ALA HB1    H  N N 10  
ALA HB2    H  N N 11  
ALA HB3    H  N N 12  
ALA HXT    H  N N 13  
ARG N      N  N N 14  
ARG CA     C  N S 15  
ARG C      C  N N 16  
ARG O      O  N N 17  
ARG CB     C  N N 18  
ARG CG     C  N N 19  
ARG CD     C  N N 20  
ARG NE     N  N N 21  
ARG CZ     C  N N 22  
ARG NH1    N  N N 23  
ARG NH2    N  N N 24  
ARG OXT    O  N N 25  
ARG H      H  N N 26  
ARG H2     H  N N 27  
ARG HA     H  N N 28  
ARG HB2    H  N N 29  
ARG HB3    H  N N 30  
ARG HG2    H  N N 31  
ARG HG3    H  N N 32  
ARG HD2    H  N N 33  
ARG HD3    H  N N 34  
ARG HE     H  N N 35  
ARG HH11   H  N N 36  
ARG HH12   H  N N 37  
ARG HH21   H  N N 38  
ARG HH22   H  N N 39  
ARG HXT    H  N N 40  
ASN N      N  N N 41  
ASN CA     C  N S 42  
ASN C      C  N N 43  
ASN O      O  N N 44  
ASN CB     C  N N 45  
ASN CG     C  N N 46  
ASN OD1    O  N N 47  
ASN ND2    N  N N 48  
ASN OXT    O  N N 49  
ASN H      H  N N 50  
ASN H2     H  N N 51  
ASN HA     H  N N 52  
ASN HB2    H  N N 53  
ASN HB3    H  N N 54  
ASN HD21   H  N N 55  
ASN HD22   H  N N 56  
ASN HXT    H  N N 57  
ASP N      N  N N 58  
ASP CA     C  N S 59  
ASP C      C  N N 60  
ASP O      O  N N 61  
ASP CB     C  N N 62  
ASP CG     C  N N 63  
ASP OD1    O  N N 64  
ASP OD2    O  N N 65  
ASP OXT    O  N N 66  
ASP H      H  N N 67  
ASP H2     H  N N 68  
ASP HA     H  N N 69  
ASP HB2    H  N N 70  
ASP HB3    H  N N 71  
ASP HD2    H  N N 72  
ASP HXT    H  N N 73  
ATP PG     P  N N 74  
ATP O1G    O  N N 75  
ATP O2G    O  N N 76  
ATP O3G    O  N N 77  
ATP PB     P  N R 78  
ATP O1B    O  N N 79  
ATP O2B    O  N N 80  
ATP O3B    O  N N 81  
ATP PA     P  N R 82  
ATP O1A    O  N N 83  
ATP O2A    O  N N 84  
ATP O3A    O  N N 85  
ATP "O5'"  O  N N 86  
ATP "C5'"  C  N N 87  
ATP "C4'"  C  N R 88  
ATP "O4'"  O  N N 89  
ATP "C3'"  C  N S 90  
ATP "O3'"  O  N N 91  
ATP "C2'"  C  N R 92  
ATP "O2'"  O  N N 93  
ATP "C1'"  C  N R 94  
ATP N9     N  Y N 95  
ATP C8     C  Y N 96  
ATP N7     N  Y N 97  
ATP C5     C  Y N 98  
ATP C6     C  Y N 99  
ATP N6     N  N N 100 
ATP N1     N  Y N 101 
ATP C2     C  Y N 102 
ATP N3     N  Y N 103 
ATP C4     C  Y N 104 
ATP HOG2   H  N N 105 
ATP HOG3   H  N N 106 
ATP HOB2   H  N N 107 
ATP HOA2   H  N N 108 
ATP "H5'1" H  N N 109 
ATP "H5'2" H  N N 110 
ATP "H4'"  H  N N 111 
ATP "H3'"  H  N N 112 
ATP "HO3'" H  N N 113 
ATP "H2'"  H  N N 114 
ATP "HO2'" H  N N 115 
ATP "H1'"  H  N N 116 
ATP H8     H  N N 117 
ATP HN61   H  N N 118 
ATP HN62   H  N N 119 
ATP H2     H  N N 120 
CYS N      N  N N 121 
CYS CA     C  N R 122 
CYS C      C  N N 123 
CYS O      O  N N 124 
CYS CB     C  N N 125 
CYS SG     S  N N 126 
CYS OXT    O  N N 127 
CYS H      H  N N 128 
CYS H2     H  N N 129 
CYS HA     H  N N 130 
CYS HB2    H  N N 131 
CYS HB3    H  N N 132 
CYS HG     H  N N 133 
CYS HXT    H  N N 134 
GLN N      N  N N 135 
GLN CA     C  N S 136 
GLN C      C  N N 137 
GLN O      O  N N 138 
GLN CB     C  N N 139 
GLN CG     C  N N 140 
GLN CD     C  N N 141 
GLN OE1    O  N N 142 
GLN NE2    N  N N 143 
GLN OXT    O  N N 144 
GLN H      H  N N 145 
GLN H2     H  N N 146 
GLN HA     H  N N 147 
GLN HB2    H  N N 148 
GLN HB3    H  N N 149 
GLN HG2    H  N N 150 
GLN HG3    H  N N 151 
GLN HE21   H  N N 152 
GLN HE22   H  N N 153 
GLN HXT    H  N N 154 
GLU N      N  N N 155 
GLU CA     C  N S 156 
GLU C      C  N N 157 
GLU O      O  N N 158 
GLU CB     C  N N 159 
GLU CG     C  N N 160 
GLU CD     C  N N 161 
GLU OE1    O  N N 162 
GLU OE2    O  N N 163 
GLU OXT    O  N N 164 
GLU H      H  N N 165 
GLU H2     H  N N 166 
GLU HA     H  N N 167 
GLU HB2    H  N N 168 
GLU HB3    H  N N 169 
GLU HG2    H  N N 170 
GLU HG3    H  N N 171 
GLU HE2    H  N N 172 
GLU HXT    H  N N 173 
GLY N      N  N N 174 
GLY CA     C  N N 175 
GLY C      C  N N 176 
GLY O      O  N N 177 
GLY OXT    O  N N 178 
GLY H      H  N N 179 
GLY H2     H  N N 180 
GLY HA2    H  N N 181 
GLY HA3    H  N N 182 
GLY HXT    H  N N 183 
HIS N      N  N N 184 
HIS CA     C  N S 185 
HIS C      C  N N 186 
HIS O      O  N N 187 
HIS CB     C  N N 188 
HIS CG     C  Y N 189 
HIS ND1    N  Y N 190 
HIS CD2    C  Y N 191 
HIS CE1    C  Y N 192 
HIS NE2    N  Y N 193 
HIS OXT    O  N N 194 
HIS H      H  N N 195 
HIS H2     H  N N 196 
HIS HA     H  N N 197 
HIS HB2    H  N N 198 
HIS HB3    H  N N 199 
HIS HD1    H  N N 200 
HIS HD2    H  N N 201 
HIS HE1    H  N N 202 
HIS HE2    H  N N 203 
HIS HXT    H  N N 204 
HOH O      O  N N 205 
HOH H1     H  N N 206 
HOH H2     H  N N 207 
ILE N      N  N N 208 
ILE CA     C  N S 209 
ILE C      C  N N 210 
ILE O      O  N N 211 
ILE CB     C  N S 212 
ILE CG1    C  N N 213 
ILE CG2    C  N N 214 
ILE CD1    C  N N 215 
ILE OXT    O  N N 216 
ILE H      H  N N 217 
ILE H2     H  N N 218 
ILE HA     H  N N 219 
ILE HB     H  N N 220 
ILE HG12   H  N N 221 
ILE HG13   H  N N 222 
ILE HG21   H  N N 223 
ILE HG22   H  N N 224 
ILE HG23   H  N N 225 
ILE HD11   H  N N 226 
ILE HD12   H  N N 227 
ILE HD13   H  N N 228 
ILE HXT    H  N N 229 
LEU N      N  N N 230 
LEU CA     C  N S 231 
LEU C      C  N N 232 
LEU O      O  N N 233 
LEU CB     C  N N 234 
LEU CG     C  N N 235 
LEU CD1    C  N N 236 
LEU CD2    C  N N 237 
LEU OXT    O  N N 238 
LEU H      H  N N 239 
LEU H2     H  N N 240 
LEU HA     H  N N 241 
LEU HB2    H  N N 242 
LEU HB3    H  N N 243 
LEU HG     H  N N 244 
LEU HD11   H  N N 245 
LEU HD12   H  N N 246 
LEU HD13   H  N N 247 
LEU HD21   H  N N 248 
LEU HD22   H  N N 249 
LEU HD23   H  N N 250 
LEU HXT    H  N N 251 
LYS N      N  N N 252 
LYS CA     C  N S 253 
LYS C      C  N N 254 
LYS O      O  N N 255 
LYS CB     C  N N 256 
LYS CG     C  N N 257 
LYS CD     C  N N 258 
LYS CE     C  N N 259 
LYS NZ     N  N N 260 
LYS OXT    O  N N 261 
LYS H      H  N N 262 
LYS H2     H  N N 263 
LYS HA     H  N N 264 
LYS HB2    H  N N 265 
LYS HB3    H  N N 266 
LYS HG2    H  N N 267 
LYS HG3    H  N N 268 
LYS HD2    H  N N 269 
LYS HD3    H  N N 270 
LYS HE2    H  N N 271 
LYS HE3    H  N N 272 
LYS HZ1    H  N N 273 
LYS HZ2    H  N N 274 
LYS HZ3    H  N N 275 
LYS HXT    H  N N 276 
MET N      N  N N 277 
MET CA     C  N S 278 
MET C      C  N N 279 
MET O      O  N N 280 
MET CB     C  N N 281 
MET CG     C  N N 282 
MET SD     S  N N 283 
MET CE     C  N N 284 
MET OXT    O  N N 285 
MET H      H  N N 286 
MET H2     H  N N 287 
MET HA     H  N N 288 
MET HB2    H  N N 289 
MET HB3    H  N N 290 
MET HG2    H  N N 291 
MET HG3    H  N N 292 
MET HE1    H  N N 293 
MET HE2    H  N N 294 
MET HE3    H  N N 295 
MET HXT    H  N N 296 
MG  MG     MG N N 297 
PHE N      N  N N 298 
PHE CA     C  N S 299 
PHE C      C  N N 300 
PHE O      O  N N 301 
PHE CB     C  N N 302 
PHE CG     C  Y N 303 
PHE CD1    C  Y N 304 
PHE CD2    C  Y N 305 
PHE CE1    C  Y N 306 
PHE CE2    C  Y N 307 
PHE CZ     C  Y N 308 
PHE OXT    O  N N 309 
PHE H      H  N N 310 
PHE H2     H  N N 311 
PHE HA     H  N N 312 
PHE HB2    H  N N 313 
PHE HB3    H  N N 314 
PHE HD1    H  N N 315 
PHE HD2    H  N N 316 
PHE HE1    H  N N 317 
PHE HE2    H  N N 318 
PHE HZ     H  N N 319 
PHE HXT    H  N N 320 
PRO N      N  N N 321 
PRO CA     C  N S 322 
PRO C      C  N N 323 
PRO O      O  N N 324 
PRO CB     C  N N 325 
PRO CG     C  N N 326 
PRO CD     C  N N 327 
PRO OXT    O  N N 328 
PRO H      H  N N 329 
PRO HA     H  N N 330 
PRO HB2    H  N N 331 
PRO HB3    H  N N 332 
PRO HG2    H  N N 333 
PRO HG3    H  N N 334 
PRO HD2    H  N N 335 
PRO HD3    H  N N 336 
PRO HXT    H  N N 337 
SER N      N  N N 338 
SER CA     C  N S 339 
SER C      C  N N 340 
SER O      O  N N 341 
SER CB     C  N N 342 
SER OG     O  N N 343 
SER OXT    O  N N 344 
SER H      H  N N 345 
SER H2     H  N N 346 
SER HA     H  N N 347 
SER HB2    H  N N 348 
SER HB3    H  N N 349 
SER HG     H  N N 350 
SER HXT    H  N N 351 
THR N      N  N N 352 
THR CA     C  N S 353 
THR C      C  N N 354 
THR O      O  N N 355 
THR CB     C  N R 356 
THR OG1    O  N N 357 
THR CG2    C  N N 358 
THR OXT    O  N N 359 
THR H      H  N N 360 
THR H2     H  N N 361 
THR HA     H  N N 362 
THR HB     H  N N 363 
THR HG1    H  N N 364 
THR HG21   H  N N 365 
THR HG22   H  N N 366 
THR HG23   H  N N 367 
THR HXT    H  N N 368 
TRP N      N  N N 369 
TRP CA     C  N S 370 
TRP C      C  N N 371 
TRP O      O  N N 372 
TRP CB     C  N N 373 
TRP CG     C  Y N 374 
TRP CD1    C  Y N 375 
TRP CD2    C  Y N 376 
TRP NE1    N  Y N 377 
TRP CE2    C  Y N 378 
TRP CE3    C  Y N 379 
TRP CZ2    C  Y N 380 
TRP CZ3    C  Y N 381 
TRP CH2    C  Y N 382 
TRP OXT    O  N N 383 
TRP H      H  N N 384 
TRP H2     H  N N 385 
TRP HA     H  N N 386 
TRP HB2    H  N N 387 
TRP HB3    H  N N 388 
TRP HD1    H  N N 389 
TRP HE1    H  N N 390 
TRP HE3    H  N N 391 
TRP HZ2    H  N N 392 
TRP HZ3    H  N N 393 
TRP HH2    H  N N 394 
TRP HXT    H  N N 395 
TYR N      N  N N 396 
TYR CA     C  N S 397 
TYR C      C  N N 398 
TYR O      O  N N 399 
TYR CB     C  N N 400 
TYR CG     C  Y N 401 
TYR CD1    C  Y N 402 
TYR CD2    C  Y N 403 
TYR CE1    C  Y N 404 
TYR CE2    C  Y N 405 
TYR CZ     C  Y N 406 
TYR OH     O  N N 407 
TYR OXT    O  N N 408 
TYR H      H  N N 409 
TYR H2     H  N N 410 
TYR HA     H  N N 411 
TYR HB2    H  N N 412 
TYR HB3    H  N N 413 
TYR HD1    H  N N 414 
TYR HD2    H  N N 415 
TYR HE1    H  N N 416 
TYR HE2    H  N N 417 
TYR HH     H  N N 418 
TYR HXT    H  N N 419 
VAL N      N  N N 420 
VAL CA     C  N S 421 
VAL C      C  N N 422 
VAL O      O  N N 423 
VAL CB     C  N N 424 
VAL CG1    C  N N 425 
VAL CG2    C  N N 426 
VAL OXT    O  N N 427 
VAL H      H  N N 428 
VAL H2     H  N N 429 
VAL HA     H  N N 430 
VAL HB     H  N N 431 
VAL HG11   H  N N 432 
VAL HG12   H  N N 433 
VAL HG13   H  N N 434 
VAL HG21   H  N N 435 
VAL HG22   H  N N 436 
VAL HG23   H  N N 437 
VAL HXT    H  N N 438 
# 
loop_
_chem_comp_bond.comp_id 
_chem_comp_bond.atom_id_1 
_chem_comp_bond.atom_id_2 
_chem_comp_bond.value_order 
_chem_comp_bond.pdbx_aromatic_flag 
_chem_comp_bond.pdbx_stereo_config 
_chem_comp_bond.pdbx_ordinal 
ALA N     CA     sing N N 1   
ALA N     H      sing N N 2   
ALA N     H2     sing N N 3   
ALA CA    C      sing N N 4   
ALA CA    CB     sing N N 5   
ALA CA    HA     sing N N 6   
ALA C     O      doub N N 7   
ALA C     OXT    sing N N 8   
ALA CB    HB1    sing N N 9   
ALA CB    HB2    sing N N 10  
ALA CB    HB3    sing N N 11  
ALA OXT   HXT    sing N N 12  
ARG N     CA     sing N N 13  
ARG N     H      sing N N 14  
ARG N     H2     sing N N 15  
ARG CA    C      sing N N 16  
ARG CA    CB     sing N N 17  
ARG CA    HA     sing N N 18  
ARG C     O      doub N N 19  
ARG C     OXT    sing N N 20  
ARG CB    CG     sing N N 21  
ARG CB    HB2    sing N N 22  
ARG CB    HB3    sing N N 23  
ARG CG    CD     sing N N 24  
ARG CG    HG2    sing N N 25  
ARG CG    HG3    sing N N 26  
ARG CD    NE     sing N N 27  
ARG CD    HD2    sing N N 28  
ARG CD    HD3    sing N N 29  
ARG NE    CZ     sing N N 30  
ARG NE    HE     sing N N 31  
ARG CZ    NH1    sing N N 32  
ARG CZ    NH2    doub N N 33  
ARG NH1   HH11   sing N N 34  
ARG NH1   HH12   sing N N 35  
ARG NH2   HH21   sing N N 36  
ARG NH2   HH22   sing N N 37  
ARG OXT   HXT    sing N N 38  
ASN N     CA     sing N N 39  
ASN N     H      sing N N 40  
ASN N     H2     sing N N 41  
ASN CA    C      sing N N 42  
ASN CA    CB     sing N N 43  
ASN CA    HA     sing N N 44  
ASN C     O      doub N N 45  
ASN C     OXT    sing N N 46  
ASN CB    CG     sing N N 47  
ASN CB    HB2    sing N N 48  
ASN CB    HB3    sing N N 49  
ASN CG    OD1    doub N N 50  
ASN CG    ND2    sing N N 51  
ASN ND2   HD21   sing N N 52  
ASN ND2   HD22   sing N N 53  
ASN OXT   HXT    sing N N 54  
ASP N     CA     sing N N 55  
ASP N     H      sing N N 56  
ASP N     H2     sing N N 57  
ASP CA    C      sing N N 58  
ASP CA    CB     sing N N 59  
ASP CA    HA     sing N N 60  
ASP C     O      doub N N 61  
ASP C     OXT    sing N N 62  
ASP CB    CG     sing N N 63  
ASP CB    HB2    sing N N 64  
ASP CB    HB3    sing N N 65  
ASP CG    OD1    doub N N 66  
ASP CG    OD2    sing N N 67  
ASP OD2   HD2    sing N N 68  
ASP OXT   HXT    sing N N 69  
ATP PG    O1G    doub N N 70  
ATP PG    O2G    sing N N 71  
ATP PG    O3G    sing N N 72  
ATP PG    O3B    sing N N 73  
ATP O2G   HOG2   sing N N 74  
ATP O3G   HOG3   sing N N 75  
ATP PB    O1B    doub N N 76  
ATP PB    O2B    sing N N 77  
ATP PB    O3B    sing N N 78  
ATP PB    O3A    sing N N 79  
ATP O2B   HOB2   sing N N 80  
ATP PA    O1A    doub N N 81  
ATP PA    O2A    sing N N 82  
ATP PA    O3A    sing N N 83  
ATP PA    "O5'"  sing N N 84  
ATP O2A   HOA2   sing N N 85  
ATP "O5'" "C5'"  sing N N 86  
ATP "C5'" "C4'"  sing N N 87  
ATP "C5'" "H5'1" sing N N 88  
ATP "C5'" "H5'2" sing N N 89  
ATP "C4'" "O4'"  sing N N 90  
ATP "C4'" "C3'"  sing N N 91  
ATP "C4'" "H4'"  sing N N 92  
ATP "O4'" "C1'"  sing N N 93  
ATP "C3'" "O3'"  sing N N 94  
ATP "C3'" "C2'"  sing N N 95  
ATP "C3'" "H3'"  sing N N 96  
ATP "O3'" "HO3'" sing N N 97  
ATP "C2'" "O2'"  sing N N 98  
ATP "C2'" "C1'"  sing N N 99  
ATP "C2'" "H2'"  sing N N 100 
ATP "O2'" "HO2'" sing N N 101 
ATP "C1'" N9     sing N N 102 
ATP "C1'" "H1'"  sing N N 103 
ATP N9    C8     sing Y N 104 
ATP N9    C4     sing Y N 105 
ATP C8    N7     doub Y N 106 
ATP C8    H8     sing N N 107 
ATP N7    C5     sing Y N 108 
ATP C5    C6     sing Y N 109 
ATP C5    C4     doub Y N 110 
ATP C6    N6     sing N N 111 
ATP C6    N1     doub Y N 112 
ATP N6    HN61   sing N N 113 
ATP N6    HN62   sing N N 114 
ATP N1    C2     sing Y N 115 
ATP C2    N3     doub Y N 116 
ATP C2    H2     sing N N 117 
ATP N3    C4     sing Y N 118 
CYS N     CA     sing N N 119 
CYS N     H      sing N N 120 
CYS N     H2     sing N N 121 
CYS CA    C      sing N N 122 
CYS CA    CB     sing N N 123 
CYS CA    HA     sing N N 124 
CYS C     O      doub N N 125 
CYS C     OXT    sing N N 126 
CYS CB    SG     sing N N 127 
CYS CB    HB2    sing N N 128 
CYS CB    HB3    sing N N 129 
CYS SG    HG     sing N N 130 
CYS OXT   HXT    sing N N 131 
GLN N     CA     sing N N 132 
GLN N     H      sing N N 133 
GLN N     H2     sing N N 134 
GLN CA    C      sing N N 135 
GLN CA    CB     sing N N 136 
GLN CA    HA     sing N N 137 
GLN C     O      doub N N 138 
GLN C     OXT    sing N N 139 
GLN CB    CG     sing N N 140 
GLN CB    HB2    sing N N 141 
GLN CB    HB3    sing N N 142 
GLN CG    CD     sing N N 143 
GLN CG    HG2    sing N N 144 
GLN CG    HG3    sing N N 145 
GLN CD    OE1    doub N N 146 
GLN CD    NE2    sing N N 147 
GLN NE2   HE21   sing N N 148 
GLN NE2   HE22   sing N N 149 
GLN OXT   HXT    sing N N 150 
GLU N     CA     sing N N 151 
GLU N     H      sing N N 152 
GLU N     H2     sing N N 153 
GLU CA    C      sing N N 154 
GLU CA    CB     sing N N 155 
GLU CA    HA     sing N N 156 
GLU C     O      doub N N 157 
GLU C     OXT    sing N N 158 
GLU CB    CG     sing N N 159 
GLU CB    HB2    sing N N 160 
GLU CB    HB3    sing N N 161 
GLU CG    CD     sing N N 162 
GLU CG    HG2    sing N N 163 
GLU CG    HG3    sing N N 164 
GLU CD    OE1    doub N N 165 
GLU CD    OE2    sing N N 166 
GLU OE2   HE2    sing N N 167 
GLU OXT   HXT    sing N N 168 
GLY N     CA     sing N N 169 
GLY N     H      sing N N 170 
GLY N     H2     sing N N 171 
GLY CA    C      sing N N 172 
GLY CA    HA2    sing N N 173 
GLY CA    HA3    sing N N 174 
GLY C     O      doub N N 175 
GLY C     OXT    sing N N 176 
GLY OXT   HXT    sing N N 177 
HIS N     CA     sing N N 178 
HIS N     H      sing N N 179 
HIS N     H2     sing N N 180 
HIS CA    C      sing N N 181 
HIS CA    CB     sing N N 182 
HIS CA    HA     sing N N 183 
HIS C     O      doub N N 184 
HIS C     OXT    sing N N 185 
HIS CB    CG     sing N N 186 
HIS CB    HB2    sing N N 187 
HIS CB    HB3    sing N N 188 
HIS CG    ND1    sing Y N 189 
HIS CG    CD2    doub Y N 190 
HIS ND1   CE1    doub Y N 191 
HIS ND1   HD1    sing N N 192 
HIS CD2   NE2    sing Y N 193 
HIS CD2   HD2    sing N N 194 
HIS CE1   NE2    sing Y N 195 
HIS CE1   HE1    sing N N 196 
HIS NE2   HE2    sing N N 197 
HIS OXT   HXT    sing N N 198 
HOH O     H1     sing N N 199 
HOH O     H2     sing N N 200 
ILE N     CA     sing N N 201 
ILE N     H      sing N N 202 
ILE N     H2     sing N N 203 
ILE CA    C      sing N N 204 
ILE CA    CB     sing N N 205 
ILE CA    HA     sing N N 206 
ILE C     O      doub N N 207 
ILE C     OXT    sing N N 208 
ILE CB    CG1    sing N N 209 
ILE CB    CG2    sing N N 210 
ILE CB    HB     sing N N 211 
ILE CG1   CD1    sing N N 212 
ILE CG1   HG12   sing N N 213 
ILE CG1   HG13   sing N N 214 
ILE CG2   HG21   sing N N 215 
ILE CG2   HG22   sing N N 216 
ILE CG2   HG23   sing N N 217 
ILE CD1   HD11   sing N N 218 
ILE CD1   HD12   sing N N 219 
ILE CD1   HD13   sing N N 220 
ILE OXT   HXT    sing N N 221 
LEU N     CA     sing N N 222 
LEU N     H      sing N N 223 
LEU N     H2     sing N N 224 
LEU CA    C      sing N N 225 
LEU CA    CB     sing N N 226 
LEU CA    HA     sing N N 227 
LEU C     O      doub N N 228 
LEU C     OXT    sing N N 229 
LEU CB    CG     sing N N 230 
LEU CB    HB2    sing N N 231 
LEU CB    HB3    sing N N 232 
LEU CG    CD1    sing N N 233 
LEU CG    CD2    sing N N 234 
LEU CG    HG     sing N N 235 
LEU CD1   HD11   sing N N 236 
LEU CD1   HD12   sing N N 237 
LEU CD1   HD13   sing N N 238 
LEU CD2   HD21   sing N N 239 
LEU CD2   HD22   sing N N 240 
LEU CD2   HD23   sing N N 241 
LEU OXT   HXT    sing N N 242 
LYS N     CA     sing N N 243 
LYS N     H      sing N N 244 
LYS N     H2     sing N N 245 
LYS CA    C      sing N N 246 
LYS CA    CB     sing N N 247 
LYS CA    HA     sing N N 248 
LYS C     O      doub N N 249 
LYS C     OXT    sing N N 250 
LYS CB    CG     sing N N 251 
LYS CB    HB2    sing N N 252 
LYS CB    HB3    sing N N 253 
LYS CG    CD     sing N N 254 
LYS CG    HG2    sing N N 255 
LYS CG    HG3    sing N N 256 
LYS CD    CE     sing N N 257 
LYS CD    HD2    sing N N 258 
LYS CD    HD3    sing N N 259 
LYS CE    NZ     sing N N 260 
LYS CE    HE2    sing N N 261 
LYS CE    HE3    sing N N 262 
LYS NZ    HZ1    sing N N 263 
LYS NZ    HZ2    sing N N 264 
LYS NZ    HZ3    sing N N 265 
LYS OXT   HXT    sing N N 266 
MET N     CA     sing N N 267 
MET N     H      sing N N 268 
MET N     H2     sing N N 269 
MET CA    C      sing N N 270 
MET CA    CB     sing N N 271 
MET CA    HA     sing N N 272 
MET C     O      doub N N 273 
MET C     OXT    sing N N 274 
MET CB    CG     sing N N 275 
MET CB    HB2    sing N N 276 
MET CB    HB3    sing N N 277 
MET CG    SD     sing N N 278 
MET CG    HG2    sing N N 279 
MET CG    HG3    sing N N 280 
MET SD    CE     sing N N 281 
MET CE    HE1    sing N N 282 
MET CE    HE2    sing N N 283 
MET CE    HE3    sing N N 284 
MET OXT   HXT    sing N N 285 
PHE N     CA     sing N N 286 
PHE N     H      sing N N 287 
PHE N     H2     sing N N 288 
PHE CA    C      sing N N 289 
PHE CA    CB     sing N N 290 
PHE CA    HA     sing N N 291 
PHE C     O      doub N N 292 
PHE C     OXT    sing N N 293 
PHE CB    CG     sing N N 294 
PHE CB    HB2    sing N N 295 
PHE CB    HB3    sing N N 296 
PHE CG    CD1    doub Y N 297 
PHE CG    CD2    sing Y N 298 
PHE CD1   CE1    sing Y N 299 
PHE CD1   HD1    sing N N 300 
PHE CD2   CE2    doub Y N 301 
PHE CD2   HD2    sing N N 302 
PHE CE1   CZ     doub Y N 303 
PHE CE1   HE1    sing N N 304 
PHE CE2   CZ     sing Y N 305 
PHE CE2   HE2    sing N N 306 
PHE CZ    HZ     sing N N 307 
PHE OXT   HXT    sing N N 308 
PRO N     CA     sing N N 309 
PRO N     CD     sing N N 310 
PRO N     H      sing N N 311 
PRO CA    C      sing N N 312 
PRO CA    CB     sing N N 313 
PRO CA    HA     sing N N 314 
PRO C     O      doub N N 315 
PRO C     OXT    sing N N 316 
PRO CB    CG     sing N N 317 
PRO CB    HB2    sing N N 318 
PRO CB    HB3    sing N N 319 
PRO CG    CD     sing N N 320 
PRO CG    HG2    sing N N 321 
PRO CG    HG3    sing N N 322 
PRO CD    HD2    sing N N 323 
PRO CD    HD3    sing N N 324 
PRO OXT   HXT    sing N N 325 
SER N     CA     sing N N 326 
SER N     H      sing N N 327 
SER N     H2     sing N N 328 
SER CA    C      sing N N 329 
SER CA    CB     sing N N 330 
SER CA    HA     sing N N 331 
SER C     O      doub N N 332 
SER C     OXT    sing N N 333 
SER CB    OG     sing N N 334 
SER CB    HB2    sing N N 335 
SER CB    HB3    sing N N 336 
SER OG    HG     sing N N 337 
SER OXT   HXT    sing N N 338 
THR N     CA     sing N N 339 
THR N     H      sing N N 340 
THR N     H2     sing N N 341 
THR CA    C      sing N N 342 
THR CA    CB     sing N N 343 
THR CA    HA     sing N N 344 
THR C     O      doub N N 345 
THR C     OXT    sing N N 346 
THR CB    OG1    sing N N 347 
THR CB    CG2    sing N N 348 
THR CB    HB     sing N N 349 
THR OG1   HG1    sing N N 350 
THR CG2   HG21   sing N N 351 
THR CG2   HG22   sing N N 352 
THR CG2   HG23   sing N N 353 
THR OXT   HXT    sing N N 354 
TRP N     CA     sing N N 355 
TRP N     H      sing N N 356 
TRP N     H2     sing N N 357 
TRP CA    C      sing N N 358 
TRP CA    CB     sing N N 359 
TRP CA    HA     sing N N 360 
TRP C     O      doub N N 361 
TRP C     OXT    sing N N 362 
TRP CB    CG     sing N N 363 
TRP CB    HB2    sing N N 364 
TRP CB    HB3    sing N N 365 
TRP CG    CD1    doub Y N 366 
TRP CG    CD2    sing Y N 367 
TRP CD1   NE1    sing Y N 368 
TRP CD1   HD1    sing N N 369 
TRP CD2   CE2    doub Y N 370 
TRP CD2   CE3    sing Y N 371 
TRP NE1   CE2    sing Y N 372 
TRP NE1   HE1    sing N N 373 
TRP CE2   CZ2    sing Y N 374 
TRP CE3   CZ3    doub Y N 375 
TRP CE3   HE3    sing N N 376 
TRP CZ2   CH2    doub Y N 377 
TRP CZ2   HZ2    sing N N 378 
TRP CZ3   CH2    sing Y N 379 
TRP CZ3   HZ3    sing N N 380 
TRP CH2   HH2    sing N N 381 
TRP OXT   HXT    sing N N 382 
TYR N     CA     sing N N 383 
TYR N     H      sing N N 384 
TYR N     H2     sing N N 385 
TYR CA    C      sing N N 386 
TYR CA    CB     sing N N 387 
TYR CA    HA     sing N N 388 
TYR C     O      doub N N 389 
TYR C     OXT    sing N N 390 
TYR CB    CG     sing N N 391 
TYR CB    HB2    sing N N 392 
TYR CB    HB3    sing N N 393 
TYR CG    CD1    doub Y N 394 
TYR CG    CD2    sing Y N 395 
TYR CD1   CE1    sing Y N 396 
TYR CD1   HD1    sing N N 397 
TYR CD2   CE2    doub Y N 398 
TYR CD2   HD2    sing N N 399 
TYR CE1   CZ     doub Y N 400 
TYR CE1   HE1    sing N N 401 
TYR CE2   CZ     sing Y N 402 
TYR CE2   HE2    sing N N 403 
TYR CZ    OH     sing N N 404 
TYR OH    HH     sing N N 405 
TYR OXT   HXT    sing N N 406 
VAL N     CA     sing N N 407 
VAL N     H      sing N N 408 
VAL N     H2     sing N N 409 
VAL CA    C      sing N N 410 
VAL CA    CB     sing N N 411 
VAL CA    HA     sing N N 412 
VAL C     O      doub N N 413 
VAL C     OXT    sing N N 414 
VAL CB    CG1    sing N N 415 
VAL CB    CG2    sing N N 416 
VAL CB    HB     sing N N 417 
VAL CG1   HG11   sing N N 418 
VAL CG1   HG12   sing N N 419 
VAL CG1   HG13   sing N N 420 
VAL CG2   HG21   sing N N 421 
VAL CG2   HG22   sing N N 422 
VAL CG2   HG23   sing N N 423 
VAL OXT   HXT    sing N N 424 
# 
_atom_sites.entry_id                    3CYI 
_atom_sites.fract_transf_matrix[1][1]   0.00265098 
_atom_sites.fract_transf_matrix[1][2]   0.01310783 
_atom_sites.fract_transf_matrix[1][3]   -0.01025008 
_atom_sites.fract_transf_matrix[2][1]   -0.00869020 
_atom_sites.fract_transf_matrix[2][2]   0.01427418 
_atom_sites.fract_transf_matrix[2][3]   0.00215655 
_atom_sites.fract_transf_matrix[3][1]   0.01389745 
_atom_sites.fract_transf_matrix[3][2]   0.00663577 
_atom_sites.fract_transf_matrix[3][3]   0.01208014 
_atom_sites.fract_transf_vector[1]      0.172577 
_atom_sites.fract_transf_vector[2]      -0.295857 
_atom_sites.fract_transf_vector[3]      0.083465 
# 
loop_
_atom_type.symbol 
C  
MG 
N  
O  
P  
S  
# 
loop_
_atom_site.group_PDB 
_atom_site.id 
_atom_site.type_symbol 
_atom_site.label_atom_id 
_atom_site.label_alt_id 
_atom_site.label_comp_id 
_atom_site.label_asym_id 
_atom_site.label_entity_id 
_atom_site.label_seq_id 
_atom_site.pdbx_PDB_ins_code 
_atom_site.Cartn_x 
_atom_site.Cartn_y 
_atom_site.Cartn_z 
_atom_site.occupancy 
_atom_site.B_iso_or_equiv 
_atom_site.pdbx_formal_charge 
_atom_site.auth_seq_id 
_atom_site.auth_comp_id 
_atom_site.auth_asym_id 
_atom_site.auth_atom_id 
_atom_site.pdbx_PDB_model_num 
ATOM   1   N  N     . MET A 1 4   ? -6.510  -31.176 -13.844 1.00 48.21 ? 31  MET A N     1 
ATOM   2   C  CA    . MET A 1 4   ? -5.554  -30.985 -14.984 1.00 48.33 ? 31  MET A CA    1 
ATOM   3   C  C     . MET A 1 4   ? -4.686  -29.708 -14.865 1.00 46.15 ? 31  MET A C     1 
ATOM   4   O  O     . MET A 1 4   ? -3.488  -29.735 -15.201 1.00 46.99 ? 31  MET A O     1 
ATOM   5   C  CB    . MET A 1 4   ? -6.331  -30.936 -16.314 1.00 50.11 ? 31  MET A CB    1 
ATOM   6   C  CG    . MET A 1 4   ? -5.482  -31.233 -17.575 1.00 53.32 ? 31  MET A CG    1 
ATOM   7   S  SD    . MET A 1 4   ? -5.516  -32.997 -18.038 1.00 60.77 ? 31  MET A SD    1 
ATOM   8   C  CE    . MET A 1 4   ? -4.162  -33.094 -19.225 1.00 55.06 ? 31  MET A CE    1 
ATOM   9   N  N     . SER A 1 5   ? -5.289  -28.594 -14.443 1.00 41.87 ? 32  SER A N     1 
ATOM   10  C  CA    . SER A 1 5   ? -4.606  -27.291 -14.494 1.00 36.79 ? 32  SER A CA    1 
ATOM   11  C  C     . SER A 1 5   ? -4.564  -26.547 -13.149 1.00 34.04 ? 32  SER A C     1 
ATOM   12  O  O     . SER A 1 5   ? -5.284  -26.888 -12.207 1.00 32.49 ? 32  SER A O     1 
ATOM   13  C  CB    . SER A 1 5   ? -5.208  -26.419 -15.614 1.00 37.97 ? 32  SER A CB    1 
ATOM   14  O  OG    . SER A 1 5   ? -4.944  -27.028 -16.889 1.00 36.84 ? 32  SER A OG    1 
ATOM   15  N  N     . ILE A 1 6   ? -3.678  -25.549 -13.049 1.00 29.18 ? 33  ILE A N     1 
ATOM   16  C  CA    . ILE A 1 6   ? -3.505  -24.822 -11.806 1.00 27.43 ? 33  ILE A CA    1 
ATOM   17  C  C     . ILE A 1 6   ? -3.571  -23.339 -12.115 1.00 26.92 ? 33  ILE A C     1 
ATOM   18  O  O     . ILE A 1 6   ? -3.498  -22.941 -13.267 1.00 25.99 ? 33  ILE A O     1 
ATOM   19  C  CB    . ILE A 1 6   ? -2.195  -25.209 -11.093 1.00 28.85 ? 33  ILE A CB    1 
ATOM   20  C  CG1   . ILE A 1 6   ? -0.986  -24.955 -11.986 1.00 29.38 ? 33  ILE A CG1   1 
ATOM   21  C  CG2   . ILE A 1 6   ? -2.216  -26.725 -10.641 1.00 31.53 ? 33  ILE A CG2   1 
ATOM   22  C  CD1   . ILE A 1 6   ? -0.439  -23.556 -11.823 1.00 34.44 ? 33  ILE A CD1   1 
ATOM   23  N  N     . HIS A 1 7   ? -3.767  -22.533 -11.088 1.00 24.96 ? 34  HIS A N     1 
ATOM   24  C  CA    . HIS A 1 7   ? -3.819  -21.105 -11.268 1.00 26.29 ? 34  HIS A CA    1 
ATOM   25  C  C     . HIS A 1 7   ? -2.496  -20.571 -10.765 1.00 25.92 ? 34  HIS A C     1 
ATOM   26  O  O     . HIS A 1 7   ? -2.125  -20.830 -9.622  1.00 26.45 ? 34  HIS A O     1 
ATOM   27  C  CB    . HIS A 1 7   ? -4.923  -20.542 -10.393 1.00 26.86 ? 34  HIS A CB    1 
ATOM   28  C  CG    . HIS A 1 7   ? -5.812  -19.598 -11.119 1.00 32.64 ? 34  HIS A CG    1 
ATOM   29  N  ND1   . HIS A 1 7   ? -6.921  -19.034 -10.537 1.00 35.81 ? 34  HIS A ND1   1 
ATOM   30  C  CD2   . HIS A 1 7   ? -5.762  -19.124 -12.388 1.00 33.36 ? 34  HIS A CD2   1 
ATOM   31  C  CE1   . HIS A 1 7   ? -7.530  -18.259 -11.419 1.00 39.12 ? 34  HIS A CE1   1 
ATOM   32  N  NE2   . HIS A 1 7   ? -6.852  -18.303 -12.552 1.00 37.67 ? 34  HIS A NE2   1 
ATOM   33  N  N     . SER A 1 8   ? -1.784  -19.791 -11.595 1.00 24.86 ? 35  SER A N     1 
ATOM   34  C  CA    . SER A 1 8   ? -0.496  -19.285 -11.180 1.00 25.53 ? 35  SER A CA    1 
ATOM   35  C  C     . SER A 1 8   ? -0.510  -17.762 -11.211 1.00 25.66 ? 35  SER A C     1 
ATOM   36  O  O     . SER A 1 8   ? -1.043  -17.163 -12.141 1.00 24.98 ? 35  SER A O     1 
ATOM   37  C  CB    . SER A 1 8   ? 0.570   -19.791 -12.169 1.00 26.19 ? 35  SER A CB    1 
ATOM   38  O  OG    . SER A 1 8   ? 1.833   -19.208 -11.850 1.00 34.72 ? 35  SER A OG    1 
ATOM   39  N  N     . GLY A 1 9   ? 0.080   -17.113 -10.211 1.00 25.98 ? 36  GLY A N     1 
ATOM   40  C  CA    . GLY A 1 9   ? 0.053   -15.651 -10.288 1.00 26.83 ? 36  GLY A CA    1 
ATOM   41  C  C     . GLY A 1 9   ? 1.071   -15.064 -9.360  1.00 25.57 ? 36  GLY A C     1 
ATOM   42  O  O     . GLY A 1 9   ? 1.769   -15.769 -8.665  1.00 23.93 ? 36  GLY A O     1 
ATOM   43  N  N     . ARG A 1 10  ? 1.139   -13.732 -9.324  1.00 24.92 ? 37  ARG A N     1 
ATOM   44  C  CA    . ARG A 1 10  ? 2.070   -13.110 -8.394  1.00 24.03 ? 37  ARG A CA    1 
ATOM   45  C  C     . ARG A 1 10  ? 1.692   -13.406 -6.917  1.00 23.64 ? 37  ARG A C     1 
ATOM   46  O  O     . ARG A 1 10  ? 0.497   -13.594 -6.538  1.00 25.22 ? 37  ARG A O     1 
ATOM   47  C  CB    . ARG A 1 10  ? 2.119   -11.582 -8.702  1.00 24.44 ? 37  ARG A CB    1 
ATOM   48  C  CG    . ARG A 1 10  ? 0.776   -10.888 -8.457  1.00 25.41 ? 37  ARG A CG    1 
ATOM   49  C  CD    . ARG A 1 10  ? 0.793   -9.408  -8.983  1.00 24.70 ? 37  ARG A CD    1 
ATOM   50  N  NE    . ARG A 1 10  ? 0.849   -9.365  -10.455 1.00 25.95 ? 37  ARG A NE    1 
ATOM   51  C  CZ    . ARG A 1 10  ? 1.830   -8.809  -11.175 1.00 30.08 ? 37  ARG A CZ    1 
ATOM   52  N  NH1   . ARG A 1 10  ? 2.869   -8.202  -10.592 1.00 26.54 ? 37  ARG A NH1   1 
ATOM   53  N  NH2   . ARG A 1 10  ? 1.774   -8.814  -12.514 1.00 28.55 ? 37  ARG A NH2   1 
ATOM   54  N  N     . ILE A 1 11  ? 2.715   -13.428 -6.079  1.00 24.02 ? 38  ILE A N     1 
ATOM   55  C  CA    . ILE A 1 11  ? 2.576   -13.609 -4.647  1.00 25.40 ? 38  ILE A CA    1 
ATOM   56  C  C     . ILE A 1 11  ? 2.019   -12.348 -3.987  1.00 26.90 ? 38  ILE A C     1 
ATOM   57  O  O     . ILE A 1 11  ? 2.504   -11.258 -4.260  1.00 24.81 ? 38  ILE A O     1 
ATOM   58  C  CB    . ILE A 1 11  ? 3.934   -14.002 -4.043  1.00 26.65 ? 38  ILE A CB    1 
ATOM   59  C  CG1   . ILE A 1 11  ? 4.324   -15.389 -4.589  1.00 30.08 ? 38  ILE A CG1   1 
ATOM   60  C  CG2   . ILE A 1 11  ? 3.827   -14.116 -2.491  1.00 30.27 ? 38  ILE A CG2   1 
ATOM   61  C  CD1   . ILE A 1 11  ? 5.719   -15.849 -4.274  1.00 34.27 ? 38  ILE A CD1   1 
ATOM   62  N  N     . ALA A 1 12  ? 0.976   -12.514 -3.161  1.00 27.49 ? 39  ALA A N     1 
ATOM   63  C  CA    . ALA A 1 12  ? 0.479   -11.414 -2.331  1.00 30.14 ? 39  ALA A CA    1 
ATOM   64  C  C     . ALA A 1 12  ? 0.347   -11.993 -0.928  1.00 32.83 ? 39  ALA A C     1 
ATOM   65  O  O     . ALA A 1 12  ? 0.051   -13.231 -0.745  1.00 33.36 ? 39  ALA A O     1 
ATOM   66  C  CB    . ALA A 1 12  ? -0.828  -10.893 -2.819  1.00 30.35 ? 39  ALA A CB    1 
ATOM   67  N  N     . ALA A 1 13  ? 0.621   -11.154 0.056   1.00 30.70 ? 40  ALA A N     1 
ATOM   68  C  CA    . ALA A 1 13  ? 0.534   -11.573 1.435   1.00 32.41 ? 40  ALA A CA    1 
ATOM   69  C  C     . ALA A 1 13  ? 0.168   -10.366 2.272   1.00 32.65 ? 40  ALA A C     1 
ATOM   70  O  O     . ALA A 1 13  ? 0.761   -9.295  2.092   1.00 30.35 ? 40  ALA A O     1 
ATOM   71  C  CB    . ALA A 1 13  ? 1.871   -12.109 1.895   1.00 33.39 ? 40  ALA A CB    1 
ATOM   72  N  N     . VAL A 1 14  ? -0.785  -10.561 3.189   1.00 32.22 ? 41  VAL A N     1 
ATOM   73  C  CA    . VAL A 1 14  ? -1.146  -9.506  4.132   1.00 32.23 ? 41  VAL A CA    1 
ATOM   74  C  C     . VAL A 1 14  ? -0.196  -9.416  5.317   1.00 33.41 ? 41  VAL A C     1 
ATOM   75  O  O     . VAL A 1 14  ? 0.075   -10.447 5.994   1.00 32.14 ? 41  VAL A O     1 
ATOM   76  C  CB    . VAL A 1 14  ? -2.594  -9.689  4.626   1.00 33.31 ? 41  VAL A CB    1 
ATOM   77  C  CG1   . VAL A 1 14  ? -2.949  -8.631  5.669   1.00 34.37 ? 41  VAL A CG1   1 
ATOM   78  C  CG2   . VAL A 1 14  ? -3.551  -9.638  3.457   1.00 33.19 ? 41  VAL A CG2   1 
ATOM   79  N  N     . HIS A 1 15  ? 0.296   -8.198  5.599   1.00 32.48 ? 42  HIS A N     1 
ATOM   80  C  CA    . HIS A 1 15  ? 1.171   -7.951  6.753   1.00 32.98 ? 42  HIS A CA    1 
ATOM   81  C  C     . HIS A 1 15  ? 0.792   -6.627  7.410   1.00 32.57 ? 42  HIS A C     1 
ATOM   82  O  O     . HIS A 1 15  ? 0.152   -5.788  6.774   1.00 31.94 ? 42  HIS A O     1 
ATOM   83  C  CB    . HIS A 1 15  ? 2.631   -7.878  6.333   1.00 33.32 ? 42  HIS A CB    1 
ATOM   84  C  CG    . HIS A 1 15  ? 3.141   -9.143  5.725   1.00 36.64 ? 42  HIS A CG    1 
ATOM   85  N  ND1   . HIS A 1 15  ? 3.542   -10.221 6.484   1.00 42.42 ? 42  HIS A ND1   1 
ATOM   86  C  CD2   . HIS A 1 15  ? 3.274   -9.521  4.432   1.00 37.02 ? 42  HIS A CD2   1 
ATOM   87  C  CE1   . HIS A 1 15  ? 3.945   -11.193 5.681   1.00 41.07 ? 42  HIS A CE1   1 
ATOM   88  N  NE2   . HIS A 1 15  ? 3.795   -10.793 4.432   1.00 40.68 ? 42  HIS A NE2   1 
ATOM   89  N  N     . ASN A 1 16  ? 1.153   -6.465  8.683   1.00 32.44 ? 43  ASN A N     1 
ATOM   90  C  CA    . ASN A 1 16  ? 1.127   -5.161  9.326   1.00 32.98 ? 43  ASN A CA    1 
ATOM   91  C  C     . ASN A 1 16  ? 2.422   -4.455  8.992   1.00 33.81 ? 43  ASN A C     1 
ATOM   92  O  O     . ASN A 1 16  ? 3.499   -4.820  9.465   1.00 33.98 ? 43  ASN A O     1 
ATOM   93  C  CB    . ASN A 1 16  ? 0.923   -5.290  10.849  1.00 33.71 ? 43  ASN A CB    1 
ATOM   94  C  CG    . ASN A 1 16  ? -0.370  -5.970  11.182  1.00 35.39 ? 43  ASN A CG    1 
ATOM   95  O  OD1   . ASN A 1 16  ? -1.435  -5.553  10.743  1.00 32.97 ? 43  ASN A OD1   1 
ATOM   96  N  ND2   . ASN A 1 16  ? -0.287  -7.075  11.958  1.00 39.53 ? 43  ASN A ND2   1 
ATOM   97  N  N     . VAL A 1 17  ? 2.306   -3.439  8.134   1.00 32.04 ? 44  VAL A N     1 
ATOM   98  C  CA    . VAL A 1 17  ? 3.451   -2.757  7.549   1.00 32.72 ? 44  VAL A CA    1 
ATOM   99  C  C     . VAL A 1 17  ? 3.596   -1.405  8.238   1.00 31.20 ? 44  VAL A C     1 
ATOM   100 O  O     . VAL A 1 17  ? 2.601   -0.702  8.354   1.00 30.17 ? 44  VAL A O     1 
ATOM   101 C  CB    . VAL A 1 17  ? 3.198   -2.559  5.997   1.00 32.17 ? 44  VAL A CB    1 
ATOM   102 C  CG1   . VAL A 1 17  ? 4.346   -1.870  5.347   1.00 34.58 ? 44  VAL A CG1   1 
ATOM   103 C  CG2   . VAL A 1 17  ? 3.016   -3.929  5.346   1.00 36.14 ? 44  VAL A CG2   1 
ATOM   104 N  N     . PRO A 1 18  ? 4.825   -1.034  8.688   1.00 30.97 ? 45  PRO A N     1 
ATOM   105 C  CA    . PRO A 1 18  ? 4.957   0.318   9.235   1.00 31.12 ? 45  PRO A CA    1 
ATOM   106 C  C     . PRO A 1 18  ? 4.540   1.355   8.200   1.00 30.38 ? 45  PRO A C     1 
ATOM   107 O  O     . PRO A 1 18  ? 4.990   1.300   7.046   1.00 29.13 ? 45  PRO A O     1 
ATOM   108 C  CB    . PRO A 1 18  ? 6.452   0.438   9.555   1.00 31.11 ? 45  PRO A CB    1 
ATOM   109 C  CG    . PRO A 1 18  ? 6.923   -1.003  9.686   1.00 32.23 ? 45  PRO A CG    1 
ATOM   110 C  CD    . PRO A 1 18  ? 6.117   -1.747  8.668   1.00 32.26 ? 45  PRO A CD    1 
ATOM   111 N  N     . LEU A 1 19  ? 3.674   2.282   8.583   1.00 29.74 ? 46  LEU A N     1 
ATOM   112 C  CA    . LEU A 1 19  ? 3.358   3.387   7.687   1.00 29.89 ? 46  LEU A CA    1 
ATOM   113 C  C     . LEU A 1 19  ? 4.583   4.051   7.121   1.00 29.83 ? 46  LEU A C     1 
ATOM   114 O  O     . LEU A 1 19  ? 4.550   4.485   5.964   1.00 30.43 ? 46  LEU A O     1 
ATOM   115 C  CB    . LEU A 1 19  ? 2.485   4.431   8.347   1.00 30.35 ? 46  LEU A CB    1 
ATOM   116 C  CG    . LEU A 1 19  ? 0.984   4.209   8.363   1.00 32.03 ? 46  LEU A CG    1 
ATOM   117 C  CD1   . LEU A 1 19  ? 0.394   3.956   6.987   1.00 30.55 ? 46  LEU A CD1   1 
ATOM   118 C  CD2   . LEU A 1 19  ? 0.610   3.127   9.327   1.00 35.94 ? 46  LEU A CD2   1 
ATOM   119 N  N     . SER A 1 20  ? 5.667   4.145   7.912   1.00 29.14 ? 47  SER A N     1 
ATOM   120 C  CA    . SER A 1 20  ? 6.864   4.888   7.487   1.00 30.82 ? 47  SER A CA    1 
ATOM   121 C  C     . SER A 1 20  ? 7.557   4.277   6.277   1.00 30.53 ? 47  SER A C     1 
ATOM   122 O  O     . SER A 1 20  ? 8.190   5.020   5.536   1.00 33.35 ? 47  SER A O     1 
ATOM   123 C  CB    . SER A 1 20  ? 7.892   5.035   8.626   1.00 30.71 ? 47  SER A CB    1 
ATOM   124 O  OG    . SER A 1 20  ? 8.312   3.744   9.016   1.00 32.39 ? 47  SER A OG    1 
ATOM   125 N  N     . VAL A 1 21  ? 7.397   2.972   6.045   1.00 28.94 ? 48  VAL A N     1 
ATOM   126 C  CA    . VAL A 1 21  ? 8.087   2.348   4.898   1.00 28.84 ? 48  VAL A CA    1 
ATOM   127 C  C     . VAL A 1 21  ? 7.277   2.484   3.586   1.00 27.33 ? 48  VAL A C     1 
ATOM   128 O  O     . VAL A 1 21  ? 7.774   2.154   2.517   1.00 28.13 ? 48  VAL A O     1 
ATOM   129 C  CB    . VAL A 1 21  ? 8.507   0.878   5.109   1.00 29.83 ? 48  VAL A CB    1 
ATOM   130 C  CG1   . VAL A 1 21  ? 9.291   0.696   6.442   1.00 33.61 ? 48  VAL A CG1   1 
ATOM   131 C  CG2   . VAL A 1 21  ? 7.350   -0.083  5.022   1.00 30.74 ? 48  VAL A CG2   1 
ATOM   132 N  N     . LEU A 1 22  ? 6.046   2.944   3.658   1.00 25.44 ? 49  LEU A N     1 
ATOM   133 C  CA    . LEU A 1 22  ? 5.263   3.095   2.409   1.00 24.50 ? 49  LEU A CA    1 
ATOM   134 C  C     . LEU A 1 22  ? 5.676   4.367   1.637   1.00 25.27 ? 49  LEU A C     1 
ATOM   135 O  O     . LEU A 1 22  ? 5.681   5.498   2.214   1.00 27.95 ? 49  LEU A O     1 
ATOM   136 C  CB    . LEU A 1 22  ? 3.775   3.108   2.741   1.00 25.00 ? 49  LEU A CB    1 
ATOM   137 C  CG    . LEU A 1 22  ? 3.255   1.853   3.458   1.00 23.86 ? 49  LEU A CG    1 
ATOM   138 C  CD1   . LEU A 1 22  ? 1.802   2.032   3.745   1.00 23.54 ? 49  LEU A CD1   1 
ATOM   139 C  CD2   . LEU A 1 22  ? 3.488   0.663   2.517   1.00 25.52 ? 49  LEU A CD2   1 
ATOM   140 N  N     . ILE A 1 23  ? 6.141   4.200   0.400   1.00 21.62 ? 50  ILE A N     1 
ATOM   141 C  CA    . ILE A 1 23  ? 6.511   5.303   -0.454  1.00 21.44 ? 50  ILE A CA    1 
ATOM   142 C  C     . ILE A 1 23  ? 5.212   5.731   -1.120  1.00 22.02 ? 50  ILE A C     1 
ATOM   143 O  O     . ILE A 1 23  ? 4.557   4.915   -1.752  1.00 21.68 ? 50  ILE A O     1 
ATOM   144 C  CB    . ILE A 1 23  ? 7.582   4.910   -1.516  1.00 21.13 ? 50  ILE A CB    1 
ATOM   145 C  CG1   . ILE A 1 23  ? 8.868   4.395   -0.831  1.00 20.83 ? 50  ILE A CG1   1 
ATOM   146 C  CG2   . ILE A 1 23  ? 7.914   6.113   -2.469  1.00 23.32 ? 50  ILE A CG2   1 
ATOM   147 C  CD1   . ILE A 1 23  ? 9.742   3.524   -1.776  1.00 21.91 ? 50  ILE A CD1   1 
ATOM   148 N  N     . ARG A 1 24  ? 4.834   6.994   -0.960  1.00 22.98 ? 51  ARG A N     1 
ATOM   149 C  CA    . ARG A 1 24  ? 3.622   7.530   -1.658  1.00 23.31 ? 51  ARG A CA    1 
ATOM   150 C  C     . ARG A 1 24  ? 4.006   8.650   -2.600  1.00 22.91 ? 51  ARG A C     1 
ATOM   151 O  O     . ARG A 1 24  ? 4.039   9.836   -2.184  1.00 23.44 ? 51  ARG A O     1 
ATOM   152 C  CB    . ARG A 1 24  ? 2.558   8.082   -0.694  1.00 23.61 ? 51  ARG A CB    1 
ATOM   153 C  CG    . ARG A 1 24  ? 2.204   7.217   0.496   1.00 26.78 ? 51  ARG A CG    1 
ATOM   154 C  CD    . ARG A 1 24  ? 0.828   6.653   0.349   1.00 26.31 ? 51  ARG A CD    1 
ATOM   155 N  NE    . ARG A 1 24  ? -0.276  7.497   -0.248  1.00 27.03 ? 51  ARG A NE    1 
ATOM   156 C  CZ    . ARG A 1 24  ? -1.396  6.942   -0.727  1.00 26.55 ? 51  ARG A CZ    1 
ATOM   157 N  NH1   . ARG A 1 24  ? -1.496  5.627   -0.680  1.00 22.00 ? 51  ARG A NH1   1 
ATOM   158 N  NH2   . ARG A 1 24  ? -2.426  7.657   -1.268  1.00 24.77 ? 51  ARG A NH2   1 
ATOM   159 N  N     . PRO A 1 25  ? 4.355   8.313   -3.848  1.00 23.91 ? 52  PRO A N     1 
ATOM   160 C  CA    . PRO A 1 25  ? 4.789   9.313   -4.838  1.00 24.95 ? 52  PRO A CA    1 
ATOM   161 C  C     . PRO A 1 25  ? 3.740   10.354  -5.207  1.00 26.34 ? 52  PRO A C     1 
ATOM   162 O  O     . PRO A 1 25  ? 4.104   11.455  -5.701  1.00 27.52 ? 52  PRO A O     1 
ATOM   163 C  CB    . PRO A 1 25  ? 5.063   8.444   -6.108  1.00 25.45 ? 52  PRO A CB    1 
ATOM   164 C  CG    . PRO A 1 25  ? 5.277   7.109   -5.589  1.00 24.18 ? 52  PRO A CG    1 
ATOM   165 C  CD    . PRO A 1 25  ? 4.357   6.949   -4.435  1.00 22.70 ? 52  PRO A CD    1 
ATOM   166 N  N     . LEU A 1 26  ? 2.451   10.025  -5.115  1.00 24.53 ? 53  LEU A N     1 
ATOM   167 C  CA    . LEU A 1 26  ? 1.453   10.932  -5.701  1.00 24.81 ? 53  LEU A CA    1 
ATOM   168 C  C     . LEU A 1 26  ? 0.585   11.512  -4.596  1.00 25.39 ? 53  LEU A C     1 
ATOM   169 O  O     . LEU A 1 26  ? 0.384   10.846  -3.562  1.00 23.32 ? 53  LEU A O     1 
ATOM   170 C  CB    . LEU A 1 26  ? 0.552   10.178  -6.682  1.00 25.44 ? 53  LEU A CB    1 
ATOM   171 C  CG    . LEU A 1 26  ? 1.299   9.424   -7.806  1.00 29.01 ? 53  LEU A CG    1 
ATOM   172 C  CD1   . LEU A 1 26  ? 0.275   8.732   -8.760  1.00 34.84 ? 53  LEU A CD1   1 
ATOM   173 C  CD2   . LEU A 1 26  ? 2.239   10.301  -8.566  1.00 33.56 ? 53  LEU A CD2   1 
ATOM   174 N  N     . PRO A 1 27  ? 0.045   12.718  -4.816  1.00 25.92 ? 54  PRO A N     1 
ATOM   175 C  CA    . PRO A 1 27  ? -0.909  13.287  -3.857  1.00 25.47 ? 54  PRO A CA    1 
ATOM   176 C  C     . PRO A 1 27  ? -2.199  12.454  -3.753  1.00 24.41 ? 54  PRO A C     1 
ATOM   177 O  O     . PRO A 1 27  ? -2.469  11.602  -4.612  1.00 27.05 ? 54  PRO A O     1 
ATOM   178 C  CB    . PRO A 1 27  ? -1.206  14.685  -4.421  1.00 27.05 ? 54  PRO A CB    1 
ATOM   179 C  CG    . PRO A 1 27  ? -0.835  14.645  -5.834  1.00 28.15 ? 54  PRO A CG    1 
ATOM   180 C  CD    . PRO A 1 27  ? 0.268   13.602  -5.988  1.00 26.90 ? 54  PRO A CD    1 
ATOM   181 N  N     . SER A 1 28  ? -2.911  12.628  -2.660  1.00 24.10 ? 55  SER A N     1 
ATOM   182 C  CA    . SER A 1 28  ? -4.149  11.927  -2.396  1.00 24.69 ? 55  SER A CA    1 
ATOM   183 C  C     . SER A 1 28  ? -5.325  12.876  -2.631  1.00 25.11 ? 55  SER A C     1 
ATOM   184 O  O     . SER A 1 28  ? -5.213  14.083  -2.381  1.00 24.79 ? 55  SER A O     1 
ATOM   185 C  CB    . SER A 1 28  ? -4.191  11.472  -0.930  1.00 25.12 ? 55  SER A CB    1 
ATOM   186 O  OG    . SER A 1 28  ? -3.260  10.402  -0.663  1.00 26.29 ? 55  SER A OG    1 
ATOM   187 N  N     . VAL A 1 29  ? -6.439  12.326  -3.111  1.00 24.27 ? 56  VAL A N     1 
ATOM   188 C  CA    . VAL A 1 29  ? -7.699  13.080  -3.185  1.00 25.27 ? 56  VAL A CA    1 
ATOM   189 C  C     . VAL A 1 29  ? -8.585  12.534  -2.056  1.00 26.04 ? 56  VAL A C     1 
ATOM   190 O  O     . VAL A 1 29  ? -8.856  11.327  -1.992  1.00 26.08 ? 56  VAL A O     1 
ATOM   191 C  CB    . VAL A 1 29  ? -8.373  12.823  -4.561  1.00 26.84 ? 56  VAL A CB    1 
ATOM   192 C  CG1   . VAL A 1 29  ? -9.818  13.318  -4.586  1.00 27.80 ? 56  VAL A CG1   1 
ATOM   193 C  CG2   . VAL A 1 29  ? -7.519  13.417  -5.663  1.00 29.12 ? 56  VAL A CG2   1 
ATOM   194 N  N     . LEU A 1 30  ? -8.947  13.395  -1.112  1.00 25.35 ? 57  LEU A N     1 
ATOM   195 C  CA    . LEU A 1 30  ? -9.592  12.908  0.124   1.00 23.98 ? 57  LEU A CA    1 
ATOM   196 C  C     . LEU A 1 30  ? -10.883 13.638  0.410   1.00 24.92 ? 57  LEU A C     1 
ATOM   197 O  O     . LEU A 1 30  ? -10.946 14.877  0.352   1.00 24.59 ? 57  LEU A O     1 
ATOM   198 C  CB    . LEU A 1 30  ? -8.675  13.076  1.352   1.00 22.87 ? 57  LEU A CB    1 
ATOM   199 C  CG    . LEU A 1 30  ? -7.363  12.273  1.376   1.00 19.40 ? 57  LEU A CG    1 
ATOM   200 C  CD1   . LEU A 1 30  ? -6.536  12.790  2.530   1.00 20.72 ? 57  LEU A CD1   1 
ATOM   201 C  CD2   . LEU A 1 30  ? -7.569  10.719  1.378   1.00 22.76 ? 57  LEU A CD2   1 
ATOM   202 N  N     . ASP A 1 31  ? -11.890 12.859  0.766   1.00 24.65 ? 58  ASP A N     1 
ATOM   203 C  CA    . ASP A 1 31  ? -13.139 13.431  1.277   1.00 27.26 ? 58  ASP A CA    1 
ATOM   204 C  C     . ASP A 1 31  ? -12.989 13.453  2.786   1.00 26.50 ? 58  ASP A C     1 
ATOM   205 O  O     . ASP A 1 31  ? -12.882 12.387  3.385   1.00 26.98 ? 58  ASP A O     1 
ATOM   206 C  CB    . ASP A 1 31  ? -14.294 12.506  0.836   1.00 26.81 ? 58  ASP A CB    1 
ATOM   207 C  CG    . ASP A 1 31  ? -15.629 12.876  1.466   1.00 32.58 ? 58  ASP A CG    1 
ATOM   208 O  OD1   . ASP A 1 31  ? -15.655 13.724  2.385   1.00 30.25 ? 58  ASP A OD1   1 
ATOM   209 O  OD2   . ASP A 1 31  ? -16.642 12.274  1.034   1.00 33.68 ? 58  ASP A OD2   1 
ATOM   210 N  N     . PRO A 1 32  ? -12.938 14.649  3.414   1.00 27.42 ? 59  PRO A N     1 
ATOM   211 C  CA    . PRO A 1 32  ? -12.646 14.678  4.852   1.00 27.26 ? 59  PRO A CA    1 
ATOM   212 C  C     . PRO A 1 32  ? -13.658 13.847  5.665   1.00 27.75 ? 59  PRO A C     1 
ATOM   213 O  O     . PRO A 1 32  ? -13.265 13.259  6.667   1.00 27.19 ? 59  PRO A O     1 
ATOM   214 C  CB    . PRO A 1 32  ? -12.760 16.159  5.232   1.00 28.43 ? 59  PRO A CB    1 
ATOM   215 C  CG    . PRO A 1 32  ? -12.527 16.919  3.946   1.00 28.16 ? 59  PRO A CG    1 
ATOM   216 C  CD    . PRO A 1 32  ? -13.092 16.017  2.844   1.00 28.14 ? 59  PRO A CD    1 
ATOM   217 N  N     . ALA A 1 33  ? -14.906 13.818  5.217   1.00 27.99 ? 60  ALA A N     1 
ATOM   218 C  CA    . ALA A 1 33  ? -15.977 13.032  5.878   1.00 30.16 ? 60  ALA A CA    1 
ATOM   219 C  C     . ALA A 1 33  ? -15.663 11.520  5.872   1.00 30.05 ? 60  ALA A C     1 
ATOM   220 O  O     . ALA A 1 33  ? -15.937 10.794  6.860   1.00 31.06 ? 60  ALA A O     1 
ATOM   221 C  CB    . ALA A 1 33  ? -17.305 13.285  5.201   1.00 31.25 ? 60  ALA A CB    1 
ATOM   222 N  N     . LYS A 1 34  ? -15.139 11.057  4.743   1.00 28.53 ? 61  LYS A N     1 
ATOM   223 C  CA    . LYS A 1 34  ? -14.792 9.641   4.580   1.00 28.70 ? 61  LYS A CA    1 
ATOM   224 C  C     . LYS A 1 34  ? -13.582 9.283   5.399   1.00 28.50 ? 61  LYS A C     1 
ATOM   225 O  O     . LYS A 1 34  ? -13.501 8.175   5.966   1.00 28.02 ? 61  LYS A O     1 
ATOM   226 C  CB    . LYS A 1 34  ? -14.562 9.339   3.116   1.00 29.46 ? 61  LYS A CB    1 
ATOM   227 C  CG    . LYS A 1 34  ? -14.365 7.872   2.801   1.00 30.65 ? 61  LYS A CG    1 
ATOM   228 C  CD    . LYS A 1 34  ? -14.341 7.683   1.291   1.00 33.35 ? 61  LYS A CD    1 
ATOM   229 C  CE    . LYS A 1 34  ? -13.930 6.260   0.947   1.00 35.14 ? 61  LYS A CE    1 
ATOM   230 N  NZ    . LYS A 1 34  ? -14.038 6.024   -0.535  1.00 33.36 ? 61  LYS A NZ    1 
ATOM   231 N  N     . VAL A 1 35  ? -12.607 10.198  5.472   1.00 27.26 ? 62  VAL A N     1 
ATOM   232 C  CA    . VAL A 1 35  ? -11.461 9.934   6.370   1.00 27.04 ? 62  VAL A CA    1 
ATOM   233 C  C     . VAL A 1 35  ? -11.987 9.736   7.826   1.00 27.69 ? 62  VAL A C     1 
ATOM   234 O  O     . VAL A 1 35  ? -11.574 8.812   8.534   1.00 28.12 ? 62  VAL A O     1 
ATOM   235 C  CB    . VAL A 1 35  ? -10.412 11.059  6.296   1.00 25.89 ? 62  VAL A CB    1 
ATOM   236 C  CG1   . VAL A 1 35  ? -9.273  10.844  7.300   1.00 26.02 ? 62  VAL A CG1   1 
ATOM   237 C  CG2   . VAL A 1 35  ? -9.841  11.173  4.820   1.00 24.26 ? 62  VAL A CG2   1 
ATOM   238 N  N     . GLN A 1 36  ? -12.887 10.623  8.265   1.00 28.92 ? 63  GLN A N     1 
ATOM   239 C  CA    . GLN A 1 36  ? -13.313 10.590  9.663   1.00 29.82 ? 63  GLN A CA    1 
ATOM   240 C  C     . GLN A 1 36  ? -14.152 9.325   9.914   1.00 31.18 ? 63  GLN A C     1 
ATOM   241 O  O     . GLN A 1 36  ? -14.048 8.725   10.979  1.00 33.31 ? 63  GLN A O     1 
ATOM   242 C  CB    . GLN A 1 36  ? -14.147 11.833  10.021  1.00 30.85 ? 63  GLN A CB    1 
ATOM   243 C  CG    . GLN A 1 36  ? -14.413 11.942  11.544  1.00 28.93 ? 63  GLN A CG    1 
ATOM   244 C  CD    . GLN A 1 36  ? -13.154 11.836  12.364  1.00 31.63 ? 63  GLN A CD    1 
ATOM   245 O  OE1   . GLN A 1 36  ? -12.162 12.515  12.088  1.00 39.29 ? 63  GLN A OE1   1 
ATOM   246 N  NE2   . GLN A 1 36  ? -13.172 10.982  13.405  1.00 30.27 ? 63  GLN A NE2   1 
ATOM   247 N  N     . SER A 1 37  ? -14.974 8.948   8.948   1.00 31.53 ? 64  SER A N     1 
ATOM   248 C  CA    . SER A 1 37  ? -15.805 7.740   9.049   1.00 32.22 ? 64  SER A CA    1 
ATOM   249 C  C     . SER A 1 37  ? -14.902 6.515   9.194   1.00 32.05 ? 64  SER A C     1 
ATOM   250 O  O     . SER A 1 37  ? -15.100 5.622   10.078  1.00 31.16 ? 64  SER A O     1 
ATOM   251 C  CB    . SER A 1 37  ? -16.666 7.602   7.800   1.00 33.05 ? 64  SER A CB    1 
ATOM   252 O  OG    . SER A 1 37  ? -17.489 6.427   7.922   1.00 35.83 ? 64  SER A OG    1 
ATOM   253 N  N     . LEU A 1 38  ? -13.841 6.495   8.377   1.00 30.40 ? 65  LEU A N     1 
ATOM   254 C  CA    . LEU A 1 38  ? -12.799 5.464   8.539   1.00 29.58 ? 65  LEU A CA    1 
ATOM   255 C  C     . LEU A 1 38  ? -12.058 5.464   9.879   1.00 30.55 ? 65  LEU A C     1 
ATOM   256 O  O     . LEU A 1 38  ? -11.757 4.367   10.437  1.00 29.93 ? 65  LEU A O     1 
ATOM   257 C  CB    . LEU A 1 38  ? -11.795 5.497   7.349   1.00 28.69 ? 65  LEU A CB    1 
ATOM   258 C  CG    . LEU A 1 38  ? -12.292 4.760   6.114   1.00 30.48 ? 65  LEU A CG    1 
ATOM   259 C  CD1   . LEU A 1 38  ? -11.568 5.191   4.805   1.00 29.70 ? 65  LEU A CD1   1 
ATOM   260 C  CD2   . LEU A 1 38  ? -12.233 3.207   6.324   1.00 30.88 ? 65  LEU A CD2   1 
ATOM   261 N  N     . VAL A 1 39  ? -11.764 6.646   10.440  1.00 28.68 ? 66  VAL A N     1 
ATOM   262 C  CA    . VAL A 1 39  ? -11.101 6.732   11.735  1.00 30.11 ? 66  VAL A CA    1 
ATOM   263 C  C     . VAL A 1 39  ? -12.014 6.088   12.806  1.00 31.21 ? 66  VAL A C     1 
ATOM   264 O  O     . VAL A 1 39  ? -11.562 5.301   13.649  1.00 33.17 ? 66  VAL A O     1 
ATOM   265 C  CB    . VAL A 1 39  ? -10.727 8.178   12.103  1.00 29.33 ? 66  VAL A CB    1 
ATOM   266 C  CG1   . VAL A 1 39  ? -10.458 8.316   13.569  1.00 29.73 ? 66  VAL A CG1   1 
ATOM   267 C  CG2   . VAL A 1 39  ? -9.446  8.625   11.311  1.00 27.03 ? 66  VAL A CG2   1 
ATOM   268 N  N     . ASP A 1 40  ? -13.289 6.401   12.705  1.00 33.80 ? 67  ASP A N     1 
ATOM   269 C  CA    . ASP A 1 40  ? -14.299 5.876   13.640  1.00 35.59 ? 67  ASP A CA    1 
ATOM   270 C  C     . ASP A 1 40  ? -14.379 4.345   13.514  1.00 36.26 ? 67  ASP A C     1 
ATOM   271 O  O     . ASP A 1 40  ? -14.412 3.636   14.535  1.00 37.08 ? 67  ASP A O     1 
ATOM   272 C  CB    . ASP A 1 40  ? -15.644 6.500   13.312  1.00 36.11 ? 67  ASP A CB    1 
ATOM   273 C  CG    . ASP A 1 40  ? -15.719 7.965   13.687  1.00 36.98 ? 67  ASP A CG    1 
ATOM   274 O  OD1   . ASP A 1 40  ? -14.915 8.431   14.520  1.00 40.64 ? 67  ASP A OD1   1 
ATOM   275 O  OD2   . ASP A 1 40  ? -16.618 8.636   13.149  1.00 43.52 ? 67  ASP A OD2   1 
ATOM   276 N  N     . THR A 1 41  ? -14.436 3.854   12.273  1.00 36.27 ? 68  THR A N     1 
ATOM   277 C  CA    . THR A 1 41  ? -14.496 2.399   11.993  1.00 36.56 ? 68  THR A CA    1 
ATOM   278 C  C     . THR A 1 41  ? -13.247 1.694   12.507  1.00 36.64 ? 68  THR A C     1 
ATOM   279 O  O     . THR A 1 41  ? -13.332 0.706   13.220  1.00 37.92 ? 68  THR A O     1 
ATOM   280 C  CB    . THR A 1 41  ? -14.735 2.098   10.506  1.00 36.16 ? 68  THR A CB    1 
ATOM   281 O  OG1   . THR A 1 41  ? -15.997 2.633   10.098  1.00 38.14 ? 68  THR A OG1   1 
ATOM   282 C  CG2   . THR A 1 41  ? -14.675 0.554   10.210  1.00 35.03 ? 68  THR A CG2   1 
ATOM   283 N  N     . ILE A 1 42  ? -12.064 2.210   12.176  1.00 36.00 ? 69  ILE A N     1 
ATOM   284 C  CA    . ILE A 1 42  ? -10.825 1.597   12.639  1.00 35.50 ? 69  ILE A CA    1 
ATOM   285 C  C     . ILE A 1 42  ? -10.835 1.451   14.182  1.00 38.48 ? 69  ILE A C     1 
ATOM   286 O  O     . ILE A 1 42  ? -10.435 0.407   14.711  1.00 38.22 ? 69  ILE A O     1 
ATOM   287 C  CB    . ILE A 1 42  ? -9.586  2.409   12.164  1.00 34.11 ? 69  ILE A CB    1 
ATOM   288 C  CG1   . ILE A 1 42  ? -9.392  2.226   10.645  1.00 33.72 ? 69  ILE A CG1   1 
ATOM   289 C  CG2   . ILE A 1 42  ? -8.368  2.049   12.975  1.00 32.76 ? 69  ILE A CG2   1 
ATOM   290 C  CD1   . ILE A 1 42  ? -8.761  3.499   9.987   1.00 29.48 ? 69  ILE A CD1   1 
ATOM   291 N  N     . ARG A 1 43  ? -11.310 2.497   14.880  1.00 38.95 ? 70  ARG A N     1 
ATOM   292 C  CA    . ARG A 1 43  ? -11.414 2.494   16.336  1.00 40.63 ? 70  ARG A CA    1 
ATOM   293 C  C     . ARG A 1 43  ? -12.360 1.415   16.908  1.00 41.95 ? 70  ARG A C     1 
ATOM   294 O  O     . ARG A 1 43  ? -12.015 0.785   17.916  1.00 43.06 ? 70  ARG A O     1 
ATOM   295 C  CB    . ARG A 1 43  ? -11.823 3.867   16.871  1.00 40.13 ? 70  ARG A CB    1 
ATOM   296 C  CG    . ARG A 1 43  ? -10.668 4.854   17.031  1.00 41.55 ? 70  ARG A CG    1 
ATOM   297 C  CD    . ARG A 1 43  ? -11.209 6.244   17.333  1.00 40.36 ? 70  ARG A CD    1 
ATOM   298 N  NE    . ARG A 1 43  ? -10.145 7.169   17.745  1.00 43.05 ? 70  ARG A NE    1 
ATOM   299 C  CZ    . ARG A 1 43  ? -10.279 8.490   17.852  1.00 43.84 ? 70  ARG A CZ    1 
ATOM   300 N  NH1   . ARG A 1 43  ? -11.428 9.084   17.575  1.00 42.83 ? 70  ARG A NH1   1 
ATOM   301 N  NH2   . ARG A 1 43  ? -9.241  9.225   18.231  1.00 46.43 ? 70  ARG A NH2   1 
ATOM   302 N  N     . GLU A 1 44  ? -13.511 1.199   16.277  1.00 43.20 ? 71  GLU A N     1 
ATOM   303 C  CA    . GLU A 1 44  ? -14.581 0.337   16.857  1.00 44.88 ? 71  GLU A CA    1 
ATOM   304 C  C     . GLU A 1 44  ? -14.737 -1.013  16.174  1.00 44.38 ? 71  GLU A C     1 
ATOM   305 O  O     . GLU A 1 44  ? -15.323 -1.949  16.749  1.00 44.47 ? 71  GLU A O     1 
ATOM   306 C  CB    . GLU A 1 44  ? -15.965 0.986   16.765  1.00 45.60 ? 71  GLU A CB    1 
ATOM   307 C  CG    . GLU A 1 44  ? -16.085 2.474   16.995  1.00 50.07 ? 71  GLU A CG    1 
ATOM   308 C  CD    . GLU A 1 44  ? -17.369 3.009   16.364  1.00 55.64 ? 71  GLU A CD    1 
ATOM   309 O  OE1   . GLU A 1 44  ? -17.838 2.400   15.361  1.00 58.38 ? 71  GLU A OE1   1 
ATOM   310 O  OE2   . GLU A 1 44  ? -17.916 4.024   16.866  1.00 59.26 ? 71  GLU A OE2   1 
ATOM   311 N  N     . ASP A 1 45  ? -14.254 -1.118  14.941  1.00 43.14 ? 72  ASP A N     1 
ATOM   312 C  CA    . ASP A 1 45  ? -14.396 -2.356  14.194  1.00 41.79 ? 72  ASP A CA    1 
ATOM   313 C  C     . ASP A 1 45  ? -13.309 -2.487  13.105  1.00 40.23 ? 72  ASP A C     1 
ATOM   314 O  O     . ASP A 1 45  ? -13.636 -2.536  11.937  1.00 39.42 ? 72  ASP A O     1 
ATOM   315 C  CB    . ASP A 1 45  ? -15.801 -2.393  13.596  1.00 41.59 ? 72  ASP A CB    1 
ATOM   316 C  CG    . ASP A 1 45  ? -16.138 -3.713  12.915  1.00 42.09 ? 72  ASP A CG    1 
ATOM   317 O  OD1   . ASP A 1 45  ? -15.434 -4.727  13.100  1.00 45.08 ? 72  ASP A OD1   1 
ATOM   318 O  OD2   . ASP A 1 45  ? -17.129 -3.721  12.176  1.00 44.29 ? 72  ASP A OD2   1 
ATOM   319 N  N     . PRO A 1 46  ? -12.027 -2.594  13.511  1.00 40.70 ? 73  PRO A N     1 
ATOM   320 C  CA    . PRO A 1 46  ? -10.895 -2.574  12.555  1.00 40.72 ? 73  PRO A CA    1 
ATOM   321 C  C     . PRO A 1 46  ? -10.939 -3.709  11.511  1.00 41.73 ? 73  PRO A C     1 
ATOM   322 O  O     . PRO A 1 46  ? -10.543 -3.500  10.356  1.00 41.67 ? 73  PRO A O     1 
ATOM   323 C  CB    . PRO A 1 46  ? -9.661  -2.678  13.457  1.00 41.07 ? 73  PRO A CB    1 
ATOM   324 C  CG    . PRO A 1 46  ? -10.200 -3.246  14.810  1.00 40.44 ? 73  PRO A CG    1 
ATOM   325 C  CD    . PRO A 1 46  ? -11.577 -2.730  14.913  1.00 40.54 ? 73  PRO A CD    1 
ATOM   326 N  N     . ASP A 1 47  ? -11.485 -4.874  11.894  1.00 41.91 ? 74  ASP A N     1 
ATOM   327 C  CA    . ASP A 1 47  ? -11.602 -6.027  10.988  1.00 42.17 ? 74  ASP A CA    1 
ATOM   328 C  C     . ASP A 1 47  ? -12.433 -5.759  9.767   1.00 40.68 ? 74  ASP A C     1 
ATOM   329 O  O     . ASP A 1 47  ? -12.283 -6.452  8.767   1.00 41.34 ? 74  ASP A O     1 
ATOM   330 C  CB    . ASP A 1 47  ? -12.222 -7.244  11.704  1.00 42.82 ? 74  ASP A CB    1 
ATOM   331 C  CG    . ASP A 1 47  ? -11.354 -7.773  12.821  1.00 46.13 ? 74  ASP A CG    1 
ATOM   332 O  OD1   . ASP A 1 47  ? -10.131 -7.502  12.840  1.00 49.57 ? 74  ASP A OD1   1 
ATOM   333 O  OD2   . ASP A 1 47  ? -11.915 -8.474  13.684  1.00 51.13 ? 74  ASP A OD2   1 
ATOM   334 N  N     . SER A 1 48  ? -13.323 -4.770  9.851   1.00 39.73 ? 75  SER A N     1 
ATOM   335 C  CA    . SER A 1 48  ? -14.180 -4.405  8.735   1.00 38.91 ? 75  SER A CA    1 
ATOM   336 C  C     . SER A 1 48  ? -13.465 -3.481  7.736   1.00 37.35 ? 75  SER A C     1 
ATOM   337 O  O     . SER A 1 48  ? -14.047 -3.082  6.731   1.00 36.71 ? 75  SER A O     1 
ATOM   338 C  CB    . SER A 1 48  ? -15.485 -3.771  9.242   1.00 40.09 ? 75  SER A CB    1 
ATOM   339 O  OG    . SER A 1 48  ? -15.256 -2.503  9.857   1.00 44.60 ? 75  SER A OG    1 
ATOM   340 N  N     . VAL A 1 49  ? -12.207 -3.169  8.026   1.00 35.55 ? 76  VAL A N     1 
ATOM   341 C  CA    . VAL A 1 49  ? -11.415 -2.287  7.144   1.00 33.85 ? 76  VAL A CA    1 
ATOM   342 C  C     . VAL A 1 49  ? -10.331 -3.125  6.512   1.00 31.75 ? 76  VAL A C     1 
ATOM   343 O  O     . VAL A 1 49  ? -9.381  -3.492  7.192   1.00 32.37 ? 76  VAL A O     1 
ATOM   344 C  CB    . VAL A 1 49  ? -10.770 -1.117  7.892   1.00 32.83 ? 76  VAL A CB    1 
ATOM   345 C  CG1   . VAL A 1 49  ? -10.046 -0.163  6.855   1.00 33.64 ? 76  VAL A CG1   1 
ATOM   346 C  CG2   . VAL A 1 49  ? -11.803 -0.369  8.661   1.00 31.56 ? 76  VAL A CG2   1 
ATOM   347 N  N     . PRO A 1 50  ? -10.494 -3.425  5.220   1.00 31.44 ? 77  PRO A N     1 
ATOM   348 C  CA    . PRO A 1 50  ? -9.591  -4.325  4.520   1.00 31.55 ? 77  PRO A CA    1 
ATOM   349 C  C     . PRO A 1 50  ? -8.192  -3.742  4.389   1.00 30.22 ? 77  PRO A C     1 
ATOM   350 O  O     . PRO A 1 50  ? -8.005  -2.491  4.520   1.00 29.54 ? 77  PRO A O     1 
ATOM   351 C  CB    . PRO A 1 50  ? -10.220 -4.472  3.135   1.00 31.17 ? 77  PRO A CB    1 
ATOM   352 C  CG    . PRO A 1 50  ? -11.571 -3.971  3.247   1.00 32.87 ? 77  PRO A CG    1 
ATOM   353 C  CD    . PRO A 1 50  ? -11.571 -2.952  4.341   1.00 32.27 ? 77  PRO A CD    1 
ATOM   354 N  N     . PRO A 1 51  ? -7.206  -4.624  4.229   1.00 29.40 ? 78  PRO A N     1 
ATOM   355 C  CA    . PRO A 1 51  ? -5.848  -4.183  3.933   1.00 27.90 ? 78  PRO A CA    1 
ATOM   356 C  C     . PRO A 1 51  ? -5.748  -3.342  2.678   1.00 26.74 ? 78  PRO A C     1 
ATOM   357 O  O     . PRO A 1 51  ? -6.482  -3.555  1.675   1.00 26.43 ? 78  PRO A O     1 
ATOM   358 C  CB    . PRO A 1 51  ? -5.063  -5.492  3.744   1.00 27.80 ? 78  PRO A CB    1 
ATOM   359 C  CG    . PRO A 1 51  ? -6.060  -6.600  3.843   1.00 30.46 ? 78  PRO A CG    1 
ATOM   360 C  CD    . PRO A 1 51  ? -7.290  -6.097  4.447   1.00 29.22 ? 78  PRO A CD    1 
ATOM   361 N  N     . ILE A 1 52  ? -4.815  -2.389  2.718   1.00 26.08 ? 79  ILE A N     1 
ATOM   362 C  CA    . ILE A 1 52  ? -4.575  -1.589  1.516   1.00 24.32 ? 79  ILE A CA    1 
ATOM   363 C  C     . ILE A 1 52  ? -3.594  -2.314  0.595   1.00 24.84 ? 79  ILE A C     1 
ATOM   364 O  O     . ILE A 1 52  ? -2.677  -3.021  1.060   1.00 24.82 ? 79  ILE A O     1 
ATOM   365 C  CB    . ILE A 1 52  ? -4.037  -0.170  1.862   1.00 23.51 ? 79  ILE A CB    1 
ATOM   366 C  CG1   . ILE A 1 52  ? -2.678  -0.207  2.585   1.00 24.88 ? 79  ILE A CG1   1 
ATOM   367 C  CG2   . ILE A 1 52  ? -5.131  0.632   2.547   1.00 24.65 ? 79  ILE A CG2   1 
ATOM   368 C  CD1   . ILE A 1 52  ? -1.955  1.208   2.573   1.00 24.53 ? 79  ILE A CD1   1 
ATOM   369 N  N     . ASP A 1 53  ? -3.758  -2.134  -0.710  1.00 24.66 ? 80  ASP A N     1 
ATOM   370 C  CA    . ASP A 1 53  ? -2.902  -2.844  -1.643  1.00 23.87 ? 80  ASP A CA    1 
ATOM   371 C  C     . ASP A 1 53  ? -1.613  -2.059  -1.853  1.00 24.56 ? 80  ASP A C     1 
ATOM   372 O  O     . ASP A 1 53  ? -1.667  -0.852  -2.189  1.00 22.46 ? 80  ASP A O     1 
ATOM   373 C  CB    . ASP A 1 53  ? -3.599  -2.979  -2.992  1.00 25.66 ? 80  ASP A CB    1 
ATOM   374 C  CG    . ASP A 1 53  ? -4.697  -4.025  -2.986  1.00 30.06 ? 80  ASP A CG    1 
ATOM   375 O  OD1   . ASP A 1 53  ? -4.847  -4.737  -1.976  1.00 33.28 ? 80  ASP A OD1   1 
ATOM   376 O  OD2   . ASP A 1 53  ? -5.435  -4.064  -4.008  1.00 35.97 ? 80  ASP A OD2   1 
ATOM   377 N  N     . VAL A 1 54  ? -0.479  -2.750  -1.736  1.00 22.12 ? 81  VAL A N     1 
ATOM   378 C  CA    . VAL A 1 54  ? 0.862   -2.145  -1.838  1.00 22.22 ? 81  VAL A CA    1 
ATOM   379 C  C     . VAL A 1 54  ? 1.739   -2.920  -2.810  1.00 23.22 ? 81  VAL A C     1 
ATOM   380 O  O     . VAL A 1 54  ? 1.768   -4.149  -2.767  1.00 23.83 ? 81  VAL A O     1 
ATOM   381 C  CB    . VAL A 1 54  ? 1.494   -2.078  -0.405  1.00 23.28 ? 81  VAL A CB    1 
ATOM   382 C  CG1   . VAL A 1 54  ? 2.978   -1.683  -0.445  1.00 23.92 ? 81  VAL A CG1   1 
ATOM   383 C  CG2   . VAL A 1 54  ? 0.616   -1.129  0.514   1.00 23.46 ? 81  VAL A CG2   1 
ATOM   384 N  N     . LEU A 1 55  ? 2.433   -2.223  -3.707  1.00 21.01 ? 82  LEU A N     1 
ATOM   385 C  CA    . LEU A 1 55  ? 3.371   -2.897  -4.627  1.00 21.51 ? 82  LEU A CA    1 
ATOM   386 C  C     . LEU A 1 55  ? 4.634   -3.209  -3.842  1.00 23.18 ? 82  LEU A C     1 
ATOM   387 O  O     . LEU A 1 55  ? 5.264   -2.305  -3.267  1.00 23.29 ? 82  LEU A O     1 
ATOM   388 C  CB    . LEU A 1 55  ? 3.727   -2.025  -5.847  1.00 21.83 ? 82  LEU A CB    1 
ATOM   389 C  CG    . LEU A 1 55  ? 2.707   -1.646  -6.946  1.00 23.33 ? 82  LEU A CG    1 
ATOM   390 C  CD1   . LEU A 1 55  ? 1.675   -0.680  -6.452  1.00 26.06 ? 82  LEU A CD1   1 
ATOM   391 C  CD2   . LEU A 1 55  ? 3.488   -1.019  -8.155  1.00 24.46 ? 82  LEU A CD2   1 
ATOM   392 N  N     . TRP A 1 56  ? 5.040   -4.468  -3.852  1.00 21.04 ? 83  TRP A N     1 
ATOM   393 C  CA    . TRP A 1 56  ? 6.284   -4.877  -3.213  1.00 22.55 ? 83  TRP A CA    1 
ATOM   394 C  C     . TRP A 1 56  ? 7.282   -5.182  -4.309  1.00 24.07 ? 83  TRP A C     1 
ATOM   395 O  O     . TRP A 1 56  ? 7.121   -6.149  -5.089  1.00 23.79 ? 83  TRP A O     1 
ATOM   396 C  CB    . TRP A 1 56  ? 6.034   -6.134  -2.413  1.00 24.94 ? 83  TRP A CB    1 
ATOM   397 C  CG    . TRP A 1 56  ? 7.236   -6.735  -1.812  1.00 24.27 ? 83  TRP A CG    1 
ATOM   398 C  CD1   . TRP A 1 56  ? 8.516   -6.246  -1.786  1.00 29.17 ? 83  TRP A CD1   1 
ATOM   399 C  CD2   . TRP A 1 56  ? 7.239   -7.954  -1.095  1.00 29.19 ? 83  TRP A CD2   1 
ATOM   400 N  NE1   . TRP A 1 56  ? 9.346   -7.144  -1.101  1.00 32.33 ? 83  TRP A NE1   1 
ATOM   401 C  CE2   . TRP A 1 56  ? 8.572   -8.192  -0.671  1.00 30.40 ? 83  TRP A CE2   1 
ATOM   402 C  CE3   . TRP A 1 56  ? 6.237   -8.868  -0.762  1.00 32.54 ? 83  TRP A CE3   1 
ATOM   403 C  CZ2   . TRP A 1 56  ? 8.924   -9.334  0.084   1.00 33.09 ? 83  TRP A CZ2   1 
ATOM   404 C  CZ3   . TRP A 1 56  ? 6.594   -10.021 -0.006  1.00 32.54 ? 83  TRP A CZ3   1 
ATOM   405 C  CH2   . TRP A 1 56  ? 7.921   -10.219 0.392   1.00 30.46 ? 83  TRP A CH2   1 
ATOM   406 N  N     . ILE A 1 57  ? 8.274   -4.323  -4.448  1.00 22.84 ? 84  ILE A N     1 
ATOM   407 C  CA    . ILE A 1 57  ? 9.247   -4.450  -5.546  1.00 23.82 ? 84  ILE A CA    1 
ATOM   408 C  C     . ILE A 1 57  ? 10.590  -4.803  -4.953  1.00 26.08 ? 84  ILE A C     1 
ATOM   409 O  O     . ILE A 1 57  ? 11.017  -4.186  -3.991  1.00 25.68 ? 84  ILE A O     1 
ATOM   410 C  CB    . ILE A 1 57  ? 9.309   -3.157  -6.412  1.00 23.89 ? 84  ILE A CB    1 
ATOM   411 C  CG1   . ILE A 1 57  ? 7.922   -2.853  -6.975  1.00 25.74 ? 84  ILE A CG1   1 
ATOM   412 C  CG2   . ILE A 1 57  ? 10.321  -3.288  -7.491  1.00 22.88 ? 84  ILE A CG2   1 
ATOM   413 C  CD1   . ILE A 1 57  ? 7.672   -1.377  -7.257  1.00 31.24 ? 84  ILE A CD1   1 
ATOM   414 N  N     . LYS A 1 58  ? 11.254  -5.838  -5.497  1.00 25.75 ? 85  LYS A N     1 
ATOM   415 C  CA    . LYS A 1 58  ? 12.643  -6.102  -5.079  1.00 28.30 ? 85  LYS A CA    1 
ATOM   416 C  C     . LYS A 1 58  ? 13.551  -5.482  -6.123  1.00 27.82 ? 85  LYS A C     1 
ATOM   417 O  O     . LYS A 1 58  ? 13.321  -5.656  -7.336  1.00 28.86 ? 85  LYS A O     1 
ATOM   418 C  CB    . LYS A 1 58  ? 12.896  -7.641  -4.930  1.00 28.11 ? 85  LYS A CB    1 
ATOM   419 C  CG    . LYS A 1 58  ? 12.338  -8.190  -3.670  1.00 33.17 ? 85  LYS A CG    1 
ATOM   420 C  CD    . LYS A 1 58  ? 13.120  -9.437  -3.236  1.00 39.30 ? 85  LYS A CD    1 
ATOM   421 C  CE    . LYS A 1 58  ? 12.419  -10.152 -2.107  1.00 39.96 ? 85  LYS A CE    1 
ATOM   422 N  NZ    . LYS A 1 58  ? 12.937  -9.650  -0.807  1.00 39.77 ? 85  LYS A NZ    1 
ATOM   423 N  N     . GLY A 1 59  ? 14.559  -4.723  -5.688  1.00 27.29 ? 86  GLY A N     1 
ATOM   424 C  CA    . GLY A 1 59  ? 15.409  -3.983  -6.604  1.00 27.11 ? 86  GLY A CA    1 
ATOM   425 C  C     . GLY A 1 59  ? 16.541  -4.877  -7.120  1.00 30.37 ? 86  GLY A C     1 
ATOM   426 O  O     . GLY A 1 59  ? 16.637  -6.052  -6.711  1.00 29.96 ? 86  GLY A O     1 
ATOM   427 N  N     . ALA A 1 60  ? 17.384  -4.301  -7.970  1.00 30.54 ? 87  ALA A N     1 
ATOM   428 C  CA    . ALA A 1 60  ? 18.497  -5.034  -8.647  1.00 32.56 ? 87  ALA A CA    1 
ATOM   429 C  C     . ALA A 1 60  ? 19.426  -5.759  -7.690  1.00 34.48 ? 87  ALA A C     1 
ATOM   430 O  O     . ALA A 1 60  ? 20.009  -6.819  -8.034  1.00 36.58 ? 87  ALA A O     1 
ATOM   431 C  CB    . ALA A 1 60  ? 19.283  -4.092  -9.577  1.00 32.41 ? 87  ALA A CB    1 
ATOM   432 N  N     . GLN A 1 61  ? 19.575  -5.219  -6.483  1.00 35.60 ? 88  GLN A N     1 
ATOM   433 C  CA    . GLN A 1 61  ? 20.458  -5.801  -5.490  1.00 35.57 ? 88  GLN A CA    1 
ATOM   434 C  C     . GLN A 1 61  ? 19.690  -6.339  -4.314  1.00 34.98 ? 88  GLN A C     1 
ATOM   435 O  O     . GLN A 1 61  ? 20.231  -6.506  -3.216  1.00 36.72 ? 88  GLN A O     1 
ATOM   436 C  CB    . GLN A 1 61  ? 21.523  -4.789  -5.060  1.00 35.77 ? 88  GLN A CB    1 
ATOM   437 C  CG    . GLN A 1 61  ? 22.340  -4.160  -6.193  1.00 36.79 ? 88  GLN A CG    1 
ATOM   438 C  CD    . GLN A 1 61  ? 23.445  -3.243  -5.633  1.00 37.15 ? 88  GLN A CD    1 
ATOM   439 O  OE1   . GLN A 1 61  ? 24.129  -3.633  -4.679  1.00 41.53 ? 88  GLN A OE1   1 
ATOM   440 N  NE2   . GLN A 1 61  ? 23.615  -2.019  -6.209  1.00 36.82 ? 88  GLN A NE2   1 
ATOM   441 N  N     . GLY A 1 62  ? 18.418  -6.647  -4.543  1.00 33.64 ? 89  GLY A N     1 
ATOM   442 C  CA    . GLY A 1 62  ? 17.595  -7.272  -3.536  1.00 31.95 ? 89  GLY A CA    1 
ATOM   443 C  C     . GLY A 1 62  ? 16.900  -6.406  -2.492  1.00 30.93 ? 89  GLY A C     1 
ATOM   444 O  O     . GLY A 1 62  ? 16.249  -6.942  -1.609  1.00 31.88 ? 89  GLY A O     1 
ATOM   445 N  N     . GLY A 1 63  ? 17.063  -5.084  -2.567  1.00 30.55 ? 90  GLY A N     1 
ATOM   446 C  CA    . GLY A 1 63  ? 16.314  -4.170  -1.676  1.00 29.18 ? 90  GLY A CA    1 
ATOM   447 C  C     . GLY A 1 63  ? 14.807  -4.296  -1.836  1.00 28.97 ? 90  GLY A C     1 
ATOM   448 O  O     . GLY A 1 63  ? 14.327  -4.306  -2.963  1.00 28.54 ? 90  GLY A O     1 
ATOM   449 N  N     . ASP A 1 64  ? 14.072  -4.369  -0.714  1.00 27.90 ? 91  ASP A N     1 
ATOM   450 C  CA    . ASP A 1 64  ? 12.617  -4.348  -0.735  1.00 27.14 ? 91  ASP A CA    1 
ATOM   451 C  C     . ASP A 1 64  ? 12.110  -2.913  -0.747  1.00 25.72 ? 91  ASP A C     1 
ATOM   452 O  O     . ASP A 1 64  ? 12.589  -2.088  0.018   1.00 24.97 ? 91  ASP A O     1 
ATOM   453 C  CB    . ASP A 1 64  ? 12.031  -5.062  0.485   1.00 27.33 ? 91  ASP A CB    1 
ATOM   454 C  CG    . ASP A 1 64  ? 12.453  -6.485  0.519   1.00 33.15 ? 91  ASP A CG    1 
ATOM   455 O  OD1   . ASP A 1 64  ? 12.127  -7.176  -0.463  1.00 31.67 ? 91  ASP A OD1   1 
ATOM   456 O  OD2   . ASP A 1 64  ? 13.209  -6.856  1.459   1.00 34.20 ? 91  ASP A OD2   1 
ATOM   457 N  N     . TYR A 1 65  ? 11.167  -2.619  -1.632  1.00 22.79 ? 92  TYR A N     1 
ATOM   458 C  CA    . TYR A 1 65  ? 10.555  -1.258  -1.673  1.00 22.66 ? 92  TYR A CA    1 
ATOM   459 C  C     . TYR A 1 65  ? 9.076   -1.467  -1.677  1.00 22.48 ? 92  TYR A C     1 
ATOM   460 O  O     . TYR A 1 65  ? 8.587   -2.410  -2.339  1.00 22.43 ? 92  TYR A O     1 
ATOM   461 C  CB    . TYR A 1 65  ? 10.963  -0.444  -2.926  1.00 21.46 ? 92  TYR A CB    1 
ATOM   462 C  CG    . TYR A 1 65  ? 12.461  -0.176  -2.932  1.00 22.62 ? 92  TYR A CG    1 
ATOM   463 C  CD1   . TYR A 1 65  ? 13.345  -1.166  -3.365  1.00 23.28 ? 92  TYR A CD1   1 
ATOM   464 C  CD2   . TYR A 1 65  ? 12.978  1.024   -2.460  1.00 23.12 ? 92  TYR A CD2   1 
ATOM   465 C  CE1   . TYR A 1 65  ? 14.735  -0.976  -3.289  1.00 25.07 ? 92  TYR A CE1   1 
ATOM   466 C  CE2   . TYR A 1 65  ? 14.390  1.284   -2.455  1.00 22.50 ? 92  TYR A CE2   1 
ATOM   467 C  CZ    . TYR A 1 65  ? 15.240  0.267   -2.868  1.00 26.53 ? 92  TYR A CZ    1 
ATOM   468 O  OH    . TYR A 1 65  ? 16.592  0.441   -2.828  1.00 23.21 ? 92  TYR A OH    1 
ATOM   469 N  N     . PHE A 1 66  ? 8.365   -0.602  -0.957  1.00 21.08 ? 93  PHE A N     1 
ATOM   470 C  CA    . PHE A 1 66  ? 6.939   -0.711  -0.825  1.00 21.25 ? 93  PHE A CA    1 
ATOM   471 C  C     . PHE A 1 66  ? 6.271   0.548   -1.342  1.00 22.12 ? 93  PHE A C     1 
ATOM   472 O  O     . PHE A 1 66  ? 6.402   1.617   -0.737  1.00 21.85 ? 93  PHE A O     1 
ATOM   473 C  CB    . PHE A 1 66  ? 6.559   -0.981  0.645   1.00 20.64 ? 93  PHE A CB    1 
ATOM   474 C  CG    . PHE A 1 66  ? 7.209   -2.242  1.156   1.00 24.09 ? 93  PHE A CG    1 
ATOM   475 C  CD1   . PHE A 1 66  ? 6.702   -3.476  0.782   1.00 27.94 ? 93  PHE A CD1   1 
ATOM   476 C  CD2   . PHE A 1 66  ? 8.338   -2.174  1.981   1.00 29.45 ? 93  PHE A CD2   1 
ATOM   477 C  CE1   . PHE A 1 66  ? 7.288   -4.648  1.258   1.00 29.97 ? 93  PHE A CE1   1 
ATOM   478 C  CE2   . PHE A 1 66  ? 8.961   -3.353  2.425   1.00 33.25 ? 93  PHE A CE2   1 
ATOM   479 C  CZ    . PHE A 1 66  ? 8.407   -4.578  2.069   1.00 29.36 ? 93  PHE A CZ    1 
ATOM   480 N  N     . TYR A 1 67  ? 5.599   0.410   -2.492  1.00 18.96 ? 94  TYR A N     1 
ATOM   481 C  CA    . TYR A 1 67  ? 4.981   1.594   -3.167  1.00 20.06 ? 94  TYR A CA    1 
ATOM   482 C  C     . TYR A 1 67  ? 3.489   1.571   -2.920  1.00 20.88 ? 94  TYR A C     1 
ATOM   483 O  O     . TYR A 1 67  ? 2.818   0.509   -3.066  1.00 22.23 ? 94  TYR A O     1 
ATOM   484 C  CB    . TYR A 1 67  ? 5.284   1.633   -4.676  1.00 20.35 ? 94  TYR A CB    1 
ATOM   485 C  CG    . TYR A 1 67  ? 6.586   2.353   -4.987  1.00 20.37 ? 94  TYR A CG    1 
ATOM   486 C  CD1   . TYR A 1 67  ? 6.592   3.734   -5.343  1.00 20.57 ? 94  TYR A CD1   1 
ATOM   487 C  CD2   . TYR A 1 67  ? 7.812   1.698   -4.863  1.00 20.81 ? 94  TYR A CD2   1 
ATOM   488 C  CE1   . TYR A 1 67  ? 7.803   4.386   -5.616  1.00 20.90 ? 94  TYR A CE1   1 
ATOM   489 C  CE2   . TYR A 1 67  ? 9.041   2.358   -5.150  1.00 20.47 ? 94  TYR A CE2   1 
ATOM   490 C  CZ    . TYR A 1 67  ? 9.015   3.687   -5.482  1.00 21.80 ? 94  TYR A CZ    1 
ATOM   491 O  OH    . TYR A 1 67  ? 10.202  4.346   -5.715  1.00 24.07 ? 94  TYR A OH    1 
ATOM   492 N  N     . SER A 1 68  ? 2.929   2.721   -2.540  1.00 18.78 ? 95  SER A N     1 
ATOM   493 C  CA    . SER A 1 68  ? 1.531   2.789   -2.171  1.00 19.58 ? 95  SER A CA    1 
ATOM   494 C  C     . SER A 1 68  ? 0.842   3.904   -2.994  1.00 21.43 ? 95  SER A C     1 
ATOM   495 O  O     . SER A 1 68  ? 1.237   5.105   -2.881  1.00 19.83 ? 95  SER A O     1 
ATOM   496 C  CB    . SER A 1 68  ? 1.458   3.168   -0.683  1.00 19.48 ? 95  SER A CB    1 
ATOM   497 O  OG    . SER A 1 68  ? 0.104   3.281   -0.252  1.00 22.65 ? 95  SER A OG    1 
ATOM   498 N  N     . PHE A 1 69  ? -0.197  3.529   -3.759  1.00 20.51 ? 96  PHE A N     1 
ATOM   499 C  CA    . PHE A 1 69  ? -0.908  4.492   -4.632  1.00 23.62 ? 96  PHE A CA    1 
ATOM   500 C  C     . PHE A 1 69  ? -2.363  4.597   -4.206  1.00 24.75 ? 96  PHE A C     1 
ATOM   501 O  O     . PHE A 1 69  ? -2.885  5.690   -3.952  1.00 26.55 ? 96  PHE A O     1 
ATOM   502 C  CB    . PHE A 1 69  ? -0.772  4.057   -6.088  1.00 23.10 ? 96  PHE A CB    1 
ATOM   503 C  CG    . PHE A 1 69  ? 0.626   4.144   -6.597  1.00 22.47 ? 96  PHE A CG    1 
ATOM   504 C  CD1   . PHE A 1 69  ? 1.186   5.392   -6.927  1.00 22.43 ? 96  PHE A CD1   1 
ATOM   505 C  CD2   . PHE A 1 69  ? 1.416   2.987   -6.717  1.00 22.22 ? 96  PHE A CD2   1 
ATOM   506 C  CE1   . PHE A 1 69  ? 2.518   5.473   -7.405  1.00 23.79 ? 96  PHE A CE1   1 
ATOM   507 C  CE2   . PHE A 1 69  ? 2.729   3.058   -7.203  1.00 23.35 ? 96  PHE A CE2   1 
ATOM   508 C  CZ    . PHE A 1 69  ? 3.290   4.312   -7.535  1.00 23.81 ? 96  PHE A CZ    1 
ATOM   509 N  N     . GLY A 1 70  ? -3.008  3.467   -4.080  1.00 25.09 ? 97  GLY A N     1 
ATOM   510 C  CA    . GLY A 1 70  ? -4.413  3.537   -3.645  1.00 25.41 ? 97  GLY A CA    1 
ATOM   511 C  C     . GLY A 1 70  ? -4.536  3.417   -2.156  1.00 25.54 ? 97  GLY A C     1 
ATOM   512 O  O     . GLY A 1 70  ? -3.556  3.608   -1.400  1.00 24.57 ? 97  GLY A O     1 
ATOM   513 N  N     . GLY A 1 71  ? -5.743  3.123   -1.702  1.00 24.70 ? 98  GLY A N     1 
ATOM   514 C  CA    . GLY A 1 71  ? -5.965  3.039   -0.253  1.00 23.28 ? 98  GLY A CA    1 
ATOM   515 C  C     . GLY A 1 71  ? -5.795  4.370   0.456   1.00 23.23 ? 98  GLY A C     1 
ATOM   516 O  O     . GLY A 1 71  ? -5.451  4.408   1.610   1.00 22.60 ? 98  GLY A O     1 
ATOM   517 N  N     . SER A 1 72  ? -6.040  5.480   -0.244  1.00 22.59 ? 99  SER A N     1 
ATOM   518 C  CA    . SER A 1 72  ? -5.655  6.771   0.305   1.00 22.68 ? 99  SER A CA    1 
ATOM   519 C  C     . SER A 1 72  ? -6.417  7.183   1.538   1.00 22.93 ? 99  SER A C     1 
ATOM   520 O  O     . SER A 1 72  ? -5.854  7.803   2.447   1.00 23.51 ? 99  SER A O     1 
ATOM   521 C  CB    . SER A 1 72  ? -5.854  7.861   -0.744  1.00 23.19 ? 99  SER A CB    1 
ATOM   522 O  OG    . SER A 1 72  ? -5.141  7.526   -1.896  1.00 26.32 ? 99  SER A OG    1 
ATOM   523 N  N     . HIS A 1 73  ? -7.701  6.842   1.572   1.00 23.29 ? 100 HIS A N     1 
ATOM   524 C  CA    . HIS A 1 73  ? -8.524  7.243   2.700   1.00 22.88 ? 100 HIS A CA    1 
ATOM   525 C  C     . HIS A 1 73  ? -8.150  6.434   3.936   1.00 24.42 ? 100 HIS A C     1 
ATOM   526 O  O     . HIS A 1 73  ? -8.053  6.983   5.032   1.00 24.07 ? 100 HIS A O     1 
ATOM   527 C  CB    . HIS A 1 73  ? -10.008 7.102   2.361   1.00 23.41 ? 100 HIS A CB    1 
ATOM   528 C  CG    . HIS A 1 73  ? -10.544 8.230   1.531   1.00 23.72 ? 100 HIS A CG    1 
ATOM   529 N  ND1   . HIS A 1 73  ? -10.500 8.237   0.157   1.00 23.36 ? 100 HIS A ND1   1 
ATOM   530 C  CD2   . HIS A 1 73  ? -11.109 9.410   1.901   1.00 24.70 ? 100 HIS A CD2   1 
ATOM   531 C  CE1   . HIS A 1 73  ? -11.049 9.357   -0.299  1.00 22.75 ? 100 HIS A CE1   1 
ATOM   532 N  NE2   . HIS A 1 73  ? -11.439 10.080  0.744   1.00 23.78 ? 100 HIS A NE2   1 
ATOM   533 N  N     . ARG A 1 74  ? -7.931  5.128   3.750   1.00 23.91 ? 101 ARG A N     1 
ATOM   534 C  CA    . ARG A 1 74  ? -7.445  4.306   4.860   1.00 23.91 ? 101 ARG A CA    1 
ATOM   535 C  C     . ARG A 1 74  ? -6.067  4.761   5.360   1.00 23.02 ? 101 ARG A C     1 
ATOM   536 O  O     . ARG A 1 74  ? -5.852  4.911   6.553   1.00 23.66 ? 101 ARG A O     1 
ATOM   537 C  CB    . ARG A 1 74  ? -7.381  2.833   4.434   1.00 24.19 ? 101 ARG A CB    1 
ATOM   538 C  CG    . ARG A 1 74  ? -8.783  2.236   4.340   1.00 25.11 ? 101 ARG A CG    1 
ATOM   539 C  CD    . ARG A 1 74  ? -8.747  0.864   3.614   1.00 25.99 ? 101 ARG A CD    1 
ATOM   540 N  NE    . ARG A 1 74  ? -8.782  0.993   2.154   1.00 27.87 ? 101 ARG A NE    1 
ATOM   541 C  CZ    . ARG A 1 74  ? -8.630  -0.017  1.318   1.00 31.17 ? 101 ARG A CZ    1 
ATOM   542 N  NH1   . ARG A 1 74  ? -8.400  -1.240  1.806   1.00 30.51 ? 101 ARG A NH1   1 
ATOM   543 N  NH2   . ARG A 1 74  ? -8.687  0.183   0.004   1.00 27.50 ? 101 ARG A NH2   1 
ATOM   544 N  N     . TYR A 1 75  ? -5.154  5.026   4.427   1.00 23.41 ? 102 TYR A N     1 
ATOM   545 C  CA    . TYR A 1 75  ? -3.851  5.529   4.768   1.00 23.47 ? 102 TYR A CA    1 
ATOM   546 C  C     . TYR A 1 75  ? -3.966  6.818   5.620   1.00 24.02 ? 102 TYR A C     1 
ATOM   547 O  O     . TYR A 1 75  ? -3.314  6.971   6.621   1.00 23.12 ? 102 TYR A O     1 
ATOM   548 C  CB    . TYR A 1 75  ? -3.062  5.796   3.477   1.00 24.59 ? 102 TYR A CB    1 
ATOM   549 C  CG    . TYR A 1 75  ? -1.690  6.343   3.758   1.00 24.69 ? 102 TYR A CG    1 
ATOM   550 C  CD1   . TYR A 1 75  ? -0.596  5.488   3.933   1.00 26.29 ? 102 TYR A CD1   1 
ATOM   551 C  CD2   . TYR A 1 75  ? -1.478  7.746   3.809   1.00 27.79 ? 102 TYR A CD2   1 
ATOM   552 C  CE1   . TYR A 1 75  ? 0.703   5.992   4.160   1.00 24.56 ? 102 TYR A CE1   1 
ATOM   553 C  CE2   . TYR A 1 75  ? -0.200  8.271   4.059   1.00 29.06 ? 102 TYR A CE2   1 
ATOM   554 C  CZ    . TYR A 1 75  ? 0.885   7.395   4.244   1.00 27.68 ? 102 TYR A CZ    1 
ATOM   555 O  OH    . TYR A 1 75  ? 2.144   7.931   4.496   1.00 27.90 ? 102 TYR A OH    1 
ATOM   556 N  N     . ALA A 1 76  ? -4.781  7.760   5.161   1.00 23.85 ? 103 ALA A N     1 
ATOM   557 C  CA    . ALA A 1 76  ? -4.949  9.031   5.849   1.00 24.76 ? 103 ALA A CA    1 
ATOM   558 C  C     . ALA A 1 76  ? -5.495  8.797   7.270   1.00 24.68 ? 103 ALA A C     1 
ATOM   559 O  O     . ALA A 1 76  ? -5.054  9.434   8.251   1.00 25.80 ? 103 ALA A O     1 
ATOM   560 C  CB    . ALA A 1 76  ? -5.931  9.892   5.028   1.00 24.09 ? 103 ALA A CB    1 
ATOM   561 N  N     . ALA A 1 77  ? -6.453  7.882   7.366   1.00 25.21 ? 104 ALA A N     1 
ATOM   562 C  CA    . ALA A 1 77  ? -7.123  7.573   8.645   1.00 25.02 ? 104 ALA A CA    1 
ATOM   563 C  C     . ALA A 1 77  ? -6.150  6.946   9.646   1.00 25.49 ? 104 ALA A C     1 
ATOM   564 O  O     . ALA A 1 77  ? -6.088  7.353   10.819  1.00 24.93 ? 104 ALA A O     1 
ATOM   565 C  CB    . ALA A 1 77  ? -8.379  6.686   8.407   1.00 24.78 ? 104 ALA A CB    1 
ATOM   566 N  N     . TYR A 1 78  ? -5.353  5.972   9.194   1.00 24.52 ? 105 TYR A N     1 
ATOM   567 C  CA    . TYR A 1 78  ? -4.289  5.443   10.043  1.00 25.46 ? 105 TYR A CA    1 
ATOM   568 C  C     . TYR A 1 78  ? -3.267  6.498   10.484  1.00 25.89 ? 105 TYR A C     1 
ATOM   569 O  O     . TYR A 1 78  ? -2.822  6.476   11.615  1.00 25.88 ? 105 TYR A O     1 
ATOM   570 C  CB    . TYR A 1 78  ? -3.579  4.229   9.386   1.00 25.11 ? 105 TYR A CB    1 
ATOM   571 C  CG    . TYR A 1 78  ? -4.366  2.950   9.579   1.00 27.45 ? 105 TYR A CG    1 
ATOM   572 C  CD1   . TYR A 1 78  ? -5.430  2.601   8.747   1.00 27.74 ? 105 TYR A CD1   1 
ATOM   573 C  CD2   . TYR A 1 78  ? -4.044  2.105   10.662  1.00 29.28 ? 105 TYR A CD2   1 
ATOM   574 C  CE1   . TYR A 1 78  ? -6.166  1.408   8.987   1.00 29.16 ? 105 TYR A CE1   1 
ATOM   575 C  CE2   . TYR A 1 78  ? -4.724  0.963   10.879  1.00 28.32 ? 105 TYR A CE2   1 
ATOM   576 C  CZ    . TYR A 1 78  ? -5.780  0.611   10.077  1.00 29.46 ? 105 TYR A CZ    1 
ATOM   577 O  OH    . TYR A 1 78  ? -6.447  -0.561  10.398  1.00 30.22 ? 105 TYR A OH    1 
ATOM   578 N  N     . GLN A 1 79  ? -2.924  7.453   9.613   1.00 26.77 ? 106 GLN A N     1 
ATOM   579 C  CA    . GLN A 1 79  ? -2.041  8.561   9.990   1.00 28.19 ? 106 GLN A CA    1 
ATOM   580 C  C     . GLN A 1 79  ? -2.645  9.414   11.087  1.00 27.06 ? 106 GLN A C     1 
ATOM   581 O  O     . GLN A 1 79  ? -1.916  9.858   11.977  1.00 28.86 ? 106 GLN A O     1 
ATOM   582 C  CB    . GLN A 1 79  ? -1.839  9.520   8.798   1.00 27.83 ? 106 GLN A CB    1 
ATOM   583 C  CG    . GLN A 1 79  ? -0.803  9.184   7.752   1.00 33.44 ? 106 GLN A CG    1 
ATOM   584 C  CD    . GLN A 1 79  ? -0.687  10.368  6.713   1.00 35.08 ? 106 GLN A CD    1 
ATOM   585 O  OE1   . GLN A 1 79  ? -1.694  10.837  6.149   1.00 41.36 ? 106 GLN A OE1   1 
ATOM   586 N  NE2   . GLN A 1 79  ? 0.542   10.844  6.476   1.00 41.19 ? 106 GLN A NE2   1 
ATOM   587 N  N     . GLN A 1 80  ? -3.943  9.723   10.957  1.00 27.45 ? 107 GLN A N     1 
ATOM   588 C  CA    . GLN A 1 80  ? -4.644  10.604  11.930  1.00 27.87 ? 107 GLN A CA    1 
ATOM   589 C  C     . GLN A 1 80  ? -4.707  9.927   13.307  1.00 29.47 ? 107 GLN A C     1 
ATOM   590 O  O     . GLN A 1 80  ? -4.657  10.597  14.365  1.00 30.76 ? 107 GLN A O     1 
ATOM   591 C  CB    . GLN A 1 80  ? -6.056  10.945  11.473  1.00 27.98 ? 107 GLN A CB    1 
ATOM   592 C  CG    . GLN A 1 80  ? -6.010  11.993  10.373  1.00 28.13 ? 107 GLN A CG    1 
ATOM   593 C  CD    . GLN A 1 80  ? -7.326  12.647  10.061  1.00 30.13 ? 107 GLN A CD    1 
ATOM   594 O  OE1   . GLN A 1 80  ? -8.287  12.617  10.848  1.00 32.24 ? 107 GLN A OE1   1 
ATOM   595 N  NE2   . GLN A 1 80  ? -7.381  13.270  8.888   1.00 25.86 ? 107 GLN A NE2   1 
ATOM   596 N  N     . LEU A 1 81  ? -4.795  8.609   13.288  1.00 30.31 ? 108 LEU A N     1 
ATOM   597 C  CA    . LEU A 1 81  ? -4.660  7.807   14.530  1.00 30.18 ? 108 LEU A CA    1 
ATOM   598 C  C     . LEU A 1 81  ? -3.238  7.579   15.095  1.00 32.28 ? 108 LEU A C     1 
ATOM   599 O  O     . LEU A 1 81  ? -3.074  6.896   16.140  1.00 31.57 ? 108 LEU A O     1 
ATOM   600 C  CB    . LEU A 1 81  ? -5.419  6.490   14.361  1.00 31.29 ? 108 LEU A CB    1 
ATOM   601 C  CG    . LEU A 1 81  ? -6.953  6.518   14.319  1.00 32.37 ? 108 LEU A CG    1 
ATOM   602 C  CD1   . LEU A 1 81  ? -7.535  5.188   13.862  1.00 34.99 ? 108 LEU A CD1   1 
ATOM   603 C  CD2   . LEU A 1 81  ? -7.567  6.951   15.669  1.00 32.28 ? 108 LEU A CD2   1 
ATOM   604 N  N     . GLN A 1 82  ? -2.225  8.132   14.433  1.00 30.91 ? 109 GLN A N     1 
ATOM   605 C  CA    . GLN A 1 82  ? -0.800  7.997   14.786  1.00 33.13 ? 109 GLN A CA    1 
ATOM   606 C  C     . GLN A 1 82  ? -0.405  6.543   14.944  1.00 31.64 ? 109 GLN A C     1 
ATOM   607 O  O     . GLN A 1 82  ? 0.379   6.218   15.834  1.00 33.05 ? 109 GLN A O     1 
ATOM   608 C  CB    . GLN A 1 82  ? -0.431  8.764   16.065  1.00 32.45 ? 109 GLN A CB    1 
ATOM   609 C  CG    . GLN A 1 82  ? -0.993  10.176  16.145  1.00 36.19 ? 109 GLN A CG    1 
ATOM   610 C  CD    . GLN A 1 82  ? -0.709  10.835  17.505  1.00 37.68 ? 109 GLN A CD    1 
ATOM   611 O  OE1   . GLN A 1 82  ? -1.569  10.863  18.391  1.00 43.11 ? 109 GLN A OE1   1 
ATOM   612 N  NE2   . GLN A 1 82  ? 0.491   11.353  17.663  1.00 39.91 ? 109 GLN A NE2   1 
ATOM   613 N  N     . ARG A 1 83  ? -0.954  5.681   14.094  1.00 31.10 ? 110 ARG A N     1 
ATOM   614 C  CA    . ARG A 1 83  ? -0.625  4.251   14.142  1.00 30.83 ? 110 ARG A CA    1 
ATOM   615 C  C     . ARG A 1 83  ? 0.776   3.966   13.620  1.00 32.73 ? 110 ARG A C     1 
ATOM   616 O  O     . ARG A 1 83  ? 1.266   4.663   12.720  1.00 33.08 ? 110 ARG A O     1 
ATOM   617 C  CB    . ARG A 1 83  ? -1.677  3.441   13.392  1.00 30.14 ? 110 ARG A CB    1 
ATOM   618 C  CG    . ARG A 1 83  ? -3.066  3.502   13.990  1.00 29.59 ? 110 ARG A CG    1 
ATOM   619 C  CD    . ARG A 1 83  ? -3.052  2.930   15.460  1.00 34.01 ? 110 ARG A CD    1 
ATOM   620 N  NE    . ARG A 1 83  ? -4.399  2.814   15.998  1.00 33.06 ? 110 ARG A NE    1 
ATOM   621 C  CZ    . ARG A 1 83  ? -5.262  1.841   15.707  1.00 36.08 ? 110 ARG A CZ    1 
ATOM   622 N  NH1   . ARG A 1 83  ? -4.931  0.835   14.880  1.00 34.15 ? 110 ARG A NH1   1 
ATOM   623 N  NH2   . ARG A 1 83  ? -6.474  1.865   16.248  1.00 36.84 ? 110 ARG A NH2   1 
ATOM   624 N  N     . GLU A 1 84  ? 1.466   2.982   14.202  1.00 32.02 ? 111 GLU A N     1 
ATOM   625 C  CA    . GLU A 1 84  ? 2.793   2.647   13.732  1.00 33.05 ? 111 GLU A CA    1 
ATOM   626 C  C     . GLU A 1 84  ? 2.699   1.845   12.418  1.00 32.31 ? 111 GLU A C     1 
ATOM   627 O  O     . GLU A 1 84  ? 3.532   2.033   11.518  1.00 32.64 ? 111 GLU A O     1 
ATOM   628 C  CB    . GLU A 1 84  ? 3.572   1.828   14.783  1.00 34.85 ? 111 GLU A CB    1 
ATOM   629 C  CG    . GLU A 1 84  ? 4.999   1.420   14.344  1.00 40.15 ? 111 GLU A CG    1 
ATOM   630 C  CD    . GLU A 1 84  ? 5.959   2.586   14.036  1.00 47.58 ? 111 GLU A CD    1 
ATOM   631 O  OE1   . GLU A 1 84  ? 5.833   3.693   14.626  1.00 49.01 ? 111 GLU A OE1   1 
ATOM   632 O  OE2   . GLU A 1 84  ? 6.867   2.369   13.192  1.00 51.36 ? 111 GLU A OE2   1 
ATOM   633 N  N     . THR A 1 85  ? 1.700   0.969   12.353  1.00 31.05 ? 112 THR A N     1 
ATOM   634 C  CA    . THR A 1 85  ? 1.473   0.066   11.226  1.00 30.10 ? 112 THR A CA    1 
ATOM   635 C  C     . THR A 1 85  ? 0.077   0.145   10.658  1.00 29.62 ? 112 THR A C     1 
ATOM   636 O  O     . THR A 1 85  ? -0.884  0.640   11.302  1.00 30.51 ? 112 THR A O     1 
ATOM   637 C  CB    . THR A 1 85  ? 1.762   -1.453  11.617  1.00 31.25 ? 112 THR A CB    1 
ATOM   638 O  OG1   . THR A 1 85  ? 0.751   -1.903  12.507  1.00 28.97 ? 112 THR A OG1   1 
ATOM   639 C  CG2   . THR A 1 85  ? 3.123   -1.609  12.273  1.00 32.25 ? 112 THR A CG2   1 
ATOM   640 N  N     . ILE A 1 86  ? -0.062  -0.358  9.428   1.00 28.82 ? 113 ILE A N     1 
ATOM   641 C  CA    . ILE A 1 86  ? -1.345  -0.480  8.778   1.00 28.33 ? 113 ILE A CA    1 
ATOM   642 C  C     . ILE A 1 86  ? -1.391  -1.866  8.143   1.00 28.53 ? 113 ILE A C     1 
ATOM   643 O  O     . ILE A 1 86  ? -0.356  -2.333  7.634   1.00 29.31 ? 113 ILE A O     1 
ATOM   644 C  CB    . ILE A 1 86  ? -1.531  0.644   7.674   1.00 29.06 ? 113 ILE A CB    1 
ATOM   645 C  CG1   . ILE A 1 86  ? -2.887  0.558   7.005   1.00 28.48 ? 113 ILE A CG1   1 
ATOM   646 C  CG2   . ILE A 1 86  ? -0.384  0.665   6.647   1.00 27.11 ? 113 ILE A CG2   1 
ATOM   647 C  CD1   . ILE A 1 86  ? -3.208  1.815   6.070   1.00 27.42 ? 113 ILE A CD1   1 
ATOM   648 N  N     . PRO A 1 87  ? -2.569  -2.509  8.129   1.00 28.36 ? 114 PRO A N     1 
ATOM   649 C  CA    . PRO A 1 87  ? -2.712  -3.767  7.373   1.00 28.82 ? 114 PRO A CA    1 
ATOM   650 C  C     . PRO A 1 87  ? -2.575  -3.470  5.868   1.00 28.31 ? 114 PRO A C     1 
ATOM   651 O  O     . PRO A 1 87  ? -3.301  -2.621  5.339   1.00 26.72 ? 114 PRO A O     1 
ATOM   652 C  CB    . PRO A 1 87  ? -4.160  -4.186  7.682   1.00 30.02 ? 114 PRO A CB    1 
ATOM   653 C  CG    . PRO A 1 87  ? -4.465  -3.569  9.017   1.00 28.83 ? 114 PRO A CG    1 
ATOM   654 C  CD    . PRO A 1 87  ? -3.816  -2.179  8.828   1.00 28.62 ? 114 PRO A CD    1 
ATOM   655 N  N     . ALA A 1 88  ? -1.700  -4.203  5.199   1.00 27.64 ? 115 ALA A N     1 
ATOM   656 C  CA    . ALA A 1 88  ? -1.416  -3.989  3.786   1.00 27.14 ? 115 ALA A CA    1 
ATOM   657 C  C     . ALA A 1 88  ? -1.265  -5.377  3.166   1.00 28.10 ? 115 ALA A C     1 
ATOM   658 O  O     . ALA A 1 88  ? -0.673  -6.282  3.790   1.00 30.24 ? 115 ALA A O     1 
ATOM   659 C  CB    . ALA A 1 88  ? -0.116  -3.202  3.666   1.00 27.30 ? 115 ALA A CB    1 
ATOM   660 N  N     . LYS A 1 89  ? -1.857  -5.540  1.993   1.00 26.50 ? 116 LYS A N     1 
ATOM   661 C  CA    . LYS A 1 89  ? -1.632  -6.676  1.110   1.00 26.98 ? 116 LYS A CA    1 
ATOM   662 C  C     . LYS A 1 89  ? -0.457  -6.305  0.216   1.00 27.05 ? 116 LYS A C     1 
ATOM   663 O  O     . LYS A 1 89  ? -0.558  -5.398  -0.671  1.00 25.47 ? 116 LYS A O     1 
ATOM   664 C  CB    . LYS A 1 89  ? -2.909  -6.968  0.310   1.00 27.86 ? 116 LYS A CB    1 
ATOM   665 C  CG    . LYS A 1 89  ? -2.806  -8.209  -0.578  1.00 27.94 ? 116 LYS A CG    1 
ATOM   666 C  CD    . LYS A 1 89  ? -3.844  -8.223  -1.682  1.00 36.77 ? 116 LYS A CD    1 
ATOM   667 C  CE    . LYS A 1 89  ? -5.231  -8.630  -1.233  1.00 41.56 ? 116 LYS A CE    1 
ATOM   668 N  NZ    . LYS A 1 89  ? -6.005  -9.001  -2.485  1.00 45.36 ? 116 LYS A NZ    1 
ATOM   669 N  N     . LEU A 1 90  ? 0.682   -6.943  0.499   1.00 25.16 ? 117 LEU A N     1 
ATOM   670 C  CA    . LEU A 1 90  ? 1.917   -6.729  -0.239  1.00 24.75 ? 117 LEU A CA    1 
ATOM   671 C  C     . LEU A 1 90  ? 1.846   -7.580  -1.493  1.00 26.04 ? 117 LEU A C     1 
ATOM   672 O  O     . LEU A 1 90  ? 1.794   -8.823  -1.408  1.00 26.84 ? 117 LEU A O     1 
ATOM   673 C  CB    . LEU A 1 90  ? 3.141   -7.098  0.612   1.00 25.59 ? 117 LEU A CB    1 
ATOM   674 C  CG    . LEU A 1 90  ? 3.316   -6.335  1.943   1.00 25.69 ? 117 LEU A CG    1 
ATOM   675 C  CD1   . LEU A 1 90  ? 4.622   -6.729  2.628   1.00 28.17 ? 117 LEU A CD1   1 
ATOM   676 C  CD2   . LEU A 1 90  ? 3.313   -4.793  1.702   1.00 28.22 ? 117 LEU A CD2   1 
ATOM   677 N  N     . VAL A 1 91  ? 1.802   -6.915  -2.651  1.00 24.82 ? 118 VAL A N     1 
ATOM   678 C  CA    . VAL A 1 91  ? 1.621   -7.617  -3.924  1.00 23.75 ? 118 VAL A CA    1 
ATOM   679 C  C     . VAL A 1 91  ? 2.933   -7.557  -4.684  1.00 23.12 ? 118 VAL A C     1 
ATOM   680 O  O     . VAL A 1 91  ? 3.392   -6.466  -5.072  1.00 24.05 ? 118 VAL A O     1 
ATOM   681 C  CB    . VAL A 1 91  ? 0.491   -6.906  -4.758  1.00 25.49 ? 118 VAL A CB    1 
ATOM   682 C  CG1   . VAL A 1 91  ? 0.382   -7.581  -6.154  1.00 26.34 ? 118 VAL A CG1   1 
ATOM   683 C  CG2   . VAL A 1 91  ? -0.844  -6.952  -4.001  1.00 25.19 ? 118 VAL A CG2   1 
ATOM   684 N  N     . GLN A 1 92  ? 3.597   -8.705  -4.903  1.00 21.28 ? 119 GLN A N     1 
ATOM   685 C  CA    . GLN A 1 92  ? 4.880   -8.695  -5.572  1.00 21.40 ? 119 GLN A CA    1 
ATOM   686 C  C     . GLN A 1 92  ? 4.760   -8.143  -6.984  1.00 22.43 ? 119 GLN A C     1 
ATOM   687 O  O     . GLN A 1 92  ? 3.855   -8.525  -7.736  1.00 22.12 ? 119 GLN A O     1 
ATOM   688 C  CB    . GLN A 1 92  ? 5.532   -10.060 -5.582  1.00 22.43 ? 119 GLN A CB    1 
ATOM   689 C  CG    . GLN A 1 92  ? 5.807   -10.539 -4.164  1.00 25.44 ? 119 GLN A CG    1 
ATOM   690 C  CD    . GLN A 1 92  ? 6.814   -11.691 -4.108  1.00 31.66 ? 119 GLN A CD    1 
ATOM   691 O  OE1   . GLN A 1 92  ? 7.187   -12.311 -5.137  1.00 33.09 ? 119 GLN A OE1   1 
ATOM   692 N  NE2   . GLN A 1 92  ? 7.294   -11.957 -2.899  1.00 36.50 ? 119 GLN A NE2   1 
ATOM   693 N  N     . SER A 1 93  ? 5.610   -7.157  -7.280  1.00 21.72 ? 120 SER A N     1 
ATOM   694 C  CA    . SER A 1 93  ? 5.452   -6.370  -8.504  1.00 22.93 ? 120 SER A CA    1 
ATOM   695 C  C     . SER A 1 93  ? 6.850   -6.145  -9.099  1.00 23.00 ? 120 SER A C     1 
ATOM   696 O  O     . SER A 1 93  ? 7.876   -6.277  -8.402  1.00 23.25 ? 120 SER A O     1 
ATOM   697 C  CB    . SER A 1 93  ? 4.748   -5.025  -8.174  1.00 23.01 ? 120 SER A CB    1 
ATOM   698 O  OG    . SER A 1 93  ? 3.440   -5.191  -7.643  1.00 24.92 ? 120 SER A OG    1 
ATOM   699 N  N     . THR A 1 94  ? 6.932   -5.819  -10.395 1.00 23.90 ? 121 THR A N     1 
ATOM   700 C  CA    . THR A 1 94  ? 8.227   -5.623  -11.051 1.00 24.63 ? 121 THR A CA    1 
ATOM   701 C  C     . THR A 1 94  ? 8.435   -4.135  -11.322 1.00 23.53 ? 121 THR A C     1 
ATOM   702 O  O     . THR A 1 94  ? 7.503   -3.334  -11.176 1.00 22.27 ? 121 THR A O     1 
ATOM   703 C  CB    . THR A 1 94  ? 8.249   -6.325  -12.447 1.00 25.38 ? 121 THR A CB    1 
ATOM   704 O  OG1   . THR A 1 94  ? 7.235   -5.738  -13.265 1.00 25.27 ? 121 THR A OG1   1 
ATOM   705 C  CG2   . THR A 1 94  ? 7.919   -7.853  -12.291 1.00 28.84 ? 121 THR A CG2   1 
ATOM   706 N  N     . LEU A 1 95  ? 9.647   -3.746  -11.711 1.00 23.68 ? 122 LEU A N     1 
ATOM   707 C  CA    . LEU A 1 95  ? 9.808   -2.325  -12.086 1.00 23.00 ? 122 LEU A CA    1 
ATOM   708 C  C     . LEU A 1 95  ? 8.895   -1.938  -13.284 1.00 22.39 ? 122 LEU A C     1 
ATOM   709 O  O     . LEU A 1 95  ? 8.457   -0.811  -13.429 1.00 21.99 ? 122 LEU A O     1 
ATOM   710 C  CB    . LEU A 1 95  ? 11.273  -2.039  -12.398 1.00 24.46 ? 122 LEU A CB    1 
ATOM   711 C  CG    . LEU A 1 95  ? 12.218  -1.745  -11.236 1.00 27.22 ? 122 LEU A CG    1 
ATOM   712 C  CD1   . LEU A 1 95  ? 13.597  -1.603  -11.908 1.00 33.31 ? 122 LEU A CD1   1 
ATOM   713 C  CD2   . LEU A 1 95  ? 11.789  -0.472  -10.523 1.00 24.79 ? 122 LEU A CD2   1 
ATOM   714 N  N     . SER A 1 96  ? 8.592   -2.892  -14.163 1.00 23.63 ? 123 SER A N     1 
ATOM   715 C  CA    . SER A 1 96  ? 7.678   -2.584  -15.277 1.00 24.10 ? 123 SER A CA    1 
ATOM   716 C  C     . SER A 1 96  ? 6.269   -2.315  -14.786 1.00 24.27 ? 123 SER A C     1 
ATOM   717 O  O     . SER A 1 96  ? 5.569   -1.441  -15.326 1.00 24.19 ? 123 SER A O     1 
ATOM   718 C  CB    . SER A 1 96  ? 7.666   -3.701  -16.348 1.00 25.15 ? 123 SER A CB    1 
ATOM   719 O  OG    . SER A 1 96  ? 8.886   -3.734  -17.033 1.00 28.21 ? 123 SER A OG    1 
ATOM   720 N  N     . ASP A 1 97  ? 5.820   -3.073  -13.770 1.00 22.63 ? 124 ASP A N     1 
ATOM   721 C  CA    . ASP A 1 97  ? 4.609   -2.747  -13.058 1.00 22.02 ? 124 ASP A CA    1 
ATOM   722 C  C     . ASP A 1 97  ? 4.635   -1.336  -12.474 1.00 21.02 ? 124 ASP A C     1 
ATOM   723 O  O     . ASP A 1 97  ? 3.658   -0.606  -12.560 1.00 21.94 ? 124 ASP A O     1 
ATOM   724 C  CB    . ASP A 1 97  ? 4.329   -3.754  -11.906 1.00 21.64 ? 124 ASP A CB    1 
ATOM   725 C  CG    . ASP A 1 97  ? 4.032   -5.142  -12.383 1.00 25.27 ? 124 ASP A CG    1 
ATOM   726 O  OD1   . ASP A 1 97  ? 3.374   -5.297  -13.440 1.00 24.32 ? 124 ASP A OD1   1 
ATOM   727 O  OD2   . ASP A 1 97  ? 4.442   -6.119  -11.680 1.00 24.05 ? 124 ASP A OD2   1 
ATOM   728 N  N     . LEU A 1 98  ? 5.729   -0.968  -11.813 1.00 19.24 ? 125 LEU A N     1 
ATOM   729 C  CA    . LEU A 1 98  ? 5.846   0.371   -11.237 1.00 18.93 ? 125 LEU A CA    1 
ATOM   730 C  C     . LEU A 1 98  ? 5.761   1.468   -12.298 1.00 20.28 ? 125 LEU A C     1 
ATOM   731 O  O     . LEU A 1 98  ? 5.167   2.545   -12.050 1.00 20.77 ? 125 LEU A O     1 
ATOM   732 C  CB    . LEU A 1 98  ? 7.197   0.480   -10.459 1.00 18.84 ? 125 LEU A CB    1 
ATOM   733 C  CG    . LEU A 1 98  ? 7.336   1.796   -9.656  1.00 19.31 ? 125 LEU A CG    1 
ATOM   734 C  CD1   . LEU A 1 98  ? 6.163   1.983   -8.711  1.00 22.22 ? 125 LEU A CD1   1 
ATOM   735 C  CD2   . LEU A 1 98  ? 8.708   1.762   -8.932  1.00 21.62 ? 125 LEU A CD2   1 
ATOM   736 N  N     . ARG A 1 99  ? 6.340   1.180   -13.471 1.00 21.74 ? 126 ARG A N     1 
ATOM   737 C  CA    . ARG A 1 99  ? 6.411   2.175   -14.543 1.00 22.43 ? 126 ARG A CA    1 
ATOM   738 C  C     . ARG A 1 99  ? 5.023   2.496   -15.075 1.00 21.70 ? 126 ARG A C     1 
ATOM   739 O  O     . ARG A 1 99  ? 4.774   3.593   -15.610 1.00 23.32 ? 126 ARG A O     1 
ATOM   740 C  CB    . ARG A 1 99  ? 7.303   1.621   -15.633 1.00 21.01 ? 126 ARG A CB    1 
ATOM   741 C  CG    . ARG A 1 99  ? 7.590   2.587   -16.761 1.00 25.88 ? 126 ARG A CG    1 
ATOM   742 C  CD    . ARG A 1 99  ? 8.843   2.145   -17.564 1.00 28.31 ? 126 ARG A CD    1 
ATOM   743 N  NE    . ARG A 1 99  ? 8.771   2.878   -18.814 1.00 30.56 ? 126 ARG A NE    1 
ATOM   744 C  CZ    . ARG A 1 99  ? 8.089   2.452   -19.870 1.00 34.38 ? 126 ARG A CZ    1 
ATOM   745 N  NH1   . ARG A 1 99  ? 7.544   1.211   -19.882 1.00 34.40 ? 126 ARG A NH1   1 
ATOM   746 N  NH2   . ARG A 1 99  ? 8.029   3.230   -20.952 1.00 35.46 ? 126 ARG A NH2   1 
ATOM   747 N  N     . VAL A 1 100 ? 4.096   1.540   -14.963 1.00 21.84 ? 127 VAL A N     1 
ATOM   748 C  CA    . VAL A 1 100 ? 2.702   1.875   -15.265 1.00 23.21 ? 127 VAL A CA    1 
ATOM   749 C  C     . VAL A 1 100 ? 2.236   3.128   -14.516 1.00 23.33 ? 127 VAL A C     1 
ATOM   750 O  O     . VAL A 1 100 ? 1.523   3.965   -15.075 1.00 24.01 ? 127 VAL A O     1 
ATOM   751 C  CB    . VAL A 1 100 ? 1.768   0.662   -14.961 1.00 23.34 ? 127 VAL A CB    1 
ATOM   752 C  CG1   . VAL A 1 100 ? 0.335   1.060   -15.181 1.00 26.69 ? 127 VAL A CG1   1 
ATOM   753 C  CG2   . VAL A 1 100 ? 2.171   -0.497  -15.831 1.00 24.85 ? 127 VAL A CG2   1 
ATOM   754 N  N     . TYR A 1 101 ? 2.692   3.303   -13.253 1.00 21.70 ? 128 TYR A N     1 
ATOM   755 C  CA    . TYR A 1 101 ? 2.344   4.503   -12.489 1.00 23.34 ? 128 TYR A CA    1 
ATOM   756 C  C     . TYR A 1 101 ? 3.305   5.660   -12.694 1.00 22.89 ? 128 TYR A C     1 
ATOM   757 O  O     . TYR A 1 101 ? 2.869   6.834   -12.753 1.00 25.47 ? 128 TYR A O     1 
ATOM   758 C  CB    . TYR A 1 101 ? 2.367   4.223   -10.987 1.00 22.81 ? 128 TYR A CB    1 
ATOM   759 C  CG    . TYR A 1 101 ? 1.344   3.216   -10.551 1.00 25.76 ? 128 TYR A CG    1 
ATOM   760 C  CD1   . TYR A 1 101 ? 1.627   1.836   -10.606 1.00 26.81 ? 128 TYR A CD1   1 
ATOM   761 C  CD2   . TYR A 1 101 ? 0.143   3.630   -10.063 1.00 28.07 ? 128 TYR A CD2   1 
ATOM   762 C  CE1   . TYR A 1 101 ? 0.678   0.899   -10.197 1.00 27.92 ? 128 TYR A CE1   1 
ATOM   763 C  CE2   . TYR A 1 101 ? -0.830  2.684   -9.605  1.00 32.10 ? 128 TYR A CE2   1 
ATOM   764 C  CZ    . TYR A 1 101 ? -0.525  1.348   -9.678  1.00 29.68 ? 128 TYR A CZ    1 
ATOM   765 O  OH    . TYR A 1 101 ? -1.474  0.420   -9.262  1.00 31.37 ? 128 TYR A OH    1 
ATOM   766 N  N     . LEU A 1 102 ? 4.590   5.342   -12.764 1.00 23.43 ? 129 LEU A N     1 
ATOM   767 C  CA    . LEU A 1 102 ? 5.610   6.407   -12.687 1.00 23.85 ? 129 LEU A CA    1 
ATOM   768 C  C     . LEU A 1 102 ? 6.225   6.816   -14.018 1.00 23.73 ? 129 LEU A C     1 
ATOM   769 O  O     . LEU A 1 102 ? 6.887   7.889   -14.101 1.00 23.42 ? 129 LEU A O     1 
ATOM   770 C  CB    . LEU A 1 102 ? 6.687   6.027   -11.693 1.00 23.61 ? 129 LEU A CB    1 
ATOM   771 C  CG    . LEU A 1 102 ? 6.176   5.863   -10.253 1.00 22.85 ? 129 LEU A CG    1 
ATOM   772 C  CD1   . LEU A 1 102 ? 7.411   5.565   -9.416  1.00 25.57 ? 129 LEU A CD1   1 
ATOM   773 C  CD2   . LEU A 1 102 ? 5.407   7.047   -9.716  1.00 22.61 ? 129 LEU A CD2   1 
ATOM   774 N  N     . GLY A 1 103 ? 6.052   5.986   -15.061 1.00 23.83 ? 130 GLY A N     1 
ATOM   775 C  CA    . GLY A 1 103 ? 6.585   6.356   -16.400 1.00 24.97 ? 130 GLY A CA    1 
ATOM   776 C  C     . GLY A 1 103 ? 8.090   6.664   -16.437 1.00 27.37 ? 130 GLY A C     1 
ATOM   777 O  O     . GLY A 1 103 ? 8.898   5.947   -15.866 1.00 27.63 ? 130 GLY A O     1 
ATOM   778 N  N     . ALA A 1 104 ? 8.485   7.753   -17.117 1.00 28.26 ? 131 ALA A N     1 
ATOM   779 C  CA    . ALA A 1 104 ? 9.933   8.105   -17.129 1.00 29.87 ? 131 ALA A CA    1 
ATOM   780 C  C     . ALA A 1 104 ? 10.542  8.472   -15.763 1.00 30.48 ? 131 ALA A C     1 
ATOM   781 O  O     . ALA A 1 104 ? 11.781  8.556   -15.651 1.00 32.27 ? 131 ALA A O     1 
ATOM   782 C  CB    . ALA A 1 104 ? 10.221  9.205   -18.180 1.00 29.84 ? 131 ALA A CB    1 
ATOM   783 N  N     . SER A 1 105 ? 9.702   8.650   -14.745 1.00 29.40 ? 132 SER A N     1 
ATOM   784 C  CA    . SER A 1 105 ? 10.150  8.893   -13.374 1.00 31.07 ? 132 SER A CA    1 
ATOM   785 C  C     . SER A 1 105 ? 10.423  7.618   -12.571 1.00 29.60 ? 132 SER A C     1 
ATOM   786 O  O     . SER A 1 105 ? 10.767  7.690   -11.385 1.00 28.68 ? 132 SER A O     1 
ATOM   787 C  CB    . SER A 1 105 ? 9.118   9.729   -12.639 1.00 31.50 ? 132 SER A CB    1 
ATOM   788 O  OG    . SER A 1 105 ? 9.088   11.056  -13.212 1.00 36.30 ? 132 SER A OG    1 
ATOM   789 N  N     . THR A 1 106 ? 10.261  6.451   -13.208 1.00 27.60 ? 133 THR A N     1 
ATOM   790 C  CA    . THR A 1 106 ? 10.494  5.177   -12.509 1.00 25.75 ? 133 THR A CA    1 
ATOM   791 C  C     . THR A 1 106 ? 11.979  5.054   -12.105 1.00 25.42 ? 133 THR A C     1 
ATOM   792 O  O     . THR A 1 106 ? 12.848  5.174   -12.964 1.00 24.62 ? 133 THR A O     1 
ATOM   793 C  CB    . THR A 1 106 ? 10.082  3.991   -13.417 1.00 25.47 ? 133 THR A CB    1 
ATOM   794 O  OG1   . THR A 1 106 ? 8.712   4.224   -13.820 1.00 24.16 ? 133 THR A OG1   1 
ATOM   795 C  CG2   . THR A 1 106 ? 10.217  2.643   -12.642 1.00 23.11 ? 133 THR A CG2   1 
ATOM   796 N  N     . PRO A 1 107 ? 12.247  4.822   -10.800 1.00 26.29 ? 134 PRO A N     1 
ATOM   797 C  CA    . PRO A 1 107 ? 13.629  4.729   -10.283 1.00 26.24 ? 134 PRO A CA    1 
ATOM   798 C  C     . PRO A 1 107 ? 14.304  3.414   -10.631 1.00 28.27 ? 134 PRO A C     1 
ATOM   799 O  O     . PRO A 1 107 ? 13.635  2.365   -10.705 1.00 26.40 ? 134 PRO A O     1 
ATOM   800 C  CB    . PRO A 1 107 ? 13.426  4.825   -8.750  1.00 25.67 ? 134 PRO A CB    1 
ATOM   801 C  CG    . PRO A 1 107 ? 12.000  4.217   -8.518  1.00 26.80 ? 134 PRO A CG    1 
ATOM   802 C  CD    . PRO A 1 107 ? 11.230  4.680   -9.741  1.00 24.85 ? 134 PRO A CD    1 
ATOM   803 N  N     . ASP A 1 108 ? 15.638  3.439   -10.782 1.00 28.07 ? 135 ASP A N     1 
ATOM   804 C  CA    . ASP A 1 108 ? 16.376  2.202   -10.947 1.00 30.24 ? 135 ASP A CA    1 
ATOM   805 C  C     . ASP A 1 108 ? 16.673  1.605   -9.567  1.00 29.87 ? 135 ASP A C     1 
ATOM   806 O  O     . ASP A 1 108 ? 17.788  1.689   -9.069  1.00 30.30 ? 135 ASP A O     1 
ATOM   807 C  CB    . ASP A 1 108 ? 17.649  2.503   -11.766 1.00 31.78 ? 135 ASP A CB    1 
ATOM   808 C  CG    . ASP A 1 108 ? 18.461  1.262   -12.126 1.00 36.37 ? 135 ASP A CG    1 
ATOM   809 O  OD1   . ASP A 1 108 ? 17.967  0.112   -12.057 1.00 41.17 ? 135 ASP A OD1   1 
ATOM   810 O  OD2   . ASP A 1 108 ? 19.632  1.476   -12.500 1.00 40.83 ? 135 ASP A OD2   1 
ATOM   811 N  N     . LEU A 1 109 ? 15.652  0.999   -8.944  1.00 28.41 ? 136 LEU A N     1 
ATOM   812 C  CA    . LEU A 1 109 ? 15.720  0.501   -7.583  1.00 26.63 ? 136 LEU A CA    1 
ATOM   813 C  C     . LEU A 1 109 ? 16.772  -0.570  -7.397  1.00 29.05 ? 136 LEU A C     1 
ATOM   814 O  O     . LEU A 1 109 ? 16.863  -1.503  -8.216  1.00 28.47 ? 136 LEU A O     1 
ATOM   815 C  CB    . LEU A 1 109 ? 14.357  -0.052  -7.144  1.00 25.61 ? 136 LEU A CB    1 
ATOM   816 C  CG    . LEU A 1 109 ? 13.164  0.910   -7.097  1.00 24.58 ? 136 LEU A CG    1 
ATOM   817 C  CD1   . LEU A 1 109 ? 11.880  0.190   -6.732  1.00 22.78 ? 136 LEU A CD1   1 
ATOM   818 C  CD2   . LEU A 1 109 ? 13.414  2.062   -6.040  1.00 23.61 ? 136 LEU A CD2   1 
ATOM   819 N  N     . GLN A 1 110 ? 17.527  -0.442  -6.299  1.00 27.75 ? 137 GLN A N     1 
ATOM   820 C  CA    . GLN A 1 110 ? 18.601  -1.375  -5.947  1.00 29.26 ? 137 GLN A CA    1 
ATOM   821 C  C     . GLN A 1 110 ? 18.240  -2.150  -4.706  1.00 28.16 ? 137 GLN A C     1 
ATOM   822 O  O     . GLN A 1 110 ? 18.263  -3.370  -4.736  1.00 30.04 ? 137 GLN A O     1 
ATOM   823 C  CB    . GLN A 1 110 ? 19.918  -0.604  -5.719  1.00 28.26 ? 137 GLN A CB    1 
ATOM   824 C  CG    . GLN A 1 110 ? 20.311  0.288   -6.885  1.00 29.87 ? 137 GLN A CG    1 
ATOM   825 C  CD    . GLN A 1 110 ? 20.618  -0.532  -8.114  1.00 33.66 ? 137 GLN A CD    1 
ATOM   826 O  OE1   . GLN A 1 110 ? 21.459  -1.453  -8.069  1.00 35.26 ? 137 GLN A OE1   1 
ATOM   827 N  NE2   . GLN A 1 110 ? 19.927  -0.235  -9.212  1.00 30.64 ? 137 GLN A NE2   1 
ATOM   828 O  OXT   . GLN A 1 110 ? 17.888  -1.637  -3.628  1.00 28.60 ? 137 GLN A OXT   1 
HETATM 829 MG MG    . MG  B 2 .   ? -9.813  2.530   -2.998  1.00 22.53 ? 2   MG  A MG    1 
HETATM 830 P  PG    . ATP C 3 .   ? -9.143  5.664   -2.230  1.00 33.55 ? 1   ATP A PG    1 
HETATM 831 O  O1G   . ATP C 3 .   ? -10.033 4.698   -2.953  1.00 32.45 ? 1   ATP A O1G   1 
HETATM 832 O  O2G   . ATP C 3 .   ? -7.699  5.638   -2.687  1.00 31.47 ? 1   ATP A O2G   1 
HETATM 833 O  O3G   . ATP C 3 .   ? -9.802  7.053   -2.235  1.00 30.31 ? 1   ATP A O3G   1 
HETATM 834 P  PB    . ATP C 3 .   ? -9.592  3.895   -0.057  1.00 28.71 ? 1   ATP A PB    1 
HETATM 835 O  O1B   . ATP C 3 .   ? -9.144  3.811   1.376   1.00 26.16 ? 1   ATP A O1B   1 
HETATM 836 O  O2B   . ATP C 3 .   ? -9.194  2.799   -1.035  1.00 28.67 ? 1   ATP A O2B   1 
HETATM 837 O  O3B   . ATP C 3 .   ? -9.210  5.317   -0.639  1.00 28.04 ? 1   ATP A O3B   1 
HETATM 838 P  PA    . ATP C 3 .   ? -12.180 2.823   -0.666  1.00 35.67 ? 1   ATP A PA    1 
HETATM 839 O  O1A   . ATP C 3 .   ? -11.719 2.391   -2.029  1.00 35.97 ? 1   ATP A O1A   1 
HETATM 840 O  O2A   . ATP C 3 .   ? -13.575 3.374   -0.492  1.00 36.10 ? 1   ATP A O2A   1 
HETATM 841 O  O3A   . ATP C 3 .   ? -11.197 3.949   -0.043  1.00 29.91 ? 1   ATP A O3A   1 
HETATM 842 O  "O5'" . ATP C 3 .   ? -11.935 1.561   0.302   1.00 37.51 ? 1   ATP A "O5'" 1 
HETATM 843 C  "C5'" . ATP C 3 .   ? -12.286 1.556   1.672   1.00 37.19 ? 1   ATP A "C5'" 1 
HETATM 844 C  "C4'" . ATP C 3 .   ? -12.492 0.128   2.170   1.00 36.84 ? 1   ATP A "C4'" 1 
HETATM 845 O  "O4'" . ATP C 3 .   ? -12.816 0.203   3.566   1.00 37.23 ? 1   ATP A "O4'" 1 
HETATM 846 C  "C3'" . ATP C 3 .   ? -13.697 -0.536  1.494   1.00 37.38 ? 1   ATP A "C3'" 1 
HETATM 847 O  "O3'" . ATP C 3 .   ? -13.450 -1.954  1.433   1.00 35.53 ? 1   ATP A "O3'" 1 
HETATM 848 C  "C2'" . ATP C 3 .   ? -14.861 -0.280  2.432   1.00 38.56 ? 1   ATP A "C2'" 1 
HETATM 849 O  "O2'" . ATP C 3 .   ? -15.806 -1.370  2.415   1.00 37.30 ? 1   ATP A "O2'" 1 
HETATM 850 C  "C1'" . ATP C 3 .   ? -14.155 -0.286  3.770   1.00 38.51 ? 1   ATP A "C1'" 1 
HETATM 851 N  N9    . ATP C 3 .   ? -14.756 0.504   4.847   1.00 38.42 ? 1   ATP A N9    1 
HETATM 852 C  C8    . ATP C 3 .   ? -14.994 0.012   6.074   1.00 39.99 ? 1   ATP A C8    1 
HETATM 853 N  N7    . ATP C 3 .   ? -15.507 0.963   6.879   1.00 38.35 ? 1   ATP A N7    1 
HETATM 854 C  C5    . ATP C 3 .   ? -15.625 2.081   6.143   1.00 39.47 ? 1   ATP A C5    1 
HETATM 855 C  C6    . ATP C 3 .   ? -16.097 3.453   6.402   1.00 38.53 ? 1   ATP A C6    1 
HETATM 856 N  N6    . ATP C 3 .   ? -16.558 3.773   7.622   1.00 39.09 ? 1   ATP A N6    1 
HETATM 857 N  N1    . ATP C 3 .   ? -16.062 4.341   5.382   1.00 39.35 ? 1   ATP A N1    1 
HETATM 858 C  C2    . ATP C 3 .   ? -15.577 4.004   4.169   1.00 39.06 ? 1   ATP A C2    1 
HETATM 859 N  N3    . ATP C 3 .   ? -15.112 2.764   3.871   1.00 40.59 ? 1   ATP A N3    1 
HETATM 860 C  C4    . ATP C 3 .   ? -15.110 1.784   4.808   1.00 38.81 ? 1   ATP A C4    1 
HETATM 861 O  O     . HOH D 4 .   ? 6.750   8.783   0.423   1.00 23.62 ? 138 HOH A O     1 
HETATM 862 O  O     . HOH D 4 .   ? 6.753   -7.354  -15.384 1.00 36.01 ? 139 HOH A O     1 
HETATM 863 O  O     . HOH D 4 .   ? 8.698   -8.540  -5.199  1.00 44.39 ? 140 HOH A O     1 
HETATM 864 O  O     . HOH D 4 .   ? 9.610   -10.611 -6.141  1.00 46.06 ? 141 HOH A O     1 
HETATM 865 O  O     . HOH D 4 .   ? 9.172   -14.084 -5.115  1.00 42.62 ? 142 HOH A O     1 
HETATM 866 O  O     . HOH D 4 .   ? 10.735  6.455   6.162   1.00 30.47 ? 143 HOH A O     1 
HETATM 867 O  O     . HOH D 4 .   ? 0.511   10.922  12.120  1.00 51.27 ? 144 HOH A O     1 
HETATM 868 O  O     . HOH D 4 .   ? 23.906  -2.512  -2.119  1.00 37.56 ? 145 HOH A O     1 
HETATM 869 O  O     . HOH D 4 .   ? -7.026  3.683   18.484  1.00 49.09 ? 146 HOH A O     1 
HETATM 870 O  O     . HOH D 4 .   ? -6.231  -2.392  12.318  1.00 35.64 ? 147 HOH A O     1 
HETATM 871 O  O     . HOH D 4 .   ? -16.311 10.245  -0.609  1.00 42.85 ? 148 HOH A O     1 
HETATM 872 O  O     . HOH D 4 .   ? -2.045  -13.111 3.271   1.00 38.44 ? 149 HOH A O     1 
HETATM 873 O  O     . HOH D 4 .   ? 9.646   8.925   -3.564  1.00 32.52 ? 150 HOH A O     1 
HETATM 874 O  O     . HOH D 4 .   ? 11.273  -0.632  2.741   1.00 39.80 ? 151 HOH A O     1 
HETATM 875 O  O     . HOH D 4 .   ? 12.361  2.659   0.846   1.00 30.00 ? 152 HOH A O     1 
HETATM 876 O  O     . HOH D 4 .   ? 12.192  1.922   4.025   1.00 39.68 ? 153 HOH A O     1 
HETATM 877 O  O     . HOH D 4 .   ? 12.277  9.294   -3.729  1.00 38.84 ? 154 HOH A O     1 
HETATM 878 O  O     . HOH D 4 .   ? -7.290  -1.841  8.026   1.00 32.50 ? 155 HOH A O     1 
HETATM 879 O  O     . HOH D 4 .   ? -5.888  -1.115  5.876   1.00 28.51 ? 156 HOH A O     1 
HETATM 880 O  O     . HOH D 4 .   ? -4.833  5.037   17.680  1.00 38.94 ? 157 HOH A O     1 
HETATM 881 O  O     . HOH D 4 .   ? -5.918  -0.515  -1.478  1.00 34.43 ? 158 HOH A O     1 
HETATM 882 O  O     . HOH D 4 .   ? -3.516  -2.573  13.034  1.00 38.54 ? 159 HOH A O     1 
HETATM 883 O  O     . HOH D 4 .   ? -2.389  -0.023  13.538  1.00 37.14 ? 160 HOH A O     1 
HETATM 884 O  O     . HOH D 4 .   ? 0.119   0.272   14.937  1.00 39.50 ? 161 HOH A O     1 
HETATM 885 O  O     . HOH D 4 .   ? -1.496  -2.776  11.169  1.00 35.52 ? 162 HOH A O     1 
HETATM 886 O  O     . HOH D 4 .   ? 9.755   7.187   -5.674  1.00 33.97 ? 163 HOH A O     1 
HETATM 887 O  O     . HOH D 4 .   ? -2.484  11.604  3.358   1.00 46.77 ? 164 HOH A O     1 
HETATM 888 O  O     . HOH D 4 .   ? -0.496  10.515  -1.012  1.00 28.65 ? 165 HOH A O     1 
HETATM 889 O  O     . HOH D 4 .   ? -1.640  8.382   -4.307  1.00 37.40 ? 166 HOH A O     1 
HETATM 890 O  O     . HOH D 4 .   ? 1.055   7.705   -3.930  1.00 23.72 ? 167 HOH A O     1 
HETATM 891 O  O     . HOH D 4 .   ? -1.713  1.588   -0.886  1.00 25.15 ? 168 HOH A O     1 
HETATM 892 O  O     . HOH D 4 .   ? -2.277  0.254   -6.782  1.00 38.97 ? 169 HOH A O     1 
HETATM 893 O  O     . HOH D 4 .   ? 9.851   1.132   0.990   1.00 25.73 ? 170 HOH A O     1 
HETATM 894 O  O     . HOH D 4 .   ? 4.328   6.454   4.306   1.00 27.70 ? 171 HOH A O     1 
HETATM 895 O  O     . HOH D 4 .   ? -17.587 6.605   4.422   1.00 42.25 ? 172 HOH A O     1 
HETATM 896 O  O     . HOH D 4 .   ? 5.370   -13.086 -7.226  1.00 27.12 ? 173 HOH A O     1 
HETATM 897 O  O     . HOH D 4 .   ? 5.417   3.841   10.814  1.00 32.64 ? 174 HOH A O     1 
HETATM 898 O  O     . HOH D 4 .   ? -13.431 -5.365  14.279  1.00 46.23 ? 175 HOH A O     1 
HETATM 899 O  O     . HOH D 4 .   ? 17.558  2.131   -4.748  1.00 26.88 ? 176 HOH A O     1 
HETATM 900 O  O     . HOH D 4 .   ? 20.289  2.890   -4.713  1.00 28.57 ? 177 HOH A O     1 
HETATM 901 O  O     . HOH D 4 .   ? -5.990  9.544   -3.840  1.00 31.63 ? 178 HOH A O     1 
HETATM 902 O  O     . HOH D 4 .   ? -8.950  9.079   -3.557  1.00 27.73 ? 179 HOH A O     1 
HETATM 903 O  O     . HOH D 4 .   ? -12.529 7.193   -2.378  1.00 33.11 ? 180 HOH A O     1 
HETATM 904 O  O     . HOH D 4 .   ? -10.703 2.442   -5.026  1.00 40.15 ? 181 HOH A O     1 
HETATM 905 O  O     . HOH D 4 .   ? 10.158  -7.461  -7.707  1.00 38.40 ? 182 HOH A O     1 
HETATM 906 O  O     . HOH D 4 .   ? 11.747  -5.740  -11.285 1.00 34.45 ? 183 HOH A O     1 
HETATM 907 O  O     . HOH D 4 .   ? 16.725  -1.848  -10.783 1.00 34.57 ? 184 HOH A O     1 
HETATM 908 O  O     . HOH D 4 .   ? 2.329   -8.811  9.932   1.00 44.63 ? 185 HOH A O     1 
HETATM 909 O  O     . HOH D 4 .   ? -7.662  -19.827 -7.823  1.00 39.03 ? 186 HOH A O     1 
HETATM 910 O  O     . HOH D 4 .   ? -8.052  6.146   19.335  1.00 54.09 ? 187 HOH A O     1 
HETATM 911 O  O     . HOH D 4 .   ? -7.621  -16.882 -14.558 1.00 45.04 ? 188 HOH A O     1 
HETATM 912 O  O     . HOH D 4 .   ? -1.165  0.905   -4.262  1.00 28.11 ? 189 HOH A O     1 
HETATM 913 O  O     . HOH D 4 .   ? -9.783  0.274   -2.964  1.00 41.85 ? 190 HOH A O     1 
HETATM 914 O  O     . HOH D 4 .   ? -7.726  2.233   -3.855  1.00 41.15 ? 191 HOH A O     1 
HETATM 915 O  O     . HOH D 4 .   ? -6.912  6.025   -5.029  1.00 45.21 ? 192 HOH A O     1 
HETATM 916 O  O     . HOH D 4 .   ? 22.553  1.308   -3.991  1.00 29.38 ? 193 HOH A O     1 
HETATM 917 O  O     . HOH D 4 .   ? 19.431  -2.320  -1.407  1.00 30.88 ? 194 HOH A O     1 
HETATM 918 O  O     . HOH D 4 .   ? -0.647  -12.747 -11.315 1.00 38.91 ? 195 HOH A O     1 
HETATM 919 O  O     . HOH D 4 .   ? -3.830  9.726   1.955   1.00 27.54 ? 196 HOH A O     1 
HETATM 920 O  O     . HOH D 4 .   ? 18.363  -1.459  1.031   1.00 40.55 ? 197 HOH A O     1 
HETATM 921 O  O     . HOH D 4 .   ? 15.442  -4.761  2.000   1.00 40.24 ? 198 HOH A O     1 
HETATM 922 O  O     . HOH D 4 .   ? 0.761   -12.353 -13.441 1.00 53.24 ? 199 HOH A O     1 
HETATM 923 O  O     . HOH D 4 .   ? -1.953  -10.539 -11.294 1.00 55.14 ? 200 HOH A O     1 
HETATM 924 O  O     . HOH D 4 .   ? 5.243   10.051  2.520   1.00 52.90 ? 201 HOH A O     1 
HETATM 925 O  O     . HOH D 4 .   ? -8.223  -0.325  16.393  1.00 37.47 ? 202 HOH A O     1 
HETATM 926 O  O     . HOH D 4 .   ? -4.299  10.492  16.974  1.00 49.27 ? 203 HOH A O     1 
HETATM 927 O  O     . HOH D 4 .   ? 12.916  5.690   -15.619 1.00 46.06 ? 204 HOH A O     1 
HETATM 928 O  O     . HOH D 4 .   ? 2.649   -14.390 -13.405 1.00 51.50 ? 205 HOH A O     1 
HETATM 929 O  O     . HOH D 4 .   ? 21.878  -0.879  -2.301  1.00 32.74 ? 206 HOH A O     1 
# 
